data_8Y9S
#
_entry.id   8Y9S
#
_cell.length_a   65.260
_cell.length_b   143.900
_cell.length_c   93.670
_cell.angle_alpha   90.00
_cell.angle_beta   100.23
_cell.angle_gamma   90.00
#
_symmetry.space_group_name_H-M   'P 1 21 1'
#
loop_
_entity.id
_entity.type
_entity.pdbx_description
1 polymer Albumin
2 polymer 'nanobody MY6321'
#
loop_
_entity_poly.entity_id
_entity_poly.type
_entity_poly.pdbx_seq_one_letter_code
_entity_poly.pdbx_strand_id
1 'polypeptide(L)'
;RGVFRRDAHKSEVAHRFKDLGEENFKALVLIAFAQYLQQCPFEDHVKLVNEVTEFAKTCVADESAENCDKSLHTLFGDKL
CTVATLRETYGEMADCCAKQEPERNECFLQHKDDNPNLPRLVRPEVDVMCTAFHDNEETFLKKYLYEIARRHPYFYAPEL
LFFAKRYKAAFTECCQAADKAACLLPKLDELRDEGKASSAKQRLKCASLQKFGERAFKAWAVARLSQRFPKAEFAEVSKL
VTDLTKVHTECCHGDLLECADDRADLAKYICENQDSISSKLKECCEKPLLEKSHCIAEVENDEMPADLPSLAADFVESKD
VCKNYAEAKDVFLGMFLYEYARRHPDYSVVLLLRLAKTYETTLEKCCAAADPHECYAKVFDEFKPLVEEPQNLIKQNCEL
FEQLGEYKFQNALLVRYTKKVPQVSTPTLVEVSRNLGKVGSKCCKHPEAKRMPCAEDYLSVVLNQLCVLHEKTPVSDRVT
KCCTESLVNRRPCFSALEVDETYVPKEFNAETFTFHADICTLSEKERQIKKQTALVELVKHKPKATKEQLKAVMDDFAAF
VEKCCKADDKETCFAEEGKKLVAASQAALGL
;
A,C
2 'polypeptide(L)'
;EVQLVESGGGLVQPGGSLRLSCTASGYMSSTYYMAWFRQPPGKGLEGVALISPYGGATNYADSVKGRFTISRDNAKNTLY
LQMNSLKPEDTARYYCAAGSTLTMVVANYRYWGQGTLVTVSS
;
B,D
#
# COMPACT_ATOMS: atom_id res chain seq x y z
N HIS A 9 -47.39 -11.84 -3.74
CA HIS A 9 -46.95 -13.21 -4.12
C HIS A 9 -47.58 -14.23 -3.18
N LYS A 10 -48.52 -15.01 -3.71
CA LYS A 10 -49.10 -16.11 -2.97
C LYS A 10 -48.21 -17.34 -3.13
N SER A 11 -47.88 -17.63 -4.41
CA SER A 11 -47.00 -18.74 -4.75
C SER A 11 -45.54 -18.31 -4.61
N GLU A 12 -44.86 -18.77 -3.56
CA GLU A 12 -43.43 -18.53 -3.39
C GLU A 12 -42.63 -19.14 -4.55
N VAL A 13 -42.85 -20.43 -4.81
CA VAL A 13 -42.16 -21.11 -5.89
C VAL A 13 -42.17 -20.19 -7.12
N ALA A 14 -43.33 -19.61 -7.45
CA ALA A 14 -43.47 -18.85 -8.69
C ALA A 14 -42.79 -17.49 -8.57
N HIS A 15 -42.71 -16.96 -7.34
CA HIS A 15 -41.96 -15.75 -7.06
C HIS A 15 -40.47 -15.99 -7.31
N ARG A 16 -40.01 -17.19 -6.97
CA ARG A 16 -38.62 -17.55 -7.18
C ARG A 16 -38.37 -17.95 -8.63
N PHE A 17 -39.25 -18.80 -9.18
CA PHE A 17 -39.10 -19.31 -10.54
C PHE A 17 -39.00 -18.12 -11.49
N LYS A 18 -39.83 -17.10 -11.25
CA LYS A 18 -39.87 -15.92 -12.09
C LYS A 18 -38.54 -15.15 -11.96
N ASP A 19 -38.16 -14.84 -10.73
CA ASP A 19 -36.96 -14.01 -10.49
C ASP A 19 -35.70 -14.77 -10.90
N LEU A 20 -35.46 -15.91 -10.28
CA LEU A 20 -34.20 -16.67 -10.54
C LEU A 20 -34.09 -17.15 -11.99
N GLY A 21 -35.18 -17.62 -12.59
CA GLY A 21 -35.14 -18.21 -13.94
C GLY A 21 -34.96 -19.70 -13.82
N GLU A 22 -35.31 -20.47 -14.85
CA GLU A 22 -35.27 -21.95 -14.69
C GLU A 22 -33.89 -22.53 -14.43
N GLU A 23 -32.88 -22.05 -15.14
CA GLU A 23 -31.59 -22.74 -14.95
C GLU A 23 -31.09 -22.59 -13.53
N ASN A 24 -31.19 -21.38 -13.01
CA ASN A 24 -30.70 -21.13 -11.64
C ASN A 24 -31.52 -21.94 -10.65
N PHE A 25 -32.83 -21.97 -10.87
CA PHE A 25 -33.65 -22.64 -9.84
C PHE A 25 -33.30 -24.07 -9.77
N LYS A 26 -33.13 -24.69 -10.93
CA LYS A 26 -32.93 -26.15 -10.87
C LYS A 26 -31.62 -26.40 -10.14
N ALA A 27 -30.62 -25.60 -10.47
CA ALA A 27 -29.32 -25.84 -9.85
C ALA A 27 -29.44 -25.63 -8.37
N LEU A 28 -30.15 -24.58 -8.01
CA LEU A 28 -30.25 -24.25 -6.57
C LEU A 28 -30.98 -25.39 -5.87
N VAL A 29 -32.08 -25.84 -6.47
CA VAL A 29 -32.89 -26.92 -5.86
C VAL A 29 -32.01 -28.16 -5.74
N LEU A 30 -31.24 -28.45 -6.77
CA LEU A 30 -30.41 -29.66 -6.75
C LEU A 30 -29.43 -29.51 -5.60
N ILE A 31 -28.89 -28.32 -5.44
CA ILE A 31 -27.86 -28.17 -4.40
C ILE A 31 -28.53 -28.46 -3.07
N ALA A 32 -29.74 -27.94 -2.90
CA ALA A 32 -30.33 -28.12 -1.58
C ALA A 32 -30.55 -29.60 -1.30
N PHE A 33 -31.04 -30.31 -2.30
CA PHE A 33 -31.30 -31.75 -2.12
C PHE A 33 -30.00 -32.46 -1.87
N ALA A 34 -29.00 -32.06 -2.65
CA ALA A 34 -27.69 -32.73 -2.54
C ALA A 34 -27.09 -32.51 -1.16
N GLN A 35 -27.24 -31.29 -0.70
CA GLN A 35 -26.71 -30.92 0.63
C GLN A 35 -27.45 -31.76 1.67
N TYR A 36 -28.76 -31.96 1.54
CA TYR A 36 -29.43 -32.75 2.61
C TYR A 36 -29.14 -34.22 2.41
N LEU A 37 -29.55 -34.79 1.27
CA LEU A 37 -29.33 -36.21 1.01
C LEU A 37 -28.00 -36.44 0.28
N GLN A 38 -26.94 -36.60 1.08
CA GLN A 38 -25.59 -36.63 0.55
C GLN A 38 -25.34 -37.95 -0.16
N GLN A 39 -25.46 -39.06 0.58
CA GLN A 39 -25.30 -40.40 0.04
C GLN A 39 -26.61 -40.75 -0.62
N CYS A 40 -26.71 -40.50 -1.92
CA CYS A 40 -27.98 -40.61 -2.61
C CYS A 40 -27.69 -40.39 -4.09
N PRO A 41 -28.08 -41.32 -4.98
CA PRO A 41 -27.61 -41.34 -6.37
C PRO A 41 -27.98 -40.07 -7.11
N PHE A 42 -27.09 -39.63 -8.00
CA PHE A 42 -27.40 -38.55 -8.93
C PHE A 42 -28.81 -38.72 -9.52
N GLU A 43 -29.15 -39.93 -9.96
CA GLU A 43 -30.40 -40.15 -10.68
C GLU A 43 -31.61 -39.87 -9.80
N ASP A 44 -31.47 -39.99 -8.47
CA ASP A 44 -32.54 -39.62 -7.53
C ASP A 44 -32.77 -38.11 -7.58
N HIS A 45 -31.68 -37.35 -7.39
CA HIS A 45 -31.77 -35.92 -7.21
C HIS A 45 -32.37 -35.33 -8.46
N VAL A 46 -31.89 -35.80 -9.61
CA VAL A 46 -32.37 -35.37 -10.91
C VAL A 46 -33.89 -35.54 -10.97
N LYS A 47 -34.37 -36.72 -10.58
CA LYS A 47 -35.81 -37.01 -10.62
C LYS A 47 -36.60 -36.02 -9.79
N LEU A 48 -36.18 -35.77 -8.54
CA LEU A 48 -36.89 -34.89 -7.62
C LEU A 48 -36.96 -33.47 -8.17
N VAL A 49 -35.84 -33.01 -8.72
CA VAL A 49 -35.74 -31.64 -9.22
C VAL A 49 -36.71 -31.45 -10.39
N ASN A 50 -36.80 -32.47 -11.25
CA ASN A 50 -37.68 -32.42 -12.41
C ASN A 50 -39.15 -32.38 -11.96
N GLU A 51 -39.47 -33.01 -10.83
CA GLU A 51 -40.85 -33.02 -10.35
C GLU A 51 -41.21 -31.67 -9.76
N VAL A 52 -40.25 -31.02 -9.11
CA VAL A 52 -40.44 -29.69 -8.55
C VAL A 52 -40.58 -28.66 -9.67
N THR A 53 -39.56 -28.60 -10.55
CA THR A 53 -39.55 -27.73 -11.71
C THR A 53 -40.90 -27.78 -12.39
N GLU A 54 -41.35 -28.97 -12.81
CA GLU A 54 -42.60 -29.10 -13.54
C GLU A 54 -43.74 -28.50 -12.69
N PHE A 55 -43.67 -28.69 -11.37
CA PHE A 55 -44.71 -28.19 -10.47
C PHE A 55 -44.66 -26.67 -10.33
N ALA A 56 -43.46 -26.09 -10.43
CA ALA A 56 -43.26 -24.66 -10.37
C ALA A 56 -43.89 -23.96 -11.57
N LYS A 57 -43.74 -24.57 -12.75
CA LYS A 57 -44.34 -24.08 -13.97
C LYS A 57 -45.85 -23.96 -13.80
N THR A 58 -46.48 -24.96 -13.15
CA THR A 58 -47.93 -24.99 -13.01
C THR A 58 -48.38 -23.91 -12.02
N CYS A 59 -47.43 -23.32 -11.29
CA CYS A 59 -47.70 -22.24 -10.34
C CYS A 59 -47.39 -20.88 -10.96
N VAL A 60 -46.48 -20.87 -11.95
CA VAL A 60 -46.29 -19.70 -12.80
C VAL A 60 -47.55 -19.49 -13.64
N ALA A 61 -48.15 -20.59 -14.13
CA ALA A 61 -49.33 -20.54 -14.99
C ALA A 61 -50.56 -20.10 -14.20
N ASP A 62 -50.59 -20.58 -12.95
CA ASP A 62 -51.76 -20.34 -12.07
C ASP A 62 -51.33 -20.37 -10.60
N GLU A 63 -51.32 -19.23 -9.93
CA GLU A 63 -51.04 -19.10 -8.48
C GLU A 63 -52.19 -19.84 -7.81
N SER A 64 -53.38 -19.77 -8.40
N SER A 64 -53.39 -19.76 -8.38
CA SER A 64 -54.56 -20.42 -7.78
CA SER A 64 -54.59 -20.41 -7.80
C SER A 64 -54.43 -21.95 -7.73
C SER A 64 -54.39 -21.93 -7.72
N ALA A 65 -53.72 -22.54 -8.69
CA ALA A 65 -53.61 -24.02 -8.72
C ALA A 65 -52.98 -24.55 -7.44
N GLU A 66 -53.49 -25.68 -6.93
CA GLU A 66 -53.20 -26.14 -5.55
C GLU A 66 -51.80 -26.52 -5.11
N ASN A 67 -51.48 -26.12 -3.88
CA ASN A 67 -50.22 -26.46 -3.18
C ASN A 67 -49.18 -25.45 -3.66
N CYS A 68 -49.57 -24.55 -4.54
CA CYS A 68 -48.68 -23.43 -4.95
C CYS A 68 -48.51 -22.61 -3.67
N ASP A 69 -49.57 -22.48 -2.87
CA ASP A 69 -49.61 -21.65 -1.63
C ASP A 69 -48.61 -22.18 -0.63
N LYS A 70 -48.42 -23.49 -0.54
CA LYS A 70 -47.62 -24.08 0.56
C LYS A 70 -46.18 -23.60 0.52
N SER A 71 -45.60 -23.47 1.70
CA SER A 71 -44.22 -22.97 1.88
C SER A 71 -43.20 -23.91 1.27
N LEU A 72 -42.09 -23.37 0.80
CA LEU A 72 -41.06 -24.15 0.08
C LEU A 72 -40.54 -25.22 1.02
N HIS A 73 -40.35 -24.87 2.28
CA HIS A 73 -39.74 -25.85 3.21
C HIS A 73 -40.71 -27.03 3.21
N THR A 74 -42.01 -26.75 3.20
CA THR A 74 -42.98 -27.86 3.07
C THR A 74 -42.81 -28.53 1.73
N LEU A 75 -42.89 -27.79 0.64
CA LEU A 75 -42.85 -28.40 -0.68
C LEU A 75 -41.59 -29.25 -0.89
N PHE A 76 -40.43 -28.71 -0.51
CA PHE A 76 -39.16 -29.40 -0.67
C PHE A 76 -39.09 -30.52 0.37
N GLY A 77 -39.47 -30.17 1.60
CA GLY A 77 -39.60 -31.13 2.67
C GLY A 77 -40.49 -32.31 2.28
N ASP A 78 -41.58 -32.02 1.59
CA ASP A 78 -42.47 -33.09 1.08
C ASP A 78 -41.66 -34.04 0.19
N LYS A 79 -40.96 -33.54 -0.83
CA LYS A 79 -40.29 -34.42 -1.81
C LYS A 79 -39.11 -35.18 -1.20
N LEU A 80 -38.40 -34.60 -0.24
CA LEU A 80 -37.32 -35.39 0.41
C LEU A 80 -37.96 -36.58 1.10
N CYS A 81 -39.14 -36.39 1.68
CA CYS A 81 -39.75 -37.49 2.45
C CYS A 81 -40.24 -38.52 1.44
N THR A 82 -40.60 -38.09 0.24
CA THR A 82 -40.85 -39.10 -0.80
C THR A 82 -39.50 -39.72 -0.94
N VAL A 83 -39.37 -41.04 -1.10
CA VAL A 83 -38.02 -41.69 -1.07
C VAL A 83 -37.69 -41.98 0.40
N THR A 85 -37.73 -43.93 2.38
CA THR A 85 -36.96 -45.12 2.76
C THR A 85 -35.56 -44.71 3.15
N LEU A 86 -35.22 -44.68 4.45
CA LEU A 86 -33.82 -44.30 4.70
C LEU A 86 -33.07 -45.34 5.53
N ARG A 87 -32.77 -46.51 4.98
CA ARG A 87 -31.87 -47.44 5.70
C ARG A 87 -30.52 -46.75 5.81
N GLU A 88 -30.11 -46.08 4.74
CA GLU A 88 -28.77 -45.46 4.66
C GLU A 88 -28.58 -44.35 5.72
N MET A 93 -31.72 -39.83 10.81
CA MET A 93 -32.01 -38.73 9.85
C MET A 93 -33.38 -38.99 9.23
N ALA A 94 -33.80 -40.26 9.20
CA ALA A 94 -35.10 -40.65 8.64
C ALA A 94 -36.22 -40.03 9.44
N ASP A 95 -36.05 -39.96 10.76
CA ASP A 95 -37.18 -39.51 11.59
C ASP A 95 -37.56 -38.09 11.23
N CYS A 96 -36.61 -37.20 11.01
CA CYS A 96 -37.06 -35.86 10.60
C CYS A 96 -38.02 -36.07 9.44
N CYS A 97 -37.62 -36.91 8.50
CA CYS A 97 -38.39 -37.05 7.23
C CYS A 97 -39.85 -37.41 7.40
N ALA A 98 -40.15 -38.06 8.51
CA ALA A 98 -41.57 -38.37 8.70
C ALA A 98 -42.32 -37.13 8.24
N LYS A 99 -41.87 -35.97 8.75
CA LYS A 99 -42.56 -34.70 8.42
C LYS A 99 -41.51 -33.67 8.00
N GLN A 100 -41.78 -32.89 6.96
CA GLN A 100 -40.75 -31.86 6.70
C GLN A 100 -40.82 -31.07 7.99
N GLU A 101 -39.68 -30.68 8.56
CA GLU A 101 -39.88 -30.03 9.89
C GLU A 101 -40.67 -28.73 9.61
N PRO A 102 -41.66 -28.36 10.46
CA PRO A 102 -42.40 -27.13 10.27
C PRO A 102 -42.15 -26.17 11.42
N ASN A 105 -36.24 -28.62 9.88
CA ASN A 105 -34.93 -28.46 9.20
C ASN A 105 -33.82 -28.60 10.24
N GLU A 106 -33.94 -27.93 11.38
CA GLU A 106 -32.93 -27.97 12.42
C GLU A 106 -32.54 -29.41 12.72
N CYS A 107 -33.43 -30.35 12.37
CA CYS A 107 -33.15 -31.78 12.38
C CYS A 107 -32.30 -32.20 11.18
N PHE A 108 -32.61 -31.66 10.00
CA PHE A 108 -31.78 -31.89 8.81
C PHE A 108 -30.38 -31.30 8.98
N LEU A 109 -30.27 -30.11 9.58
CA LEU A 109 -28.98 -29.47 9.81
C LEU A 109 -28.54 -29.79 11.24
N GLN A 110 -27.22 -29.97 11.42
CA GLN A 110 -26.66 -30.61 12.61
C GLN A 110 -26.81 -32.13 12.47
N HIS A 111 -27.58 -32.49 11.43
CA HIS A 111 -27.64 -33.92 11.03
C HIS A 111 -26.87 -33.98 9.71
N LYS A 112 -26.03 -32.98 9.45
CA LYS A 112 -25.16 -33.04 8.27
C LYS A 112 -23.71 -33.06 8.76
N ASP A 113 -22.91 -34.01 8.27
CA ASP A 113 -21.50 -34.15 8.71
C ASP A 113 -20.63 -33.16 7.94
N ASP A 114 -19.62 -32.58 8.60
CA ASP A 114 -18.72 -31.72 7.86
C ASP A 114 -17.71 -32.59 7.12
N ASN A 115 -17.21 -33.62 7.83
CA ASN A 115 -16.34 -34.63 7.26
C ASN A 115 -17.09 -35.41 6.19
N ASN A 117 -17.92 -38.51 3.82
CA ASN A 117 -17.72 -39.95 4.08
C ASN A 117 -17.88 -40.62 2.73
N LEU A 118 -17.32 -40.01 1.69
CA LEU A 118 -17.55 -40.52 0.33
C LEU A 118 -16.20 -40.61 -0.37
N PRO A 119 -16.04 -41.51 -1.35
CA PRO A 119 -14.74 -41.70 -1.96
C PRO A 119 -14.37 -40.42 -2.61
N ARG A 120 -13.11 -40.07 -2.49
CA ARG A 120 -12.70 -38.76 -3.03
C ARG A 120 -12.96 -38.91 -4.52
N LEU A 121 -13.48 -37.86 -5.13
CA LEU A 121 -13.78 -37.93 -6.56
C LEU A 121 -12.49 -38.31 -7.28
N VAL A 122 -12.57 -39.29 -8.17
CA VAL A 122 -11.38 -39.60 -8.99
C VAL A 122 -11.80 -39.12 -10.38
N ARG A 123 -11.00 -38.24 -10.95
CA ARG A 123 -11.38 -37.64 -12.24
C ARG A 123 -11.32 -38.71 -13.32
N PRO A 124 -12.26 -38.71 -14.26
CA PRO A 124 -12.22 -39.57 -15.42
C PRO A 124 -11.12 -38.97 -16.27
N GLU A 125 -10.54 -39.74 -17.18
CA GLU A 125 -9.40 -39.29 -18.01
C GLU A 125 -9.86 -38.14 -18.90
N VAL A 126 -8.97 -37.21 -19.23
CA VAL A 126 -9.37 -35.92 -19.86
C VAL A 126 -10.07 -36.16 -21.20
N ASP A 127 -9.60 -37.09 -21.99
CA ASP A 127 -10.35 -37.24 -23.25
C ASP A 127 -11.78 -37.66 -22.93
N VAL A 128 -11.94 -38.56 -21.96
CA VAL A 128 -13.30 -39.05 -21.59
C VAL A 128 -14.17 -37.92 -21.05
N MET A 129 -13.61 -37.05 -20.21
CA MET A 129 -14.38 -35.92 -19.64
C MET A 129 -14.80 -35.03 -20.78
N CYS A 130 -13.90 -34.81 -21.73
CA CYS A 130 -14.18 -33.89 -22.85
C CYS A 130 -15.28 -34.49 -23.73
N THR A 131 -15.19 -35.78 -24.00
CA THR A 131 -16.18 -36.36 -24.91
C THR A 131 -17.53 -36.15 -24.26
N ALA A 132 -17.64 -36.52 -22.99
CA ALA A 132 -18.95 -36.45 -22.33
C ALA A 132 -19.44 -35.01 -22.28
N PHE A 133 -18.55 -34.08 -21.97
CA PHE A 133 -19.06 -32.70 -21.83
C PHE A 133 -19.60 -32.29 -23.15
N HIS A 134 -18.89 -32.61 -24.23
CA HIS A 134 -19.50 -32.31 -25.54
C HIS A 134 -20.77 -33.12 -25.77
N ASP A 135 -20.74 -34.41 -25.42
CA ASP A 135 -21.92 -35.24 -25.76
C ASP A 135 -23.22 -34.87 -25.02
N ASN A 136 -23.19 -34.61 -23.70
CA ASN A 136 -24.43 -34.14 -23.01
C ASN A 136 -24.34 -32.70 -22.54
N GLU A 137 -23.24 -32.36 -21.87
CA GLU A 137 -22.96 -31.00 -21.37
C GLU A 137 -23.90 -30.72 -20.20
N GLU A 138 -25.21 -30.78 -20.45
CA GLU A 138 -26.12 -30.44 -19.33
C GLU A 138 -25.99 -31.41 -18.17
N THR A 139 -25.93 -32.71 -18.47
CA THR A 139 -25.72 -33.71 -17.40
C THR A 139 -24.37 -33.52 -16.78
N PHE A 140 -23.35 -33.27 -17.60
CA PHE A 140 -21.99 -33.22 -17.02
C PHE A 140 -21.83 -32.09 -16.04
N LEU A 141 -22.36 -30.91 -16.35
CA LEU A 141 -22.37 -29.76 -15.43
C LEU A 141 -23.22 -30.01 -14.18
N LYS A 142 -24.37 -30.66 -14.36
CA LYS A 142 -25.29 -30.97 -13.24
C LYS A 142 -24.58 -31.91 -12.27
N LYS A 143 -23.83 -32.86 -12.80
CA LYS A 143 -23.15 -33.84 -11.94
C LYS A 143 -22.16 -33.08 -11.06
N TYR A 144 -21.49 -32.08 -11.63
CA TYR A 144 -20.56 -31.24 -10.84
C TYR A 144 -21.31 -30.66 -9.66
N LEU A 145 -22.36 -29.88 -9.95
CA LEU A 145 -23.13 -29.31 -8.86
C LEU A 145 -23.41 -30.40 -7.83
N TYR A 146 -23.86 -31.57 -8.33
CA TYR A 146 -24.21 -32.70 -7.49
C TYR A 146 -22.99 -33.09 -6.64
N GLU A 147 -21.85 -33.36 -7.25
CA GLU A 147 -20.76 -33.92 -6.43
C GLU A 147 -20.19 -32.91 -5.43
N ILE A 148 -19.93 -31.68 -5.83
CA ILE A 148 -19.31 -30.77 -4.84
C ILE A 148 -20.29 -30.59 -3.67
N ALA A 149 -21.56 -30.43 -3.97
CA ALA A 149 -22.51 -30.17 -2.87
C ALA A 149 -22.62 -31.33 -1.89
N ARG A 150 -22.68 -32.57 -2.37
CA ARG A 150 -22.79 -33.63 -1.34
C ARG A 150 -21.53 -33.65 -0.49
N ARG A 151 -20.38 -33.52 -1.13
CA ARG A 151 -19.09 -33.48 -0.40
C ARG A 151 -19.03 -32.22 0.48
N HIS A 152 -19.56 -31.10 0.01
CA HIS A 152 -19.47 -29.83 0.77
C HIS A 152 -20.87 -29.28 1.02
N PRO A 153 -21.47 -29.54 2.21
CA PRO A 153 -22.84 -29.15 2.46
C PRO A 153 -23.15 -27.78 3.06
N TYR A 154 -22.16 -26.89 3.10
CA TYR A 154 -22.35 -25.55 3.70
C TYR A 154 -21.86 -24.49 2.71
N PHE A 155 -21.62 -24.87 1.46
CA PHE A 155 -21.17 -23.94 0.41
C PHE A 155 -22.25 -22.94 0.08
N TYR A 156 -21.86 -21.68 -0.15
CA TYR A 156 -22.88 -20.71 -0.58
C TYR A 156 -23.36 -21.15 -1.91
N ALA A 157 -24.66 -21.14 -2.09
CA ALA A 157 -25.23 -21.51 -3.39
C ALA A 157 -24.85 -20.57 -4.52
N PRO A 158 -24.84 -19.24 -4.30
CA PRO A 158 -24.56 -18.34 -5.39
C PRO A 158 -23.18 -18.48 -5.98
N GLU A 159 -22.16 -18.65 -5.15
CA GLU A 159 -20.78 -18.85 -5.62
C GLU A 159 -20.71 -20.16 -6.40
N LEU A 160 -21.40 -21.16 -5.89
CA LEU A 160 -21.38 -22.49 -6.54
C LEU A 160 -21.92 -22.28 -7.94
N LEU A 161 -23.08 -21.67 -8.05
CA LEU A 161 -23.59 -21.54 -9.40
C LEU A 161 -22.52 -20.99 -10.32
N PHE A 162 -21.54 -20.27 -9.76
CA PHE A 162 -20.51 -19.61 -10.61
C PHE A 162 -19.32 -20.52 -10.83
N PHE A 163 -19.00 -21.33 -9.85
CA PHE A 163 -17.82 -22.22 -9.95
C PHE A 163 -18.13 -23.10 -11.11
N ALA A 164 -19.38 -23.51 -11.22
CA ALA A 164 -19.82 -24.38 -12.32
C ALA A 164 -19.65 -23.66 -13.65
N LYS A 165 -19.96 -22.38 -13.70
CA LYS A 165 -19.72 -21.61 -14.94
C LYS A 165 -18.22 -21.64 -15.25
N ARG A 166 -17.38 -21.59 -14.23
CA ARG A 166 -15.94 -21.59 -14.40
C ARG A 166 -15.39 -23.00 -14.65
N TYR A 167 -16.24 -24.02 -14.48
CA TYR A 167 -15.99 -25.38 -14.96
C TYR A 167 -16.29 -25.41 -16.46
N LYS A 168 -17.54 -25.10 -16.82
CA LYS A 168 -18.02 -25.17 -18.19
C LYS A 168 -17.10 -24.37 -19.10
N ALA A 169 -16.49 -23.33 -18.53
CA ALA A 169 -15.55 -22.48 -19.22
C ALA A 169 -14.22 -23.21 -19.48
N ALA A 170 -13.76 -23.91 -18.45
CA ALA A 170 -12.46 -24.58 -18.59
C ALA A 170 -12.59 -25.61 -19.69
N PHE A 171 -13.64 -26.40 -19.58
CA PHE A 171 -13.79 -27.48 -20.57
C PHE A 171 -13.97 -26.88 -21.93
N THR A 172 -14.76 -25.82 -22.07
CA THR A 172 -14.87 -25.35 -23.45
C THR A 172 -13.55 -24.88 -24.00
N GLU A 173 -12.78 -24.08 -23.25
CA GLU A 173 -11.44 -23.72 -23.81
C GLU A 173 -10.43 -24.87 -23.94
N CYS A 174 -10.32 -25.69 -22.90
CA CYS A 174 -9.28 -26.75 -22.93
C CYS A 174 -9.59 -27.78 -24.03
N CYS A 175 -10.86 -28.14 -24.17
CA CYS A 175 -11.21 -29.22 -25.13
C CYS A 175 -11.21 -28.62 -26.54
N ALA A 182 -2.18 -30.20 -25.08
CA ALA A 182 -1.62 -29.36 -23.99
C ALA A 182 -2.69 -29.17 -22.91
N CYS A 183 -2.57 -28.12 -22.07
CA CYS A 183 -3.57 -28.05 -20.97
C CYS A 183 -3.36 -29.30 -20.13
N LEU A 185 -5.76 -29.40 -17.87
CA LEU A 185 -6.71 -28.89 -16.85
C LEU A 185 -6.16 -28.75 -15.42
N PRO A 186 -4.98 -28.12 -15.24
CA PRO A 186 -4.38 -27.85 -13.95
C PRO A 186 -5.48 -26.98 -13.36
N LYS A 187 -6.16 -26.17 -14.16
CA LYS A 187 -7.17 -25.19 -13.71
C LYS A 187 -8.31 -25.94 -13.01
N LEU A 188 -8.70 -27.12 -13.46
CA LEU A 188 -9.75 -27.83 -12.72
C LEU A 188 -9.23 -28.09 -11.30
N ASP A 189 -7.97 -28.44 -11.14
CA ASP A 189 -7.39 -28.68 -9.78
C ASP A 189 -7.44 -27.40 -8.95
N GLU A 190 -7.15 -26.26 -9.54
CA GLU A 190 -7.25 -24.97 -8.83
C GLU A 190 -8.70 -24.71 -8.40
N LEU A 191 -9.65 -25.04 -9.26
CA LEU A 191 -11.07 -24.73 -8.95
C LEU A 191 -11.40 -25.53 -7.71
N ARG A 192 -10.90 -26.76 -7.64
CA ARG A 192 -11.16 -27.60 -6.47
C ARG A 192 -10.58 -26.95 -5.22
N ASP A 193 -9.36 -26.41 -5.32
CA ASP A 193 -8.72 -25.78 -4.16
C ASP A 193 -9.51 -24.56 -3.67
N GLU A 194 -10.00 -23.74 -4.59
CA GLU A 194 -10.84 -22.56 -4.21
C GLU A 194 -12.14 -23.03 -3.56
N GLY A 195 -12.74 -24.09 -4.07
CA GLY A 195 -14.00 -24.60 -3.54
C GLY A 195 -13.82 -25.07 -2.13
N LYS A 196 -12.70 -25.71 -1.85
CA LYS A 196 -12.48 -26.26 -0.51
C LYS A 196 -12.47 -25.07 0.43
N ALA A 197 -11.85 -23.99 -0.01
CA ALA A 197 -11.77 -22.77 0.83
C ALA A 197 -13.14 -22.10 0.95
N SER A 198 -13.76 -21.75 -0.17
CA SER A 198 -15.03 -21.06 -0.09
C SER A 198 -16.12 -21.94 0.53
N SER A 199 -15.80 -23.24 0.67
CA SER A 199 -16.59 -24.11 1.51
C SER A 199 -16.29 -23.82 2.99
N ALA A 200 -15.06 -24.03 3.39
CA ALA A 200 -14.76 -23.90 4.83
C ALA A 200 -15.27 -22.58 5.37
N LYS A 201 -15.07 -21.50 4.63
CA LYS A 201 -15.44 -20.16 5.14
C LYS A 201 -16.96 -20.08 5.37
N GLN A 202 -17.76 -20.61 4.46
CA GLN A 202 -19.23 -20.46 4.62
C GLN A 202 -19.65 -21.19 5.89
N ARG A 203 -19.08 -22.36 6.14
CA ARG A 203 -19.41 -23.11 7.37
C ARG A 203 -18.98 -22.32 8.61
N LEU A 204 -17.82 -21.70 8.56
CA LEU A 204 -17.48 -20.88 9.73
C LEU A 204 -18.50 -19.76 9.83
N LYS A 205 -18.86 -19.16 8.70
CA LYS A 205 -19.77 -18.02 8.84
C LYS A 205 -21.12 -18.46 9.41
N CYS A 206 -21.64 -19.57 8.90
CA CYS A 206 -22.96 -20.03 9.37
C CYS A 206 -22.90 -20.41 10.84
N ALA A 207 -21.84 -21.10 11.22
CA ALA A 207 -21.70 -21.49 12.63
C ALA A 207 -21.57 -20.24 13.47
N SER A 208 -20.79 -19.31 12.96
CA SER A 208 -20.52 -18.13 13.79
C SER A 208 -21.82 -17.39 14.03
N LEU A 209 -22.64 -17.26 13.01
CA LEU A 209 -23.91 -16.59 13.30
C LEU A 209 -24.71 -17.42 14.28
N GLN A 210 -24.75 -18.73 14.08
CA GLN A 210 -25.63 -19.46 15.01
C GLN A 210 -25.17 -19.42 16.47
N LYS A 211 -23.88 -19.63 16.75
CA LYS A 211 -23.37 -19.48 18.14
C LYS A 211 -23.40 -18.07 18.70
N PHE A 212 -22.99 -17.09 17.91
CA PHE A 212 -22.83 -15.71 18.46
C PHE A 212 -23.96 -14.78 18.15
N GLY A 213 -24.93 -15.25 17.40
CA GLY A 213 -26.04 -14.38 17.02
C GLY A 213 -25.86 -13.56 15.78
N GLU A 214 -26.87 -12.79 15.42
CA GLU A 214 -26.91 -11.92 14.26
C GLU A 214 -26.17 -10.61 14.55
N ARG A 215 -26.01 -10.29 15.84
CA ARG A 215 -25.36 -9.07 16.23
C ARG A 215 -23.89 -9.16 15.89
N ALA A 216 -23.21 -10.17 16.45
CA ALA A 216 -21.79 -10.33 16.20
C ALA A 216 -21.49 -10.33 14.70
N PHE A 217 -22.37 -10.92 13.87
CA PHE A 217 -22.17 -11.01 12.43
C PHE A 217 -22.31 -9.64 11.79
N LYS A 218 -23.37 -8.90 12.14
CA LYS A 218 -23.54 -7.53 11.70
C LYS A 218 -22.27 -6.72 11.98
N ALA A 219 -21.67 -6.90 13.17
CA ALA A 219 -20.44 -6.18 13.52
C ALA A 219 -19.32 -6.63 12.59
N TRP A 220 -19.14 -7.94 12.44
CA TRP A 220 -18.12 -8.44 11.54
C TRP A 220 -18.23 -7.73 10.19
N ALA A 221 -19.45 -7.77 9.60
CA ALA A 221 -19.73 -7.23 8.28
C ALA A 221 -19.42 -5.74 8.17
N VAL A 222 -19.72 -4.97 9.22
CA VAL A 222 -19.37 -3.55 9.26
C VAL A 222 -17.88 -3.43 8.98
N ALA A 223 -17.08 -4.05 9.85
CA ALA A 223 -15.64 -3.96 9.77
C ALA A 223 -15.20 -4.26 8.35
N ARG A 224 -15.69 -5.38 7.78
CA ARG A 224 -15.33 -5.87 6.47
C ARG A 224 -15.59 -4.83 5.37
N LEU A 225 -16.79 -4.24 5.36
CA LEU A 225 -17.24 -3.44 4.23
C LEU A 225 -16.69 -2.01 4.33
N SER A 226 -16.36 -1.56 5.54
CA SER A 226 -15.90 -0.19 5.76
C SER A 226 -14.41 -0.07 5.43
N GLN A 227 -13.73 -1.23 5.51
CA GLN A 227 -12.38 -1.39 4.98
C GLN A 227 -12.43 -1.38 3.46
N ARG A 228 -13.37 -2.13 2.89
CA ARG A 228 -13.52 -2.23 1.44
C ARG A 228 -13.99 -0.90 0.86
N PHE A 229 -14.77 -0.12 1.62
CA PHE A 229 -15.39 1.07 1.08
C PHE A 229 -15.30 2.22 2.07
N PRO A 230 -14.09 2.76 2.36
CA PRO A 230 -13.96 3.85 3.33
C PRO A 230 -14.62 5.17 2.92
N LYS A 231 -14.94 5.30 1.63
CA LYS A 231 -15.52 6.51 1.09
C LYS A 231 -17.00 6.60 1.45
N ALA A 232 -17.73 5.48 1.26
CA ALA A 232 -19.16 5.39 1.52
C ALA A 232 -19.51 5.88 2.93
N GLU A 233 -20.74 6.37 3.05
CA GLU A 233 -21.27 6.92 4.29
C GLU A 233 -21.64 5.77 5.24
N PHE A 234 -21.63 6.04 6.56
CA PHE A 234 -21.95 5.01 7.52
C PHE A 234 -23.39 4.52 7.33
N ALA A 235 -24.25 5.35 6.74
CA ALA A 235 -25.62 4.96 6.45
C ALA A 235 -25.72 4.04 5.24
N GLU A 236 -24.80 4.18 4.29
CA GLU A 236 -24.79 3.31 3.13
C GLU A 236 -24.24 1.94 3.50
N VAL A 237 -23.16 1.90 4.29
CA VAL A 237 -22.63 0.64 4.81
C VAL A 237 -23.72 -0.11 5.56
N SER A 238 -24.25 0.53 6.60
CA SER A 238 -25.26 -0.04 7.49
C SER A 238 -26.39 -0.74 6.75
N LYS A 239 -26.91 -0.08 5.68
CA LYS A 239 -27.94 -0.61 4.81
C LYS A 239 -27.51 -1.94 4.18
N LEU A 240 -26.26 -1.95 3.67
CA LEU A 240 -25.65 -3.10 3.03
C LEU A 240 -25.52 -4.24 4.05
N VAL A 241 -25.03 -3.91 5.25
CA VAL A 241 -24.79 -4.91 6.27
C VAL A 241 -26.11 -5.64 6.60
N THR A 242 -27.24 -4.92 6.53
CA THR A 242 -28.52 -5.51 6.87
C THR A 242 -28.91 -6.53 5.78
N ASP A 243 -28.66 -6.15 4.52
CA ASP A 243 -28.95 -6.99 3.37
C ASP A 243 -27.98 -8.18 3.30
N LEU A 244 -26.70 -7.92 3.58
CA LEU A 244 -25.71 -8.98 3.55
C LEU A 244 -25.98 -9.99 4.65
N THR A 245 -26.49 -9.52 5.79
CA THR A 245 -26.72 -10.40 6.92
C THR A 245 -27.98 -11.22 6.62
N LYS A 246 -28.92 -10.65 5.85
CA LYS A 246 -30.15 -11.35 5.53
C LYS A 246 -29.80 -12.58 4.69
N VAL A 247 -29.06 -12.33 3.59
CA VAL A 247 -28.64 -13.34 2.62
C VAL A 247 -27.98 -14.53 3.33
N HIS A 248 -26.98 -14.22 4.17
CA HIS A 248 -26.20 -15.26 4.84
C HIS A 248 -27.06 -15.96 5.90
N THR A 249 -28.03 -15.24 6.49
CA THR A 249 -28.90 -15.88 7.46
C THR A 249 -29.82 -16.87 6.75
N GLU A 250 -30.16 -16.61 5.50
CA GLU A 250 -30.99 -17.52 4.74
C GLU A 250 -30.18 -18.73 4.25
N CYS A 251 -29.01 -18.45 3.65
CA CYS A 251 -28.15 -19.50 3.10
C CYS A 251 -27.73 -20.44 4.23
N CYS A 252 -27.68 -19.96 5.47
CA CYS A 252 -27.38 -20.86 6.61
C CYS A 252 -28.64 -21.63 7.01
N HIS A 253 -29.81 -20.98 6.98
CA HIS A 253 -31.15 -21.60 7.22
C HIS A 253 -31.33 -22.60 6.09
N GLY A 254 -30.82 -22.22 4.94
CA GLY A 254 -30.86 -23.17 3.83
C GLY A 254 -32.08 -23.15 2.96
N ASP A 255 -32.95 -22.17 3.15
CA ASP A 255 -34.04 -22.27 2.16
C ASP A 255 -33.33 -22.09 0.82
N LEU A 256 -32.42 -21.15 0.64
CA LEU A 256 -31.39 -21.10 -0.43
C LEU A 256 -31.81 -20.61 -1.83
N LEU A 257 -33.07 -20.29 -2.08
CA LEU A 257 -33.40 -19.68 -3.39
C LEU A 257 -33.48 -18.18 -3.15
N GLU A 258 -33.86 -17.84 -1.93
CA GLU A 258 -33.97 -16.44 -1.53
C GLU A 258 -32.61 -15.79 -1.58
N CYS A 259 -31.61 -16.51 -1.11
CA CYS A 259 -30.28 -15.88 -1.02
C CYS A 259 -29.84 -15.51 -2.41
N ALA A 260 -30.09 -16.41 -3.34
CA ALA A 260 -29.59 -16.15 -4.70
C ALA A 260 -30.39 -14.96 -5.17
N ASP A 261 -31.66 -14.97 -4.82
CA ASP A 261 -32.52 -13.87 -5.24
C ASP A 261 -32.05 -12.57 -4.60
N ASP A 262 -31.83 -12.60 -3.28
CA ASP A 262 -31.50 -11.44 -2.48
C ASP A 262 -30.07 -10.96 -2.67
N ARG A 263 -29.12 -11.89 -2.82
CA ARG A 263 -27.77 -11.52 -3.22
C ARG A 263 -27.81 -10.88 -4.60
N ALA A 264 -28.63 -11.40 -5.52
CA ALA A 264 -28.73 -10.84 -6.86
C ALA A 264 -29.27 -9.41 -6.80
N ASP A 265 -30.02 -9.09 -5.74
CA ASP A 265 -30.57 -7.77 -5.52
C ASP A 265 -29.56 -6.84 -4.84
N LEU A 266 -28.53 -7.41 -4.18
CA LEU A 266 -27.45 -6.62 -3.62
C LEU A 266 -26.55 -6.13 -4.74
N ALA A 267 -25.96 -7.07 -5.49
CA ALA A 267 -25.19 -6.74 -6.67
C ALA A 267 -25.95 -5.71 -7.52
N LYS A 268 -27.23 -5.98 -7.86
CA LYS A 268 -28.09 -5.07 -8.62
C LYS A 268 -28.00 -3.67 -8.02
N TYR A 269 -28.19 -3.59 -6.70
CA TYR A 269 -28.22 -2.34 -5.95
C TYR A 269 -26.88 -1.61 -5.97
N ILE A 270 -25.82 -2.35 -5.63
CA ILE A 270 -24.45 -1.83 -5.55
C ILE A 270 -23.99 -1.30 -6.90
N CYS A 271 -24.30 -2.04 -7.97
CA CYS A 271 -24.01 -1.62 -9.34
C CYS A 271 -24.60 -0.25 -9.60
N GLU A 272 -25.85 -0.04 -9.16
CA GLU A 272 -26.57 1.18 -9.45
C GLU A 272 -26.07 2.32 -8.57
N ASN A 273 -25.45 2.01 -7.42
CA ASN A 273 -24.97 3.02 -6.48
C ASN A 273 -23.44 2.96 -6.30
N GLN A 274 -22.71 2.62 -7.36
CA GLN A 274 -21.25 2.58 -7.27
C GLN A 274 -20.70 3.89 -6.72
N ASP A 275 -21.24 5.00 -7.25
CA ASP A 275 -20.59 6.29 -7.11
C ASP A 275 -20.57 6.67 -5.63
N SER A 276 -21.54 6.18 -4.86
CA SER A 276 -21.56 6.47 -3.43
C SER A 276 -21.02 5.30 -2.63
N ILE A 277 -20.18 4.44 -3.25
CA ILE A 277 -19.71 3.22 -2.60
C ILE A 277 -18.21 3.02 -2.86
N SER A 278 -17.87 2.75 -4.13
CA SER A 278 -16.47 2.55 -4.51
C SER A 278 -16.27 2.92 -5.98
N SER A 279 -15.07 3.46 -6.26
CA SER A 279 -14.60 3.70 -7.61
C SER A 279 -14.00 2.42 -8.21
N LYS A 280 -14.10 1.29 -7.52
CA LYS A 280 -13.49 0.06 -7.96
C LYS A 280 -14.51 -0.84 -8.66
N LEU A 281 -15.77 -0.45 -8.67
CA LEU A 281 -16.81 -1.41 -9.02
C LEU A 281 -17.15 -1.34 -10.51
N LYS A 282 -16.46 -0.47 -11.25
CA LYS A 282 -16.83 -0.24 -12.64
C LYS A 282 -16.68 -1.55 -13.40
N GLU A 283 -15.47 -2.11 -13.37
CA GLU A 283 -15.15 -3.25 -14.22
C GLU A 283 -16.04 -4.43 -13.83
N CYS A 284 -16.38 -4.52 -12.55
CA CYS A 284 -17.14 -5.65 -12.02
C CYS A 284 -18.61 -5.55 -12.43
N CYS A 285 -19.15 -4.34 -12.48
CA CYS A 285 -20.58 -4.16 -12.63
C CYS A 285 -20.99 -4.15 -14.10
N GLU A 286 -20.04 -4.44 -15.01
CA GLU A 286 -20.35 -4.65 -16.42
C GLU A 286 -20.50 -6.14 -16.72
N LYS A 287 -19.91 -6.98 -15.86
CA LYS A 287 -19.86 -8.43 -16.07
C LYS A 287 -21.24 -9.05 -15.87
N PRO A 288 -21.53 -10.22 -16.48
CA PRO A 288 -22.87 -10.83 -16.44
C PRO A 288 -23.31 -11.09 -15.01
N LEU A 289 -24.57 -11.47 -14.82
CA LEU A 289 -25.18 -11.47 -13.49
C LEU A 289 -24.41 -12.38 -12.53
N LEU A 290 -23.96 -13.54 -13.01
CA LEU A 290 -23.36 -14.50 -12.09
C LEU A 290 -21.97 -14.01 -11.68
N GLU A 291 -21.20 -13.55 -12.67
CA GLU A 291 -19.81 -13.12 -12.44
C GLU A 291 -19.74 -11.84 -11.62
N LYS A 292 -20.69 -10.93 -11.80
CA LYS A 292 -20.58 -9.62 -11.14
C LYS A 292 -20.58 -9.80 -9.63
N SER A 293 -21.44 -10.68 -9.15
CA SER A 293 -21.55 -10.84 -7.68
C SER A 293 -20.23 -11.35 -7.10
N HIS A 294 -19.59 -12.29 -7.77
CA HIS A 294 -18.29 -12.79 -7.28
C HIS A 294 -17.25 -11.68 -7.29
N CYS A 295 -17.24 -10.86 -8.34
CA CYS A 295 -16.21 -9.80 -8.47
C CYS A 295 -16.34 -8.78 -7.34
N ILE A 296 -17.55 -8.41 -6.99
CA ILE A 296 -17.76 -7.33 -6.00
C ILE A 296 -17.15 -7.81 -4.68
N ALA A 297 -17.31 -9.08 -4.36
CA ALA A 297 -16.82 -9.60 -3.07
C ALA A 297 -15.29 -9.70 -3.06
N GLU A 298 -14.67 -9.83 -4.24
CA GLU A 298 -13.19 -9.91 -4.30
C GLU A 298 -12.62 -8.54 -4.63
N VAL A 299 -13.47 -7.55 -4.85
CA VAL A 299 -13.03 -6.23 -5.37
C VAL A 299 -12.10 -5.53 -4.37
N GLU A 300 -11.12 -4.83 -4.91
CA GLU A 300 -10.08 -4.15 -4.11
C GLU A 300 -10.62 -2.99 -3.29
N ASN A 301 -9.99 -2.76 -2.15
CA ASN A 301 -10.38 -1.67 -1.23
C ASN A 301 -10.13 -0.35 -1.94
N ASP A 302 -11.01 0.63 -1.71
CA ASP A 302 -10.86 1.96 -2.35
C ASP A 302 -9.82 2.80 -1.62
N GLU A 303 -9.43 3.91 -2.25
CA GLU A 303 -8.44 4.82 -1.68
C GLU A 303 -9.11 5.51 -0.50
N MET A 304 -8.50 5.43 0.68
CA MET A 304 -9.18 5.91 1.87
C MET A 304 -9.22 7.43 1.80
N PRO A 305 -10.30 8.07 2.27
CA PRO A 305 -10.49 9.51 2.07
C PRO A 305 -9.58 10.44 2.88
N ALA A 306 -9.48 11.67 2.35
CA ALA A 306 -8.76 12.75 2.98
C ALA A 306 -9.73 13.63 3.76
N ASP A 307 -9.19 14.29 4.78
CA ASP A 307 -9.94 15.16 5.69
C ASP A 307 -10.93 14.30 6.48
N LEU A 308 -10.35 13.35 7.24
CA LEU A 308 -10.99 12.68 8.34
C LEU A 308 -10.39 13.25 9.63
N PRO A 309 -11.24 13.46 10.66
CA PRO A 309 -10.73 13.88 11.94
C PRO A 309 -10.07 12.70 12.59
N SER A 310 -9.45 12.93 13.73
CA SER A 310 -8.84 11.84 14.51
C SER A 310 -9.95 10.96 15.10
N LEU A 311 -9.66 9.69 15.31
CA LEU A 311 -10.64 8.72 15.83
C LEU A 311 -11.05 9.21 17.21
N ALA A 312 -10.12 9.75 17.96
CA ALA A 312 -10.34 10.15 19.36
C ALA A 312 -11.41 11.21 19.49
N ALA A 313 -11.48 12.16 18.57
CA ALA A 313 -12.33 13.34 18.80
C ALA A 313 -13.82 13.04 18.97
N ASP A 314 -14.38 12.12 18.21
CA ASP A 314 -15.78 11.77 18.53
C ASP A 314 -15.72 10.78 19.70
N PHE A 315 -15.18 9.58 19.48
CA PHE A 315 -15.13 8.53 20.53
C PHE A 315 -14.28 8.75 21.83
N VAL A 316 -13.06 9.30 21.84
CA VAL A 316 -12.34 9.46 23.16
C VAL A 316 -12.35 10.88 23.75
N GLU A 317 -12.05 11.89 22.95
CA GLU A 317 -11.98 13.31 23.40
C GLU A 317 -13.32 13.91 23.87
N SER A 318 -14.42 13.62 23.19
CA SER A 318 -15.72 14.29 23.48
C SER A 318 -16.13 14.15 24.94
N LYS A 319 -16.82 15.16 25.46
CA LYS A 319 -17.35 15.00 26.81
C LYS A 319 -18.81 14.56 26.71
N ASP A 320 -19.16 13.95 25.57
CA ASP A 320 -20.53 13.59 25.23
C ASP A 320 -20.64 12.10 24.93
N VAL A 321 -19.56 11.34 25.14
CA VAL A 321 -19.55 9.94 24.75
C VAL A 321 -20.74 9.25 25.43
N CYS A 322 -20.70 9.26 26.75
CA CYS A 322 -21.71 8.50 27.50
C CYS A 322 -23.07 8.91 26.96
N LYS A 323 -23.34 10.20 26.86
CA LYS A 323 -24.69 10.58 26.40
C LYS A 323 -24.92 10.08 24.98
N ASN A 324 -23.91 10.23 24.12
CA ASN A 324 -24.03 9.76 22.72
C ASN A 324 -24.19 8.23 22.67
N TYR A 325 -23.43 7.51 23.49
CA TYR A 325 -23.49 6.02 23.53
C TYR A 325 -24.84 5.61 23.97
N ALA A 326 -25.34 6.32 24.96
CA ALA A 326 -26.67 6.01 25.52
C ALA A 326 -27.80 6.17 24.50
N GLU A 327 -27.77 7.20 23.66
CA GLU A 327 -29.00 7.34 22.84
C GLU A 327 -29.17 6.12 21.95
N ALA A 328 -28.13 5.61 21.29
CA ALA A 328 -28.20 4.26 20.72
C ALA A 328 -26.90 3.59 21.10
N LYS A 329 -26.89 2.54 21.90
CA LYS A 329 -25.55 1.95 22.10
C LYS A 329 -25.00 1.33 20.81
N ASP A 330 -25.85 0.62 20.09
CA ASP A 330 -25.39 -0.14 18.88
C ASP A 330 -24.89 0.69 17.71
N VAL A 331 -25.58 1.77 17.37
CA VAL A 331 -25.10 2.65 16.27
C VAL A 331 -23.77 3.26 16.71
N PHE A 332 -23.66 3.66 17.98
CA PHE A 332 -22.40 4.32 18.33
C PHE A 332 -21.25 3.39 18.17
N LEU A 333 -21.45 2.16 18.63
CA LEU A 333 -20.38 1.16 18.50
C LEU A 333 -20.13 0.89 17.03
N GLY A 334 -21.20 0.81 16.25
CA GLY A 334 -21.08 0.53 14.81
C GLY A 334 -20.32 1.62 14.12
N MET A 335 -20.61 2.86 14.48
CA MET A 335 -19.84 3.99 13.92
C MET A 335 -18.36 3.91 14.34
N PHE A 336 -18.08 3.56 15.59
CA PHE A 336 -16.68 3.54 16.04
C PHE A 336 -15.94 2.50 15.25
N LEU A 337 -16.58 1.35 15.05
CA LEU A 337 -15.95 0.30 14.22
C LEU A 337 -15.79 0.78 12.78
N TYR A 338 -16.79 1.45 12.23
CA TYR A 338 -16.67 1.82 10.81
C TYR A 338 -15.52 2.74 10.63
N GLU A 339 -15.42 3.70 11.55
CA GLU A 339 -14.33 4.69 11.44
C GLU A 339 -12.96 4.01 11.56
N TYR A 340 -12.84 3.08 12.49
CA TYR A 340 -11.52 2.45 12.66
C TYR A 340 -11.20 1.71 11.39
N ALA A 341 -12.21 1.03 10.86
CA ALA A 341 -11.97 0.18 9.69
C ALA A 341 -11.53 0.97 8.46
N ARG A 342 -12.15 2.10 8.20
CA ARG A 342 -11.79 2.88 6.99
C ARG A 342 -10.35 3.31 7.17
N ARG A 343 -10.02 3.72 8.37
CA ARG A 343 -8.67 4.15 8.76
C ARG A 343 -7.67 3.02 8.63
N HIS A 344 -8.07 1.80 9.00
CA HIS A 344 -7.08 0.71 9.09
C HIS A 344 -7.49 -0.53 8.30
N PRO A 345 -7.31 -0.50 6.97
CA PRO A 345 -7.54 -1.64 6.11
C PRO A 345 -6.57 -2.71 6.53
N ASP A 346 -5.35 -2.34 6.92
CA ASP A 346 -4.27 -3.29 7.26
C ASP A 346 -4.68 -4.16 8.44
N TYR A 347 -5.38 -3.60 9.41
CA TYR A 347 -5.80 -4.38 10.58
C TYR A 347 -6.77 -5.49 10.19
N SER A 348 -6.66 -6.65 10.84
CA SER A 348 -7.56 -7.81 10.64
C SER A 348 -8.96 -7.50 11.16
N VAL A 349 -9.98 -8.09 10.56
CA VAL A 349 -11.39 -7.81 10.95
C VAL A 349 -11.53 -8.25 12.40
N VAL A 350 -10.91 -9.37 12.77
CA VAL A 350 -10.93 -9.84 14.19
C VAL A 350 -10.25 -8.86 15.15
N LEU A 351 -9.13 -8.23 14.79
CA LEU A 351 -8.51 -7.24 15.68
C LEU A 351 -9.47 -6.08 15.89
N LEU A 352 -10.13 -5.66 14.82
CA LEU A 352 -11.00 -4.49 14.94
C LEU A 352 -12.13 -4.80 15.92
N LEU A 353 -12.68 -6.00 15.79
CA LEU A 353 -13.77 -6.44 16.67
C LEU A 353 -13.30 -6.50 18.13
N ARG A 354 -12.11 -6.99 18.36
CA ARG A 354 -11.61 -7.02 19.74
C ARG A 354 -11.48 -5.61 20.28
N LEU A 355 -11.00 -4.70 19.45
CA LEU A 355 -10.82 -3.31 19.89
C LEU A 355 -12.19 -2.71 20.22
N ALA A 356 -13.19 -3.00 19.39
CA ALA A 356 -14.55 -2.49 19.64
C ALA A 356 -15.07 -3.05 20.95
N LYS A 357 -14.79 -4.32 21.19
CA LYS A 357 -15.30 -4.96 22.42
C LYS A 357 -14.66 -4.24 23.59
N THR A 358 -13.39 -3.92 23.45
CA THR A 358 -12.67 -3.25 24.55
C THR A 358 -13.32 -1.90 24.78
N TYR A 359 -13.67 -1.20 23.71
CA TYR A 359 -14.28 0.13 23.86
C TYR A 359 -15.59 0.04 24.56
N GLU A 360 -16.39 -0.95 24.19
CA GLU A 360 -17.69 -1.12 24.84
C GLU A 360 -17.44 -1.42 26.31
N THR A 361 -16.45 -2.26 26.57
CA THR A 361 -16.26 -2.61 27.96
C THR A 361 -15.89 -1.36 28.71
N THR A 362 -15.02 -0.55 28.11
CA THR A 362 -14.56 0.68 28.79
C THR A 362 -15.71 1.60 29.02
N LEU A 363 -16.56 1.73 28.02
CA LEU A 363 -17.61 2.74 28.19
C LEU A 363 -18.48 2.28 29.36
N GLU A 364 -18.69 0.99 29.49
CA GLU A 364 -19.64 0.56 30.55
C GLU A 364 -19.00 0.83 31.91
N LYS A 365 -17.76 0.42 32.13
CA LYS A 365 -17.19 0.77 33.44
C LYS A 365 -17.08 2.28 33.63
N CYS A 366 -16.61 2.97 32.60
CA CYS A 366 -16.45 4.44 32.68
C CYS A 366 -17.75 5.22 32.87
N CYS A 367 -18.81 4.84 32.17
CA CYS A 367 -20.02 5.70 32.21
C CYS A 367 -20.63 5.79 33.62
N ALA A 368 -20.72 4.69 34.36
CA ALA A 368 -21.16 4.86 35.77
C ALA A 368 -19.92 5.15 36.60
N ALA A 369 -19.31 6.29 36.38
CA ALA A 369 -18.12 6.65 37.17
C ALA A 369 -18.06 8.15 37.41
N ALA A 370 -17.41 8.57 38.48
CA ALA A 370 -17.13 10.00 38.64
C ALA A 370 -16.11 10.33 37.57
N ASP A 371 -16.10 11.52 37.01
CA ASP A 371 -14.97 11.80 36.08
C ASP A 371 -14.87 10.73 34.97
N PRO A 372 -15.97 10.39 34.27
CA PRO A 372 -15.96 9.31 33.29
C PRO A 372 -14.98 9.64 32.18
N HIS A 373 -14.90 10.91 31.79
CA HIS A 373 -14.01 11.31 30.67
C HIS A 373 -12.58 10.98 31.08
N GLU A 374 -12.23 11.18 32.33
CA GLU A 374 -10.87 10.78 32.72
C GLU A 374 -10.69 9.27 32.54
N CYS A 375 -11.66 8.44 32.92
CA CYS A 375 -11.54 6.98 32.65
C CYS A 375 -11.48 6.63 31.16
N TYR A 376 -12.33 7.22 30.33
CA TYR A 376 -12.29 6.98 28.85
C TYR A 376 -11.00 7.49 28.27
N ALA A 377 -10.55 8.64 28.74
CA ALA A 377 -9.41 9.30 28.07
C ALA A 377 -8.23 8.37 27.86
N LYS A 378 -8.02 7.42 28.77
CA LYS A 378 -6.80 6.64 28.62
C LYS A 378 -7.08 5.30 27.95
N VAL A 379 -7.93 5.30 26.90
CA VAL A 379 -8.52 4.06 26.37
C VAL A 379 -7.65 3.54 25.24
N PHE A 380 -6.97 4.44 24.52
CA PHE A 380 -6.06 4.03 23.47
C PHE A 380 -4.86 3.32 24.10
N ASP A 381 -4.57 3.59 25.37
CA ASP A 381 -3.54 2.84 26.09
C ASP A 381 -3.85 1.34 26.11
N GLU A 382 -5.11 0.98 25.83
CA GLU A 382 -5.52 -0.41 25.87
C GLU A 382 -5.51 -1.00 24.45
N PHE A 383 -5.85 -0.20 23.44
CA PHE A 383 -5.85 -0.68 22.07
C PHE A 383 -4.43 -1.06 21.63
N LYS A 384 -3.41 -0.38 22.17
CA LYS A 384 -2.04 -0.50 21.70
C LYS A 384 -1.60 -1.97 21.78
N PRO A 385 -1.62 -2.61 22.98
CA PRO A 385 -1.27 -4.03 23.14
C PRO A 385 -1.98 -5.01 22.20
N LEU A 386 -3.23 -4.71 21.85
CA LEU A 386 -4.04 -5.57 21.00
C LEU A 386 -3.60 -5.45 19.55
N VAL A 387 -3.09 -4.26 19.16
CA VAL A 387 -2.70 -4.01 17.78
C VAL A 387 -1.31 -4.59 17.53
N GLU A 388 -0.43 -4.59 18.56
CA GLU A 388 0.97 -4.93 18.38
C GLU A 388 1.23 -6.43 18.58
N GLU A 389 0.40 -7.08 19.41
CA GLU A 389 0.43 -8.53 19.53
C GLU A 389 0.50 -9.16 18.14
N PRO A 390 -0.53 -8.99 17.27
CA PRO A 390 -0.54 -9.67 15.96
C PRO A 390 0.53 -9.19 15.00
N GLN A 391 0.89 -7.89 15.09
CA GLN A 391 1.83 -7.28 14.15
C GLN A 391 3.24 -7.83 14.36
N ASN A 392 3.70 -7.82 15.62
CA ASN A 392 5.01 -8.32 15.97
C ASN A 392 5.06 -9.84 15.76
N LEU A 393 3.93 -10.50 16.02
CA LEU A 393 3.79 -11.91 15.73
C LEU A 393 4.02 -12.13 14.24
N ILE A 394 3.30 -11.39 13.38
CA ILE A 394 3.47 -11.54 11.94
C ILE A 394 4.92 -11.32 11.52
N LYS A 395 5.59 -10.33 12.13
CA LYS A 395 6.95 -9.98 11.74
C LYS A 395 7.91 -11.13 12.09
N GLN A 396 7.92 -11.55 13.36
CA GLN A 396 8.81 -12.62 13.80
C GLN A 396 8.75 -13.78 12.80
N ASN A 397 7.53 -14.11 12.38
CA ASN A 397 7.31 -15.27 11.55
C ASN A 397 7.63 -14.98 10.09
N CYS A 398 7.54 -13.73 9.66
CA CYS A 398 7.90 -13.44 8.29
C CYS A 398 9.42 -13.37 8.15
N GLU A 399 10.09 -12.88 9.19
CA GLU A 399 11.53 -12.89 9.23
C GLU A 399 12.03 -14.32 9.10
N LEU A 400 11.45 -15.21 9.94
CA LEU A 400 11.90 -16.59 10.06
C LEU A 400 11.65 -17.34 8.75
N PHE A 401 10.51 -17.06 8.09
CA PHE A 401 10.16 -17.65 6.81
C PHE A 401 11.15 -17.23 5.73
N GLU A 402 11.63 -15.98 5.82
CA GLU A 402 12.43 -15.34 4.79
C GLU A 402 13.87 -15.87 4.83
N GLN A 403 14.38 -16.19 6.04
CA GLN A 403 15.68 -16.83 6.16
C GLN A 403 15.61 -18.34 5.84
N LEU A 404 14.56 -19.05 6.30
CA LEU A 404 14.53 -20.50 6.22
C LEU A 404 13.88 -21.01 4.93
N GLY A 405 12.90 -20.26 4.40
CA GLY A 405 12.13 -20.75 3.27
C GLY A 405 11.06 -21.78 3.68
N GLU A 406 10.22 -22.17 2.70
CA GLU A 406 9.00 -22.93 2.96
C GLU A 406 9.32 -24.18 3.80
N TYR A 407 10.09 -25.12 3.25
CA TYR A 407 10.27 -26.41 3.92
C TYR A 407 10.89 -26.21 5.30
N LYS A 408 12.06 -25.56 5.37
CA LYS A 408 12.81 -25.46 6.63
C LYS A 408 11.95 -24.75 7.68
N PHE A 409 11.13 -23.79 7.23
CA PHE A 409 10.21 -23.05 8.08
C PHE A 409 9.11 -23.97 8.62
N GLN A 410 8.56 -24.81 7.73
CA GLN A 410 7.64 -25.86 8.13
C GLN A 410 8.25 -26.65 9.28
N ASN A 411 9.55 -26.95 9.18
CA ASN A 411 10.25 -27.77 10.18
C ASN A 411 10.33 -27.00 11.50
N ALA A 412 10.61 -25.70 11.45
CA ALA A 412 10.73 -24.92 12.67
C ALA A 412 9.37 -24.80 13.38
N LEU A 413 8.27 -24.94 12.62
CA LEU A 413 6.90 -24.95 13.14
C LEU A 413 6.55 -26.32 13.73
N LEU A 414 7.02 -27.42 13.11
CA LEU A 414 6.73 -28.74 13.64
C LEU A 414 7.31 -28.87 15.04
N VAL A 415 8.48 -28.27 15.29
CA VAL A 415 9.07 -28.37 16.61
C VAL A 415 8.26 -27.51 17.60
N ARG A 416 7.88 -26.30 17.15
CA ARG A 416 7.11 -25.37 17.97
C ARG A 416 5.85 -26.07 18.49
N TYR A 417 5.00 -26.54 17.58
CA TYR A 417 3.66 -26.95 17.92
C TYR A 417 3.63 -28.35 18.57
N THR A 418 4.61 -29.20 18.30
CA THR A 418 4.62 -30.52 18.93
C THR A 418 5.15 -30.37 20.35
N LYS A 419 5.95 -29.32 20.62
CA LYS A 419 6.38 -29.00 21.98
C LYS A 419 5.20 -28.45 22.77
N LYS A 420 4.25 -27.82 22.05
CA LYS A 420 3.12 -27.14 22.66
C LYS A 420 2.03 -28.15 22.99
N VAL A 421 1.62 -28.94 21.97
CA VAL A 421 0.61 -29.98 22.13
C VAL A 421 1.14 -31.33 21.62
N PRO A 422 2.04 -32.01 22.37
CA PRO A 422 2.62 -33.27 21.92
C PRO A 422 1.60 -34.39 21.79
N GLN A 423 0.53 -34.32 22.60
CA GLN A 423 -0.48 -35.37 22.67
C GLN A 423 -1.13 -35.60 21.30
N VAL A 424 -0.99 -34.64 20.37
CA VAL A 424 -1.69 -34.70 19.09
C VAL A 424 -0.98 -35.69 18.18
N SER A 425 -1.74 -36.24 17.20
CA SER A 425 -1.29 -37.33 16.34
C SER A 425 -0.40 -36.81 15.20
N THR A 426 0.73 -37.50 14.99
CA THR A 426 1.82 -37.03 14.15
C THR A 426 1.34 -36.65 12.75
N PRO A 427 0.58 -37.51 12.03
CA PRO A 427 0.11 -37.15 10.69
C PRO A 427 -0.66 -35.84 10.65
N THR A 428 -1.32 -35.51 11.77
CA THR A 428 -2.05 -34.25 11.96
C THR A 428 -1.05 -33.11 12.16
N LEU A 429 0.00 -33.35 12.96
CA LEU A 429 1.00 -32.32 13.17
C LEU A 429 1.66 -31.96 11.84
N VAL A 430 1.93 -32.95 11.00
CA VAL A 430 2.66 -32.72 9.76
C VAL A 430 1.73 -32.16 8.68
N GLU A 431 0.43 -32.09 8.96
CA GLU A 431 -0.49 -31.53 7.99
C GLU A 431 -0.75 -30.07 8.31
N VAL A 432 -0.89 -29.75 9.60
CA VAL A 432 -0.96 -28.37 10.04
C VAL A 432 0.29 -27.65 9.54
N SER A 433 1.46 -28.05 10.06
CA SER A 433 2.70 -27.28 9.95
C SER A 433 3.08 -27.01 8.50
N ARG A 434 2.67 -27.89 7.59
CA ARG A 434 2.93 -27.72 6.18
C ARG A 434 1.98 -26.68 5.58
N ASN A 435 0.70 -26.72 6.00
CA ASN A 435 -0.27 -25.74 5.56
C ASN A 435 0.11 -24.36 6.08
N LEU A 436 0.52 -24.29 7.34
CA LEU A 436 0.91 -23.04 7.97
C LEU A 436 2.11 -22.39 7.28
N GLY A 437 3.13 -23.19 6.97
CA GLY A 437 4.30 -22.73 6.25
C GLY A 437 3.94 -22.31 4.83
N LYS A 438 2.84 -22.86 4.28
CA LYS A 438 2.35 -22.46 2.96
C LYS A 438 1.64 -21.12 3.04
N VAL A 439 1.12 -20.79 4.23
CA VAL A 439 0.52 -19.49 4.52
C VAL A 439 1.63 -18.43 4.55
N GLY A 440 2.68 -18.70 5.32
CA GLY A 440 3.91 -17.92 5.28
C GLY A 440 4.30 -17.52 3.85
N SER A 441 4.19 -18.45 2.90
CA SER A 441 4.67 -18.19 1.56
C SER A 441 3.59 -17.51 0.73
N LYS A 442 2.41 -17.29 1.30
CA LYS A 442 1.33 -16.63 0.59
C LYS A 442 1.05 -15.24 1.19
N CYS A 443 1.67 -14.92 2.33
CA CYS A 443 1.43 -13.67 3.05
C CYS A 443 2.70 -12.83 3.23
N CYS A 444 3.85 -13.47 3.44
CA CYS A 444 5.12 -12.76 3.48
C CYS A 444 5.54 -12.32 2.08
N LYS A 445 4.94 -12.92 1.03
CA LYS A 445 5.06 -12.42 -0.34
C LYS A 445 4.52 -10.99 -0.46
N HIS A 446 3.40 -10.70 0.23
CA HIS A 446 2.74 -9.41 0.18
C HIS A 446 3.49 -8.34 0.99
N PRO A 447 3.39 -7.06 0.60
CA PRO A 447 3.93 -5.97 1.43
C PRO A 447 3.29 -5.87 2.82
N GLU A 448 4.03 -5.34 3.81
CA GLU A 448 3.59 -5.33 5.21
C GLU A 448 2.10 -4.97 5.35
N ALA A 449 1.60 -4.07 4.50
CA ALA A 449 0.22 -3.61 4.53
C ALA A 449 -0.77 -4.79 4.64
N LYS A 450 -0.67 -5.73 3.69
CA LYS A 450 -1.75 -6.68 3.42
C LYS A 450 -1.59 -8.02 4.15
N ARG A 451 -0.67 -8.10 5.13
CA ARG A 451 -0.33 -9.38 5.74
C ARG A 451 -1.40 -9.88 6.71
N MET A 452 -1.80 -9.01 7.65
CA MET A 452 -2.78 -9.36 8.68
C MET A 452 -4.13 -9.74 8.08
N PRO A 453 -4.70 -9.02 7.09
CA PRO A 453 -5.91 -9.50 6.43
C PRO A 453 -5.75 -10.87 5.79
N CYS A 454 -4.62 -11.05 5.09
CA CYS A 454 -4.32 -12.27 4.34
C CYS A 454 -4.11 -13.44 5.31
N ALA A 455 -3.38 -13.17 6.40
CA ALA A 455 -3.14 -14.17 7.44
C ALA A 455 -4.44 -14.65 8.08
N GLU A 456 -5.26 -13.72 8.56
CA GLU A 456 -6.62 -13.97 9.05
C GLU A 456 -7.35 -14.92 8.09
N ASP A 457 -7.42 -14.53 6.82
CA ASP A 457 -8.11 -15.28 5.78
C ASP A 457 -7.71 -16.76 5.88
N TYR A 458 -6.41 -17.06 5.73
CA TYR A 458 -5.91 -18.42 5.60
C TYR A 458 -5.99 -19.17 6.93
N LEU A 459 -5.65 -18.50 8.04
CA LEU A 459 -5.56 -19.13 9.35
C LEU A 459 -6.94 -19.57 9.84
N SER A 460 -7.98 -18.89 9.40
CA SER A 460 -9.30 -19.14 9.97
C SER A 460 -9.81 -20.50 9.50
N VAL A 461 -9.53 -20.86 8.23
CA VAL A 461 -9.87 -22.18 7.70
C VAL A 461 -9.14 -23.24 8.53
N VAL A 462 -7.86 -22.99 8.81
CA VAL A 462 -6.99 -24.01 9.40
C VAL A 462 -7.35 -24.24 10.87
N LEU A 463 -7.77 -23.18 11.56
CA LEU A 463 -8.22 -23.33 12.93
C LEU A 463 -9.66 -23.87 12.96
N ASN A 464 -10.38 -23.69 11.84
CA ASN A 464 -11.74 -24.19 11.69
C ASN A 464 -11.73 -25.71 11.58
N GLN A 465 -10.92 -26.23 10.66
CA GLN A 465 -10.81 -27.65 10.42
C GLN A 465 -10.12 -28.32 11.60
N LEU A 466 -9.07 -27.69 12.14
CA LEU A 466 -8.38 -28.21 13.31
C LEU A 466 -9.35 -28.41 14.49
N CYS A 467 -10.23 -27.44 14.74
CA CYS A 467 -11.09 -27.52 15.95
C CYS A 467 -12.26 -28.49 15.66
N VAL A 468 -12.68 -28.59 14.40
CA VAL A 468 -13.72 -29.61 14.08
C VAL A 468 -13.12 -31.00 14.37
N LEU A 469 -11.86 -31.21 13.99
CA LEU A 469 -11.23 -32.54 14.18
C LEU A 469 -11.02 -32.78 15.68
N HIS A 470 -10.60 -31.76 16.42
CA HIS A 470 -10.27 -32.02 17.83
C HIS A 470 -11.56 -32.49 18.51
N GLU A 471 -12.71 -32.00 18.08
CA GLU A 471 -13.92 -32.47 18.81
C GLU A 471 -14.22 -33.91 18.38
N LYS A 472 -13.88 -34.23 17.13
CA LYS A 472 -14.17 -35.60 16.64
C LYS A 472 -13.35 -36.54 17.51
N THR A 473 -12.10 -36.13 17.76
CA THR A 473 -11.17 -36.95 18.53
C THR A 473 -10.37 -36.07 19.46
N PRO A 474 -10.95 -35.59 20.57
CA PRO A 474 -10.24 -34.70 21.48
C PRO A 474 -9.05 -35.31 22.21
N VAL A 475 -7.99 -34.54 22.39
CA VAL A 475 -6.74 -35.09 23.01
C VAL A 475 -6.19 -34.09 24.02
N SER A 476 -6.41 -32.78 23.83
CA SER A 476 -6.07 -31.78 24.90
C SER A 476 -7.21 -30.87 25.32
N ASP A 477 -7.36 -30.67 26.63
CA ASP A 477 -8.39 -29.75 27.19
C ASP A 477 -8.12 -28.32 26.75
N ARG A 478 -6.86 -27.90 26.73
CA ARG A 478 -6.53 -26.51 26.42
C ARG A 478 -6.97 -26.19 25.00
N VAL A 479 -6.77 -27.10 24.07
CA VAL A 479 -7.16 -26.89 22.65
C VAL A 479 -8.67 -26.72 22.58
N THR A 480 -9.38 -27.51 23.35
CA THR A 480 -10.84 -27.43 23.33
C THR A 480 -11.27 -26.06 23.80
N LYS A 481 -10.61 -25.53 24.82
CA LYS A 481 -11.07 -24.23 25.36
C LYS A 481 -10.93 -23.22 24.25
N CYS A 482 -9.83 -23.32 23.52
CA CYS A 482 -9.58 -22.35 22.43
C CYS A 482 -10.54 -22.64 21.28
N CYS A 483 -11.05 -23.85 21.21
CA CYS A 483 -11.81 -24.24 20.04
C CYS A 483 -13.27 -23.79 20.13
N THR A 484 -13.66 -23.28 21.31
CA THR A 484 -15.01 -22.73 21.47
C THR A 484 -15.06 -21.60 22.50
N GLU A 485 -13.98 -20.80 22.64
CA GLU A 485 -14.08 -19.42 23.09
C GLU A 485 -14.62 -18.57 21.95
N SER A 486 -14.88 -17.28 22.21
CA SER A 486 -15.22 -16.34 21.15
C SER A 486 -14.31 -16.56 19.93
N LEU A 487 -14.88 -16.46 18.73
CA LEU A 487 -14.12 -16.53 17.49
C LEU A 487 -12.95 -15.54 17.57
N VAL A 488 -13.17 -14.37 18.11
CA VAL A 488 -12.08 -13.34 18.10
C VAL A 488 -10.95 -13.80 19.01
N ASN A 489 -11.25 -14.39 20.13
CA ASN A 489 -10.28 -14.89 21.14
C ASN A 489 -9.37 -16.01 20.62
N ARG A 490 -9.87 -16.94 19.79
CA ARG A 490 -9.11 -18.18 19.48
C ARG A 490 -7.74 -18.12 18.82
N ARG A 491 -7.49 -17.28 17.82
CA ARG A 491 -6.12 -17.31 17.26
C ARG A 491 -5.18 -16.89 18.38
N PRO A 492 -5.55 -15.88 19.20
CA PRO A 492 -4.75 -15.51 20.34
C PRO A 492 -4.62 -16.63 21.34
N CYS A 493 -5.71 -17.35 21.56
CA CYS A 493 -5.68 -18.41 22.60
C CYS A 493 -4.64 -19.46 22.20
N PHE A 494 -4.60 -19.81 20.92
CA PHE A 494 -3.62 -20.81 20.44
C PHE A 494 -2.26 -20.23 20.52
N SER A 495 -2.16 -18.92 20.30
CA SER A 495 -0.86 -18.28 20.42
C SER A 495 -0.42 -18.29 21.89
N ALA A 496 -1.41 -18.31 22.79
CA ALA A 496 -1.16 -18.27 24.22
C ALA A 496 -0.54 -19.59 24.70
N LEU A 497 -0.85 -20.70 24.01
CA LEU A 497 -0.38 -22.04 24.39
C LEU A 497 1.13 -22.05 24.59
N GLU A 498 1.56 -22.54 25.77
CA GLU A 498 2.97 -22.71 26.09
C GLU A 498 3.40 -24.17 25.89
N VAL A 499 4.71 -24.41 26.05
CA VAL A 499 5.28 -25.74 25.95
C VAL A 499 4.74 -26.65 27.06
N ASP A 500 4.25 -27.85 26.70
CA ASP A 500 3.64 -28.79 27.64
C ASP A 500 4.72 -29.46 28.49
N GLU A 501 4.72 -29.19 29.81
CA GLU A 501 5.83 -29.59 30.67
C GLU A 501 5.44 -30.74 31.60
N THR A 502 4.32 -31.40 31.30
CA THR A 502 3.92 -32.60 32.02
C THR A 502 4.11 -33.83 31.12
N TYR A 503 4.36 -33.59 29.82
CA TYR A 503 4.34 -34.64 28.81
C TYR A 503 5.41 -35.68 29.10
N VAL A 504 5.00 -36.94 29.19
CA VAL A 504 5.93 -38.04 29.37
C VAL A 504 6.51 -38.42 28.01
N PRO A 505 7.85 -38.38 27.83
CA PRO A 505 8.47 -38.74 26.55
C PRO A 505 8.01 -40.09 26.03
N LYS A 506 7.63 -40.15 24.74
CA LYS A 506 7.22 -41.39 24.10
C LYS A 506 8.41 -42.32 23.97
N GLU A 507 8.13 -43.64 23.91
CA GLU A 507 9.15 -44.67 23.95
C GLU A 507 9.98 -44.67 22.68
N PHE A 508 11.29 -44.97 22.81
CA PHE A 508 12.13 -45.17 21.64
C PHE A 508 11.49 -46.27 20.79
N ASN A 509 11.60 -46.14 19.48
CA ASN A 509 11.10 -47.18 18.60
C ASN A 509 11.94 -47.20 17.33
N ALA A 510 12.59 -48.34 17.07
CA ALA A 510 13.64 -48.43 16.07
C ALA A 510 13.08 -48.26 14.67
N GLU A 511 11.96 -48.90 14.34
CA GLU A 511 11.51 -48.89 12.96
C GLU A 511 11.18 -47.45 12.52
N THR A 512 10.75 -46.59 13.45
CA THR A 512 10.32 -45.24 13.08
C THR A 512 11.52 -44.31 12.88
N PHE A 513 12.69 -44.68 13.41
CA PHE A 513 13.94 -43.98 13.11
C PHE A 513 14.84 -44.81 12.21
N THR A 514 14.26 -45.56 11.28
CA THR A 514 15.02 -46.39 10.34
C THR A 514 14.65 -45.97 8.94
N PHE A 515 15.67 -45.71 8.11
CA PHE A 515 15.43 -45.24 6.76
C PHE A 515 15.92 -46.28 5.77
N HIS A 516 15.60 -45.99 4.50
CA HIS A 516 15.91 -46.97 3.45
C HIS A 516 16.30 -46.31 2.14
N ALA A 517 16.59 -47.12 1.13
CA ALA A 517 17.01 -46.71 -0.23
C ALA A 517 15.90 -45.90 -0.85
N ASP A 518 14.66 -46.23 -0.56
CA ASP A 518 13.47 -45.70 -1.27
C ASP A 518 13.45 -44.19 -1.12
N ILE A 519 13.85 -43.65 0.01
CA ILE A 519 13.67 -42.19 0.20
C ILE A 519 14.49 -41.50 -0.91
N CYS A 520 15.67 -41.97 -1.29
CA CYS A 520 16.39 -41.19 -2.31
C CYS A 520 15.58 -41.14 -3.63
N THR A 521 14.96 -42.23 -4.06
CA THR A 521 14.08 -42.24 -5.27
C THR A 521 12.83 -41.38 -5.15
N LEU A 522 12.16 -41.35 -4.00
CA LEU A 522 10.83 -40.66 -3.85
C LEU A 522 10.81 -39.20 -4.32
N SER A 523 9.61 -38.64 -4.56
CA SER A 523 9.46 -37.26 -4.99
C SER A 523 9.64 -36.33 -3.79
N GLU A 524 10.02 -35.08 -4.09
CA GLU A 524 10.30 -34.06 -3.07
C GLU A 524 9.17 -34.06 -2.04
N LYS A 525 7.92 -34.02 -2.52
CA LYS A 525 6.76 -33.96 -1.66
C LYS A 525 6.89 -35.10 -0.65
N GLU A 526 6.90 -36.32 -1.19
CA GLU A 526 6.86 -37.55 -0.40
C GLU A 526 8.01 -37.50 0.60
N ARG A 527 9.20 -37.18 0.09
CA ARG A 527 10.41 -37.18 0.89
C ARG A 527 10.19 -36.31 2.12
N GLN A 528 9.78 -35.08 1.88
CA GLN A 528 9.66 -34.13 2.97
C GLN A 528 8.80 -34.74 4.06
N ILE A 529 7.57 -35.12 3.68
CA ILE A 529 6.63 -35.58 4.68
C ILE A 529 7.29 -36.69 5.49
N LYS A 530 8.09 -37.53 4.81
CA LYS A 530 8.74 -38.65 5.46
C LYS A 530 9.71 -38.08 6.51
N LYS A 531 10.49 -37.08 6.10
CA LYS A 531 11.53 -36.53 6.95
C LYS A 531 10.90 -35.71 8.09
N GLN A 532 9.77 -35.07 7.81
CA GLN A 532 9.08 -34.30 8.84
C GLN A 532 8.45 -35.24 9.87
N THR A 533 7.78 -36.29 9.38
CA THR A 533 7.16 -37.30 10.23
C THR A 533 8.19 -37.83 11.23
N ALA A 534 9.43 -37.99 10.77
CA ALA A 534 10.52 -38.36 11.64
C ALA A 534 10.76 -37.26 12.65
N LEU A 535 10.89 -36.02 12.15
CA LEU A 535 11.20 -34.90 13.02
C LEU A 535 10.23 -34.90 14.19
N VAL A 536 8.93 -35.01 13.87
CA VAL A 536 7.92 -34.98 14.90
C VAL A 536 8.29 -36.00 15.98
N GLU A 537 8.38 -37.26 15.55
CA GLU A 537 8.53 -38.39 16.46
C GLU A 537 9.79 -38.21 17.30
N LEU A 538 10.76 -37.45 16.78
CA LEU A 538 12.00 -37.17 17.50
C LEU A 538 11.69 -36.25 18.67
N VAL A 539 10.90 -35.22 18.40
CA VAL A 539 10.59 -34.23 19.42
C VAL A 539 9.79 -34.92 20.54
N LYS A 540 8.84 -35.79 20.17
CA LYS A 540 8.01 -36.48 21.13
C LYS A 540 8.87 -37.31 22.08
N HIS A 541 9.94 -37.92 21.53
CA HIS A 541 10.81 -38.80 22.29
C HIS A 541 11.79 -37.98 23.13
N LYS A 542 12.23 -36.82 22.58
CA LYS A 542 13.16 -35.93 23.26
C LYS A 542 12.62 -34.50 23.20
N PRO A 543 11.55 -34.20 23.98
CA PRO A 543 10.97 -32.85 24.00
C PRO A 543 11.82 -31.86 24.79
N LYS A 544 12.76 -32.39 25.58
CA LYS A 544 13.68 -31.58 26.35
C LYS A 544 14.61 -30.80 25.42
N ALA A 545 15.21 -31.46 24.42
CA ALA A 545 16.39 -30.93 23.74
C ALA A 545 16.13 -29.52 23.19
N THR A 546 17.11 -28.62 23.41
CA THR A 546 17.05 -27.25 22.91
C THR A 546 17.19 -27.25 21.39
N LYS A 547 16.75 -26.15 20.77
CA LYS A 547 16.66 -26.05 19.32
C LYS A 547 18.04 -26.11 18.67
N GLU A 548 19.10 -25.96 19.48
CA GLU A 548 20.47 -26.00 18.99
C GLU A 548 20.94 -27.45 18.98
N GLN A 549 20.51 -28.22 19.98
CA GLN A 549 20.74 -29.65 19.99
C GLN A 549 20.00 -30.28 18.81
N LEU A 550 18.79 -29.81 18.53
CA LEU A 550 17.92 -30.38 17.51
C LEU A 550 18.29 -29.86 16.12
N LYS A 551 19.02 -28.73 16.05
CA LYS A 551 19.63 -28.32 14.81
C LYS A 551 20.80 -29.26 14.52
N ALA A 552 21.49 -29.71 15.59
CA ALA A 552 22.62 -30.64 15.47
C ALA A 552 22.19 -31.95 14.83
N VAL A 553 21.02 -32.46 15.23
CA VAL A 553 20.53 -33.73 14.74
C VAL A 553 20.05 -33.61 13.28
N MET A 554 19.21 -32.60 12.97
CA MET A 554 18.70 -32.46 11.60
C MET A 554 19.86 -32.13 10.66
N ASP A 555 20.96 -31.56 11.16
CA ASP A 555 22.16 -31.38 10.36
C ASP A 555 22.82 -32.73 10.07
N ASP A 556 23.00 -33.55 11.11
CA ASP A 556 23.60 -34.87 11.00
C ASP A 556 22.74 -35.77 10.11
N PHE A 557 21.42 -35.58 10.17
CA PHE A 557 20.50 -36.30 9.31
C PHE A 557 20.66 -35.88 7.85
N ALA A 558 20.74 -34.57 7.60
CA ALA A 558 20.92 -34.06 6.26
C ALA A 558 22.13 -34.74 5.60
N ALA A 559 23.21 -34.88 6.38
CA ALA A 559 24.49 -35.42 5.93
C ALA A 559 24.39 -36.91 5.66
N PHE A 560 23.70 -37.60 6.57
CA PHE A 560 23.36 -39.01 6.45
C PHE A 560 22.61 -39.29 5.13
N VAL A 561 21.63 -38.45 4.76
CA VAL A 561 20.80 -38.74 3.60
C VAL A 561 21.58 -38.50 2.31
N GLU A 562 22.40 -37.45 2.24
CA GLU A 562 23.01 -37.11 0.96
C GLU A 562 24.18 -38.04 0.67
N LYS A 563 24.88 -38.48 1.73
CA LYS A 563 25.96 -39.46 1.61
C LYS A 563 25.43 -40.76 1.00
N CYS A 564 24.43 -41.32 1.68
CA CYS A 564 23.89 -42.62 1.35
C CYS A 564 23.21 -42.60 -0.01
N CYS A 565 22.73 -41.44 -0.45
CA CYS A 565 22.12 -41.32 -1.77
C CYS A 565 23.16 -41.41 -2.90
N LYS A 566 24.43 -41.09 -2.60
CA LYS A 566 25.51 -41.14 -3.57
C LYS A 566 26.22 -42.50 -3.50
N ALA A 567 26.15 -43.15 -2.34
CA ALA A 567 26.78 -44.45 -2.09
C ALA A 567 26.41 -45.46 -3.17
N ASP A 568 27.26 -46.49 -3.35
CA ASP A 568 27.12 -47.43 -4.44
C ASP A 568 26.10 -48.51 -4.05
N ASP A 569 26.18 -48.97 -2.79
CA ASP A 569 25.16 -49.80 -2.17
C ASP A 569 24.33 -48.93 -1.24
N LYS A 570 23.25 -48.35 -1.76
CA LYS A 570 22.41 -47.44 -1.00
C LYS A 570 22.05 -48.09 0.33
N GLU A 571 21.47 -49.30 0.26
CA GLU A 571 20.75 -49.87 1.38
C GLU A 571 21.74 -50.17 2.50
N THR A 572 22.87 -50.80 2.17
CA THR A 572 23.85 -51.08 3.19
C THR A 572 24.28 -49.75 3.82
N CYS A 573 24.39 -48.69 3.03
CA CYS A 573 24.76 -47.40 3.60
C CYS A 573 23.70 -46.92 4.58
N PHE A 574 22.42 -46.98 4.17
CA PHE A 574 21.33 -46.54 5.04
C PHE A 574 21.34 -47.36 6.33
N ALA A 575 21.33 -48.69 6.18
CA ALA A 575 21.33 -49.60 7.29
C ALA A 575 22.50 -49.30 8.24
N GLU A 576 23.71 -49.19 7.68
CA GLU A 576 24.94 -49.09 8.47
C GLU A 576 25.00 -47.71 9.15
N GLU A 577 24.87 -46.66 8.35
CA GLU A 577 25.00 -45.30 8.85
C GLU A 577 23.85 -44.95 9.81
N GLY A 578 22.70 -45.58 9.59
CA GLY A 578 21.52 -45.39 10.43
C GLY A 578 21.82 -45.71 11.88
N LYS A 579 22.50 -46.85 12.10
CA LYS A 579 22.84 -47.32 13.44
C LYS A 579 23.93 -46.45 14.06
N LYS A 580 24.86 -45.98 13.24
CA LYS A 580 25.92 -45.08 13.69
C LYS A 580 25.32 -43.75 14.15
N LEU A 581 24.33 -43.27 13.38
CA LEU A 581 23.68 -41.99 13.62
C LEU A 581 22.88 -42.07 14.92
N VAL A 582 21.96 -43.05 14.99
CA VAL A 582 21.07 -43.17 16.13
C VAL A 582 21.90 -43.40 17.39
N ALA A 583 22.92 -44.26 17.30
CA ALA A 583 23.78 -44.51 18.44
C ALA A 583 24.28 -43.17 18.98
N ALA A 584 24.73 -42.34 18.05
CA ALA A 584 25.35 -41.07 18.46
C ALA A 584 24.30 -40.11 18.99
N SER A 585 23.19 -40.00 18.28
CA SER A 585 22.19 -38.98 18.67
C SER A 585 21.61 -39.26 20.07
N GLN A 586 21.33 -40.51 20.40
CA GLN A 586 20.84 -40.82 21.78
C GLN A 586 21.96 -40.51 22.76
N ALA A 587 23.21 -40.68 22.35
CA ALA A 587 24.35 -40.34 23.16
C ALA A 587 24.37 -38.83 23.48
N ALA A 588 23.59 -38.07 22.70
CA ALA A 588 23.36 -36.66 22.98
C ALA A 588 21.96 -36.42 23.55
N LEU A 589 21.36 -37.41 24.23
CA LEU A 589 20.43 -37.10 25.30
C LEU A 589 21.23 -36.43 26.42
N GLY A 590 22.30 -37.11 26.86
CA GLY A 590 23.07 -36.71 28.02
C GLY A 590 22.83 -37.67 29.18
N GLU B 1 -36.33 9.13 1.81
CA GLU B 1 -35.09 9.76 1.26
C GLU B 1 -34.43 10.55 2.40
N VAL B 2 -33.16 10.95 2.22
CA VAL B 2 -32.44 11.77 3.19
C VAL B 2 -32.61 13.25 2.82
N GLN B 3 -33.64 13.89 3.39
CA GLN B 3 -33.99 15.29 3.14
C GLN B 3 -33.19 16.19 4.08
N LEU B 4 -32.78 17.35 3.56
CA LEU B 4 -32.31 18.41 4.44
C LEU B 4 -33.22 19.64 4.30
N VAL B 5 -33.41 20.38 5.40
CA VAL B 5 -34.29 21.53 5.43
C VAL B 5 -33.61 22.63 6.22
N GLU B 6 -33.60 23.88 5.70
CA GLU B 6 -32.88 24.96 6.34
C GLU B 6 -33.88 26.05 6.72
N SER B 7 -33.49 26.93 7.65
CA SER B 7 -34.35 28.01 8.12
C SER B 7 -33.62 28.86 9.16
N GLY B 8 -34.14 30.08 9.34
CA GLY B 8 -33.61 31.05 10.29
C GLY B 8 -33.17 32.33 9.58
N GLY B 9 -33.15 32.29 8.23
CA GLY B 9 -32.49 33.30 7.42
C GLY B 9 -33.41 34.46 7.06
N GLY B 10 -32.84 35.67 6.88
CA GLY B 10 -33.62 36.85 6.58
C GLY B 10 -32.74 38.09 6.34
N LEU B 11 -33.15 39.22 6.92
CA LEU B 11 -32.39 40.46 6.91
C LEU B 11 -31.93 40.78 8.34
N VAL B 12 -30.75 41.38 8.48
CA VAL B 12 -30.24 41.63 9.82
C VAL B 12 -29.22 42.76 9.77
N GLN B 13 -29.27 43.59 10.84
CA GLN B 13 -28.37 44.72 10.99
C GLN B 13 -26.94 44.23 11.02
N PRO B 14 -25.99 44.95 10.36
CA PRO B 14 -24.57 44.71 10.53
C PRO B 14 -24.31 44.74 12.03
N GLY B 15 -23.57 43.74 12.52
CA GLY B 15 -23.21 43.69 13.92
C GLY B 15 -24.09 42.71 14.69
N GLY B 16 -25.19 42.27 14.04
CA GLY B 16 -26.22 41.49 14.71
C GLY B 16 -25.96 40.00 14.63
N SER B 17 -27.02 39.20 14.83
CA SER B 17 -26.93 37.76 14.96
C SER B 17 -28.05 37.07 14.17
N LEU B 18 -27.80 35.79 13.88
CA LEU B 18 -28.76 34.89 13.27
C LEU B 18 -28.33 33.47 13.64
N ARG B 19 -29.30 32.58 13.85
CA ARG B 19 -28.99 31.17 14.08
C ARG B 19 -29.76 30.36 13.05
N LEU B 20 -29.01 29.78 12.12
CA LEU B 20 -29.59 28.92 11.10
C LEU B 20 -29.84 27.56 11.71
N SER B 21 -30.88 26.88 11.20
CA SER B 21 -31.12 25.49 11.56
C SER B 21 -31.39 24.67 10.32
N CYS B 22 -30.83 23.45 10.33
CA CYS B 22 -31.11 22.44 9.33
C CYS B 22 -31.63 21.21 10.03
N THR B 23 -32.83 20.77 9.61
CA THR B 23 -33.47 19.57 10.15
C THR B 23 -33.21 18.47 9.16
N ALA B 24 -32.89 17.27 9.65
CA ALA B 24 -32.47 16.17 8.76
C ALA B 24 -33.45 15.01 8.81
N SER B 25 -33.85 14.51 7.64
CA SER B 25 -34.85 13.43 7.56
C SER B 25 -34.28 12.28 6.73
N GLY B 26 -34.63 11.05 7.06
CA GLY B 26 -34.12 9.85 6.37
C GLY B 26 -33.31 8.95 7.27
N TYR B 27 -32.97 7.76 6.79
CA TYR B 27 -32.26 6.77 7.63
C TYR B 27 -30.89 7.24 8.02
N MET B 28 -30.52 7.03 9.27
CA MET B 28 -29.16 7.32 9.73
C MET B 28 -28.81 8.79 9.46
N SER B 29 -29.77 9.68 9.64
CA SER B 29 -29.59 11.14 9.41
C SER B 29 -28.56 11.70 10.40
N SER B 30 -28.58 11.23 11.64
CA SER B 30 -27.67 11.68 12.71
C SER B 30 -26.20 11.37 12.37
N THR B 31 -25.90 10.25 11.75
CA THR B 31 -24.53 9.74 11.53
C THR B 31 -23.62 10.60 10.69
N TYR B 32 -24.09 11.22 9.62
CA TYR B 32 -23.22 11.91 8.65
C TYR B 32 -22.38 13.12 9.05
N TYR B 33 -21.16 13.23 8.49
CA TYR B 33 -20.40 14.46 8.56
C TYR B 33 -21.28 15.52 7.87
N MET B 34 -21.45 16.68 8.51
CA MET B 34 -22.36 17.69 8.01
C MET B 34 -21.67 19.04 7.95
N ALA B 35 -22.13 19.88 7.02
CA ALA B 35 -21.44 21.11 6.69
C ALA B 35 -22.43 22.24 6.42
N TRP B 36 -21.97 23.48 6.65
CA TRP B 36 -22.59 24.68 6.09
C TRP B 36 -21.75 25.22 4.93
N PHE B 37 -22.44 25.53 3.83
CA PHE B 37 -21.83 26.17 2.67
C PHE B 37 -22.66 27.40 2.36
N ARG B 38 -22.00 28.47 1.93
CA ARG B 38 -22.69 29.69 1.57
C ARG B 38 -22.34 30.03 0.13
N GLN B 39 -23.26 30.72 -0.55
CA GLN B 39 -23.03 31.13 -1.92
C GLN B 39 -23.23 32.63 -2.00
N PRO B 40 -22.15 33.45 -1.84
CA PRO B 40 -22.26 34.90 -2.00
C PRO B 40 -22.75 35.30 -3.39
N PRO B 41 -23.49 36.41 -3.53
CA PRO B 41 -24.11 36.75 -4.81
C PRO B 41 -23.10 36.70 -5.96
N GLY B 42 -23.52 36.05 -7.07
CA GLY B 42 -22.75 35.96 -8.31
C GLY B 42 -21.42 35.22 -8.15
N LYS B 43 -21.35 34.28 -7.21
CA LYS B 43 -20.15 33.47 -7.00
C LYS B 43 -20.56 32.01 -6.90
N GLY B 44 -19.59 31.15 -6.57
CA GLY B 44 -19.87 29.75 -6.33
C GLY B 44 -20.01 29.46 -4.85
N LEU B 45 -20.38 28.20 -4.55
CA LEU B 45 -20.42 27.64 -3.21
C LEU B 45 -19.04 27.77 -2.53
N GLU B 46 -19.04 27.85 -1.20
CA GLU B 46 -17.80 27.94 -0.42
C GLU B 46 -18.06 27.54 1.03
N GLY B 47 -17.12 26.82 1.61
CA GLY B 47 -17.42 26.18 2.88
C GLY B 47 -17.32 27.17 4.02
N VAL B 48 -18.39 27.28 4.81
CA VAL B 48 -18.35 28.11 5.98
C VAL B 48 -17.85 27.32 7.19
N ALA B 49 -18.51 26.20 7.50
CA ALA B 49 -18.25 25.44 8.71
C ALA B 49 -18.57 23.94 8.54
N LEU B 50 -17.79 23.08 9.21
CA LEU B 50 -17.93 21.62 9.13
C LEU B 50 -17.92 21.01 10.53
N ILE B 51 -18.62 19.86 10.67
CA ILE B 51 -18.87 19.25 11.97
C ILE B 51 -19.00 17.73 11.84
N SER B 52 -18.26 17.01 12.70
CA SER B 52 -18.25 15.55 12.73
C SER B 52 -19.56 15.00 13.30
N PRO B 53 -19.84 13.68 13.13
CA PRO B 53 -21.11 13.12 13.56
C PRO B 53 -21.54 13.38 15.00
N TYR B 54 -20.56 13.50 15.91
CA TYR B 54 -20.85 13.71 17.32
C TYR B 54 -20.35 15.07 17.80
N GLY B 55 -19.97 15.94 16.85
CA GLY B 55 -19.58 17.32 17.12
C GLY B 55 -18.22 17.45 17.82
N GLY B 56 -17.41 16.38 17.81
CA GLY B 56 -16.10 16.39 18.45
C GLY B 56 -15.02 17.04 17.57
N ALA B 57 -15.37 17.33 16.31
CA ALA B 57 -14.45 17.97 15.39
C ALA B 57 -15.19 18.93 14.45
N THR B 58 -14.59 20.13 14.33
CA THR B 58 -15.18 21.28 13.65
C THR B 58 -14.09 21.98 12.86
N ASN B 59 -14.36 22.22 11.58
CA ASN B 59 -13.53 23.14 10.82
C ASN B 59 -14.36 24.38 10.54
N TYR B 60 -13.67 25.52 10.29
CA TYR B 60 -14.28 26.77 9.87
C TYR B 60 -13.49 27.41 8.73
N ALA B 61 -14.17 28.10 7.79
CA ALA B 61 -13.48 29.02 6.91
C ALA B 61 -12.90 30.18 7.73
N ASP B 62 -11.78 30.78 7.30
CA ASP B 62 -11.14 31.88 8.03
C ASP B 62 -12.03 33.11 8.08
N SER B 63 -12.76 33.34 6.96
CA SER B 63 -13.71 34.43 6.78
C SER B 63 -14.54 34.65 8.05
N VAL B 64 -14.92 33.54 8.69
CA VAL B 64 -15.91 33.56 9.76
C VAL B 64 -15.34 33.07 11.08
N LYS B 65 -14.08 32.63 11.15
CA LYS B 65 -13.56 32.14 12.43
C LYS B 65 -13.72 33.22 13.48
N GLY B 66 -13.95 32.83 14.74
CA GLY B 66 -14.16 33.79 15.80
C GLY B 66 -15.57 34.42 15.85
N ARG B 67 -16.38 34.26 14.79
CA ARG B 67 -17.68 34.91 14.75
C ARG B 67 -18.79 33.85 14.74
N PHE B 68 -18.59 32.79 13.94
CA PHE B 68 -19.59 31.76 13.78
C PHE B 68 -19.21 30.59 14.67
N THR B 69 -20.23 29.84 15.13
CA THR B 69 -20.03 28.52 15.70
C THR B 69 -20.97 27.53 14.99
N ILE B 70 -20.54 26.25 14.88
CA ILE B 70 -21.36 25.15 14.27
C ILE B 70 -21.69 24.09 15.33
N SER B 71 -22.97 23.73 15.50
CA SER B 71 -23.38 22.72 16.52
C SER B 71 -24.44 21.74 15.99
N ARG B 72 -24.47 20.49 16.47
CA ARG B 72 -25.56 19.56 16.10
C ARG B 72 -26.30 18.95 17.30
N ASP B 73 -27.63 18.98 17.39
CA ASP B 73 -28.40 18.21 18.43
C ASP B 73 -28.31 16.68 18.28
N ASN B 74 -28.38 16.16 17.05
CA ASN B 74 -28.38 14.69 16.77
C ASN B 74 -29.72 14.03 17.15
N ALA B 75 -30.15 14.12 18.40
CA ALA B 75 -31.46 13.57 18.80
C ALA B 75 -32.52 14.31 18.03
N LYS B 76 -32.44 15.61 18.12
CA LYS B 76 -33.33 16.53 17.35
C LYS B 76 -33.25 16.16 15.86
N ASN B 77 -32.06 15.79 15.37
CA ASN B 77 -31.86 15.61 13.90
C ASN B 77 -31.69 17.00 13.27
N THR B 78 -31.36 18.00 14.09
CA THR B 78 -31.18 19.39 13.62
C THR B 78 -29.74 19.85 13.71
N LEU B 79 -29.21 20.44 12.64
CA LEU B 79 -27.84 21.04 12.65
C LEU B 79 -27.97 22.56 12.81
N TYR B 80 -27.07 23.19 13.57
CA TYR B 80 -27.17 24.62 13.77
C TYR B 80 -25.98 25.34 13.13
N LEU B 81 -26.18 26.65 12.95
CA LEU B 81 -25.10 27.59 12.70
C LEU B 81 -25.39 28.91 13.39
N GLN B 82 -24.69 29.17 14.51
CA GLN B 82 -24.81 30.42 15.25
C GLN B 82 -23.89 31.49 14.65
N MET B 83 -24.50 32.54 14.09
CA MET B 83 -23.79 33.60 13.39
C MET B 83 -23.77 34.86 14.27
N ASN B 84 -22.58 35.40 14.52
CA ASN B 84 -22.47 36.60 15.34
C ASN B 84 -21.71 37.67 14.59
N SER B 85 -21.81 38.92 15.08
CA SER B 85 -21.02 40.02 14.58
C SER B 85 -21.10 40.08 13.05
N LEU B 86 -22.31 39.86 12.52
CA LEU B 86 -22.50 39.75 11.09
C LEU B 86 -21.95 40.99 10.41
N LYS B 87 -21.44 40.78 9.18
CA LYS B 87 -20.91 41.83 8.32
C LYS B 87 -21.65 41.75 6.99
N PRO B 88 -21.88 42.86 6.27
CA PRO B 88 -22.51 42.81 4.94
C PRO B 88 -21.90 41.79 3.99
N GLU B 89 -20.58 41.55 4.14
CA GLU B 89 -19.82 40.52 3.44
C GLU B 89 -20.60 39.21 3.39
N ASP B 90 -21.08 38.78 4.57
CA ASP B 90 -21.63 37.46 4.82
C ASP B 90 -23.00 37.28 4.16
N THR B 91 -23.43 38.25 3.35
CA THR B 91 -24.77 38.22 2.69
C THR B 91 -24.77 37.19 1.60
N ALA B 92 -25.11 35.95 1.94
CA ALA B 92 -25.11 34.86 0.96
C ALA B 92 -26.27 33.92 1.20
N ARG B 93 -26.70 33.21 0.16
CA ARG B 93 -27.65 32.10 0.42
C ARG B 93 -26.86 31.06 1.21
N TYR B 94 -27.48 30.43 2.19
CA TYR B 94 -26.76 29.46 3.03
C TYR B 94 -27.35 28.12 2.74
N TYR B 95 -26.54 27.08 2.82
CA TYR B 95 -26.91 25.74 2.38
C TYR B 95 -26.36 24.70 3.36
N CYS B 96 -27.11 23.60 3.49
CA CYS B 96 -26.77 22.48 4.36
C CYS B 96 -26.35 21.30 3.49
N ALA B 97 -25.31 20.58 3.94
CA ALA B 97 -24.79 19.45 3.19
C ALA B 97 -24.46 18.31 4.15
N ALA B 98 -24.59 17.08 3.61
CA ALA B 98 -24.33 15.85 4.36
C ALA B 98 -23.47 14.89 3.52
N GLY B 99 -22.44 14.36 4.17
CA GLY B 99 -21.44 13.54 3.49
C GLY B 99 -20.72 12.64 4.48
N SER B 100 -19.56 12.12 4.04
CA SER B 100 -18.88 11.02 4.71
C SER B 100 -17.57 11.48 5.35
N THR B 101 -17.18 12.73 5.07
CA THR B 101 -15.88 13.29 5.42
C THR B 101 -16.05 14.69 6.01
N LEU B 102 -14.99 15.18 6.68
CA LEU B 102 -14.93 16.55 7.20
C LEU B 102 -14.19 17.45 6.20
N THR B 103 -14.51 17.34 4.90
CA THR B 103 -13.77 18.06 3.88
C THR B 103 -14.66 19.20 3.37
N MET B 104 -14.03 20.17 2.69
CA MET B 104 -14.72 21.39 2.31
C MET B 104 -14.94 21.43 0.81
N VAL B 105 -15.23 20.27 0.23
CA VAL B 105 -15.34 20.14 -1.21
C VAL B 105 -16.79 19.86 -1.55
N VAL B 106 -17.33 20.66 -2.47
CA VAL B 106 -18.70 20.50 -2.93
C VAL B 106 -18.97 19.10 -3.48
N ALA B 107 -18.03 18.54 -4.25
CA ALA B 107 -18.27 17.26 -4.91
C ALA B 107 -18.44 16.11 -3.91
N ASN B 108 -17.77 16.19 -2.76
CA ASN B 108 -17.72 15.10 -1.80
C ASN B 108 -18.91 15.06 -0.86
N TYR B 109 -19.93 15.92 -1.04
CA TYR B 109 -21.15 15.83 -0.25
C TYR B 109 -22.28 15.31 -1.16
N ARG B 110 -23.04 14.33 -0.66
CA ARG B 110 -24.04 13.62 -1.45
C ARG B 110 -25.39 14.34 -1.40
N TYR B 111 -25.71 14.92 -0.24
CA TYR B 111 -27.04 15.46 0.00
C TYR B 111 -26.98 16.93 0.39
N TRP B 112 -27.88 17.70 -0.23
CA TRP B 112 -27.91 19.15 -0.13
C TRP B 112 -29.30 19.65 0.26
N GLY B 113 -29.33 20.90 0.75
CA GLY B 113 -30.57 21.59 1.08
C GLY B 113 -31.04 22.47 -0.07
N GLN B 114 -32.18 23.15 0.12
CA GLN B 114 -32.72 24.06 -0.88
C GLN B 114 -32.12 25.45 -0.65
N GLY B 115 -31.75 25.72 0.60
CA GLY B 115 -31.02 26.93 0.95
C GLY B 115 -31.94 28.03 1.47
N THR B 116 -31.55 28.59 2.63
CA THR B 116 -32.14 29.79 3.22
C THR B 116 -31.23 30.99 2.93
N LEU B 117 -31.85 32.16 2.70
CA LEU B 117 -31.14 33.37 2.32
C LEU B 117 -30.85 34.24 3.54
N VAL B 118 -29.62 34.75 3.64
CA VAL B 118 -29.26 35.68 4.69
C VAL B 118 -28.81 36.98 4.02
N THR B 119 -29.45 38.10 4.37
CA THR B 119 -29.01 39.40 3.89
C THR B 119 -28.54 40.15 5.13
N VAL B 120 -27.46 40.92 4.97
CA VAL B 120 -26.97 41.75 6.05
C VAL B 120 -26.82 43.16 5.45
N SER B 121 -27.69 44.06 5.91
CA SER B 121 -27.48 45.48 5.66
C SER B 121 -28.40 46.24 6.60
N SER B 122 -28.05 47.50 6.84
CA SER B 122 -28.88 48.36 7.66
C SER B 122 -29.92 49.02 6.73
N HIS C 9 27.00 17.56 -37.67
CA HIS C 9 26.64 18.93 -37.21
C HIS C 9 27.91 19.67 -36.81
N LYS C 10 28.21 20.77 -37.50
CA LYS C 10 29.27 21.67 -37.08
C LYS C 10 28.65 22.69 -36.14
N SER C 11 27.58 23.36 -36.61
CA SER C 11 26.87 24.34 -35.83
C SER C 11 26.02 23.65 -34.75
N GLU C 12 26.44 23.76 -33.49
CA GLU C 12 25.64 23.32 -32.35
C GLU C 12 24.35 24.14 -32.25
N VAL C 13 24.47 25.46 -32.33
CA VAL C 13 23.30 26.33 -32.33
C VAL C 13 22.22 25.76 -33.26
N ALA C 14 22.60 25.37 -34.48
CA ALA C 14 21.58 24.91 -35.41
C ALA C 14 21.09 23.50 -35.05
N HIS C 15 21.96 22.68 -34.44
CA HIS C 15 21.56 21.35 -33.96
C HIS C 15 20.43 21.50 -32.96
N ARG C 16 20.53 22.48 -32.07
CA ARG C 16 19.52 22.69 -31.03
C ARG C 16 18.29 23.40 -31.59
N PHE C 17 18.52 24.46 -32.38
CA PHE C 17 17.44 25.21 -32.98
C PHE C 17 16.52 24.25 -33.74
N LYS C 18 17.12 23.35 -34.54
CA LYS C 18 16.39 22.41 -35.37
C LYS C 18 15.60 21.44 -34.51
N ASP C 19 16.23 20.95 -33.41
CA ASP C 19 15.67 19.92 -32.55
C ASP C 19 14.63 20.47 -31.57
N LEU C 20 14.85 21.69 -31.05
CA LEU C 20 14.00 22.22 -29.98
C LEU C 20 12.89 23.08 -30.58
N GLY C 21 13.07 23.55 -31.81
CA GLY C 21 12.14 24.51 -32.40
C GLY C 21 12.31 25.90 -31.80
N GLU C 22 11.82 26.92 -32.51
CA GLU C 22 12.04 28.32 -32.17
C GLU C 22 11.50 28.64 -30.77
N GLU C 23 10.26 28.20 -30.49
CA GLU C 23 9.60 28.55 -29.25
C GLU C 23 10.45 28.16 -28.04
N ASN C 24 10.74 26.86 -27.92
CA ASN C 24 11.46 26.32 -26.76
C ASN C 24 12.88 26.89 -26.69
N PHE C 25 13.52 27.05 -27.84
CA PHE C 25 14.85 27.65 -27.92
C PHE C 25 14.87 29.02 -27.25
N LYS C 26 13.99 29.91 -27.70
CA LYS C 26 13.96 31.26 -27.16
C LYS C 26 13.76 31.16 -25.65
N ALA C 27 12.88 30.25 -25.23
CA ALA C 27 12.53 30.14 -23.82
C ALA C 27 13.75 29.67 -23.04
N LEU C 28 14.52 28.76 -23.64
CA LEU C 28 15.64 28.19 -22.91
C LEU C 28 16.73 29.25 -22.76
N VAL C 29 17.09 29.90 -23.87
CA VAL C 29 18.14 30.91 -23.84
C VAL C 29 17.76 31.97 -22.81
N LEU C 30 16.47 32.32 -22.76
CA LEU C 30 16.03 33.33 -21.82
C LEU C 30 16.40 32.87 -20.42
N ILE C 31 16.02 31.63 -20.10
CA ILE C 31 16.31 31.09 -18.78
C ILE C 31 17.81 31.23 -18.53
N ALA C 32 18.64 30.75 -19.47
CA ALA C 32 20.09 30.69 -19.30
C ALA C 32 20.64 32.02 -18.85
N PHE C 33 20.29 33.08 -19.60
CA PHE C 33 20.71 34.44 -19.28
C PHE C 33 20.13 34.83 -17.94
N ALA C 34 18.83 34.55 -17.73
CA ALA C 34 18.16 34.96 -16.52
C ALA C 34 18.89 34.43 -15.28
N GLN C 35 19.41 33.22 -15.39
CA GLN C 35 20.01 32.54 -14.26
C GLN C 35 21.44 33.01 -14.07
N TYR C 36 22.07 33.57 -15.11
CA TYR C 36 23.42 34.09 -14.97
C TYR C 36 23.34 35.57 -14.53
N LEU C 37 22.61 36.37 -15.30
CA LEU C 37 22.40 37.76 -14.95
C LEU C 37 21.08 37.87 -14.24
N GLN C 38 21.15 37.85 -12.90
CA GLN C 38 19.97 37.86 -12.05
C GLN C 38 19.39 39.28 -12.07
N GLN C 39 20.10 40.22 -11.42
CA GLN C 39 19.66 41.60 -11.32
C GLN C 39 19.99 42.28 -12.63
N CYS C 40 19.02 42.30 -13.52
CA CYS C 40 19.26 42.76 -14.87
C CYS C 40 17.87 42.81 -15.49
N PRO C 41 17.48 43.94 -16.08
CA PRO C 41 16.08 44.17 -16.41
C PRO C 41 15.60 43.25 -17.51
N PHE C 42 14.31 42.88 -17.43
CA PHE C 42 13.66 42.02 -18.41
C PHE C 42 13.98 42.46 -19.84
N GLU C 43 14.00 43.78 -20.05
CA GLU C 43 14.21 44.37 -21.36
C GLU C 43 15.60 44.00 -21.88
N ASP C 44 16.60 43.95 -21.00
CA ASP C 44 17.93 43.54 -21.42
C ASP C 44 17.85 42.14 -22.04
N HIS C 45 17.40 41.18 -21.22
CA HIS C 45 17.41 39.77 -21.57
C HIS C 45 16.64 39.52 -22.87
N VAL C 46 15.47 40.16 -23.01
CA VAL C 46 14.71 40.02 -24.24
C VAL C 46 15.57 40.37 -25.45
N LYS C 47 16.31 41.49 -25.39
CA LYS C 47 17.16 41.95 -26.48
C LYS C 47 18.24 40.94 -26.84
N LEU C 48 18.93 40.36 -25.85
CA LEU C 48 20.00 39.40 -26.10
C LEU C 48 19.46 38.12 -26.74
N VAL C 49 18.23 37.75 -26.36
CA VAL C 49 17.63 36.50 -26.81
C VAL C 49 17.18 36.68 -28.25
N ASN C 50 16.68 37.85 -28.60
CA ASN C 50 16.30 38.11 -29.98
C ASN C 50 17.55 38.08 -30.85
N GLU C 51 18.68 38.54 -30.29
CA GLU C 51 19.90 38.62 -31.06
C GLU C 51 20.48 37.24 -31.30
N VAL C 52 20.39 36.37 -30.30
CA VAL C 52 20.87 35.00 -30.45
C VAL C 52 19.98 34.26 -31.47
N THR C 53 18.67 34.25 -31.22
CA THR C 53 17.70 33.65 -32.11
C THR C 53 18.02 34.05 -33.54
N GLU C 54 18.10 35.36 -33.82
CA GLU C 54 18.32 35.82 -35.19
C GLU C 54 19.61 35.23 -35.74
N PHE C 55 20.58 35.00 -34.85
CA PHE C 55 21.88 34.48 -35.22
C PHE C 55 21.82 32.96 -35.45
N ALA C 56 21.01 32.26 -34.65
CA ALA C 56 20.80 30.85 -34.87
C ALA C 56 20.19 30.63 -36.25
N LYS C 57 19.17 31.43 -36.60
CA LYS C 57 18.47 31.32 -37.85
C LYS C 57 19.43 31.35 -39.04
N THR C 58 20.49 32.19 -38.94
CA THR C 58 21.45 32.32 -40.03
C THR C 58 22.30 31.06 -40.13
N CYS C 59 22.41 30.33 -39.00
CA CYS C 59 23.17 29.09 -38.94
C CYS C 59 22.34 27.92 -39.44
N VAL C 60 21.03 27.96 -39.26
CA VAL C 60 20.15 26.95 -39.82
C VAL C 60 20.13 27.11 -41.34
N ALA C 61 20.26 28.36 -41.79
CA ALA C 61 20.34 28.65 -43.22
C ALA C 61 21.67 28.15 -43.78
N ASP C 62 22.73 28.31 -42.99
CA ASP C 62 24.10 27.92 -43.43
C ASP C 62 25.01 27.67 -42.22
N GLU C 63 25.36 26.42 -41.95
CA GLU C 63 26.25 25.99 -40.83
C GLU C 63 27.61 26.62 -41.07
N SER C 64 28.01 26.72 -42.35
N SER C 64 28.02 26.69 -42.33
CA SER C 64 29.36 27.24 -42.66
CA SER C 64 29.35 27.26 -42.71
C SER C 64 29.46 28.77 -42.50
C SER C 64 29.44 28.72 -42.28
N ALA C 65 28.33 29.45 -42.31
CA ALA C 65 28.39 30.91 -42.05
C ALA C 65 28.99 31.17 -40.68
N GLU C 66 29.80 32.21 -40.56
CA GLU C 66 30.70 32.39 -39.38
C GLU C 66 30.16 32.60 -37.97
N ASN C 67 30.83 31.95 -37.03
CA ASN C 67 30.56 31.99 -35.57
C ASN C 67 29.50 30.94 -35.32
N CYS C 68 29.01 30.32 -36.38
CA CYS C 68 28.07 29.18 -36.24
C CYS C 68 28.89 28.08 -35.55
N ASP C 69 30.15 27.93 -35.94
CA ASP C 69 31.09 26.88 -35.43
C ASP C 69 31.34 27.00 -33.94
N LYS C 70 31.43 28.22 -33.44
CA LYS C 70 31.89 28.46 -32.07
C LYS C 70 30.96 27.84 -31.03
N SER C 71 31.53 27.38 -29.92
CA SER C 71 30.80 26.66 -28.87
C SER C 71 29.76 27.56 -28.21
N LEU C 72 28.65 26.97 -27.79
CA LEU C 72 27.55 27.80 -27.27
C LEU C 72 28.03 28.56 -26.04
N HIS C 73 28.79 27.90 -25.18
CA HIS C 73 29.29 28.56 -23.94
C HIS C 73 30.08 29.77 -24.42
N THR C 74 30.73 29.62 -25.56
CA THR C 74 31.42 30.76 -26.14
C THR C 74 30.39 31.75 -26.71
N LEU C 75 29.43 31.25 -27.46
CA LEU C 75 28.50 32.20 -28.08
C LEU C 75 27.77 32.96 -26.97
N PHE C 76 27.10 32.25 -26.07
CA PHE C 76 26.30 32.91 -25.00
C PHE C 76 27.19 33.72 -24.07
N GLY C 77 28.36 33.19 -23.75
CA GLY C 77 29.26 33.90 -22.82
C GLY C 77 29.64 35.19 -23.46
N ASP C 78 29.90 35.17 -24.77
CA ASP C 78 30.18 36.45 -25.46
C ASP C 78 28.97 37.35 -25.37
N LYS C 79 27.77 36.81 -25.55
CA LYS C 79 26.62 37.73 -25.58
C LYS C 79 26.51 38.37 -24.21
N LEU C 80 26.71 37.58 -23.16
CA LEU C 80 26.47 38.19 -21.84
C LEU C 80 27.47 39.32 -21.60
N CYS C 81 28.68 39.15 -22.10
CA CYS C 81 29.71 40.19 -21.90
C CYS C 81 29.56 41.29 -22.96
N THR C 82 28.86 41.02 -24.06
CA THR C 82 28.74 42.00 -25.16
C THR C 82 28.03 43.18 -24.62
N VAL C 83 27.03 42.93 -23.81
CA VAL C 83 26.20 44.10 -23.41
C VAL C 83 26.46 44.55 -21.97
N ALA C 84 26.71 43.63 -21.04
CA ALA C 84 26.79 44.12 -19.65
C ALA C 84 27.79 45.26 -19.47
N THR C 85 27.39 46.29 -18.72
CA THR C 85 28.31 47.37 -18.34
C THR C 85 29.36 46.74 -17.48
N LEU C 86 28.92 45.84 -16.60
CA LEU C 86 29.85 45.13 -15.69
C LEU C 86 29.57 43.62 -15.81
N ALA C 94 31.71 39.74 -13.08
CA ALA C 94 32.12 40.78 -14.06
C ALA C 94 33.60 40.61 -14.38
N ASP C 95 34.41 40.24 -13.39
CA ASP C 95 35.84 39.97 -13.70
C ASP C 95 35.82 38.77 -14.65
N CYS C 96 34.94 37.81 -14.39
CA CYS C 96 34.77 36.66 -15.29
C CYS C 96 34.31 37.14 -16.65
N CYS C 97 33.41 38.12 -16.68
CA CYS C 97 32.77 38.57 -17.94
C CYS C 97 33.81 39.09 -18.91
N ALA C 98 34.83 39.75 -18.41
CA ALA C 98 35.70 40.42 -19.39
C ALA C 98 36.22 39.30 -20.28
N LYS C 99 36.54 38.14 -19.72
CA LYS C 99 36.91 37.06 -20.67
C LYS C 99 35.73 36.11 -20.82
N GLN C 100 35.25 35.86 -22.05
CA GLN C 100 34.20 34.81 -22.22
C GLN C 100 35.00 33.59 -21.81
N GLU C 101 34.38 32.62 -21.15
CA GLU C 101 35.29 31.61 -20.56
C GLU C 101 35.41 30.22 -21.20
N PRO C 102 36.63 29.81 -21.61
CA PRO C 102 36.89 28.42 -21.91
C PRO C 102 36.66 27.91 -20.52
N GLU C 103 37.13 28.68 -19.53
CA GLU C 103 36.98 28.32 -18.10
C GLU C 103 35.76 29.01 -17.48
N ASN C 105 32.79 29.84 -16.93
CA ASN C 105 31.47 29.30 -16.56
C ASN C 105 31.64 28.82 -15.15
N GLU C 106 32.85 28.39 -14.83
CA GLU C 106 32.91 27.90 -13.46
C GLU C 106 32.58 29.12 -12.64
N CYS C 107 33.13 30.27 -13.02
CA CYS C 107 32.71 31.51 -12.32
C CYS C 107 31.24 31.85 -12.53
N PHE C 108 30.75 31.73 -13.77
CA PHE C 108 29.36 32.18 -13.92
C PHE C 108 28.53 31.26 -13.08
N LEU C 109 28.85 29.97 -13.14
CA LEU C 109 28.19 28.96 -12.27
C LEU C 109 28.53 29.24 -10.81
N GLN C 110 29.77 29.63 -10.55
CA GLN C 110 30.22 29.82 -9.15
C GLN C 110 29.38 30.95 -8.58
N HIS C 111 29.12 31.98 -9.38
CA HIS C 111 28.29 33.02 -8.72
C HIS C 111 26.87 32.81 -9.19
N LYS C 112 26.05 32.36 -8.26
CA LYS C 112 24.61 32.20 -8.51
C LYS C 112 24.13 32.32 -7.08
N ASP C 113 23.10 33.10 -6.80
CA ASP C 113 22.75 33.33 -5.39
C ASP C 113 21.36 32.79 -5.08
N ASP C 114 21.21 32.04 -3.99
CA ASP C 114 19.84 31.60 -3.62
C ASP C 114 19.05 32.86 -3.34
N ASN C 115 19.69 33.81 -2.66
CA ASN C 115 19.00 35.11 -2.55
C ASN C 115 19.87 36.12 -3.27
N PRO C 116 19.37 36.83 -4.28
CA PRO C 116 20.07 37.94 -4.87
C PRO C 116 19.42 39.01 -4.05
N ASN C 117 18.55 38.64 -3.11
CA ASN C 117 17.74 39.61 -2.35
C ASN C 117 16.91 40.40 -3.35
N LEU C 118 16.42 39.73 -4.40
CA LEU C 118 15.53 40.35 -5.40
C LEU C 118 14.19 40.63 -4.70
N PRO C 119 13.42 41.65 -5.11
CA PRO C 119 12.23 42.03 -4.37
C PRO C 119 11.09 41.05 -4.27
N ARG C 120 10.46 41.00 -3.10
CA ARG C 120 9.26 40.14 -2.94
C ARG C 120 8.49 40.25 -4.24
N LEU C 121 8.02 39.13 -4.76
CA LEU C 121 7.42 39.26 -6.09
C LEU C 121 5.92 39.53 -5.92
N VAL C 122 5.53 40.80 -5.92
CA VAL C 122 4.14 41.16 -5.67
C VAL C 122 3.37 41.10 -6.98
N ARG C 123 2.21 40.42 -6.98
CA ARG C 123 1.46 40.19 -8.20
C ARG C 123 0.47 41.34 -8.35
N PRO C 124 0.18 41.82 -9.59
CA PRO C 124 -0.88 42.79 -9.84
C PRO C 124 -2.28 42.26 -9.52
N GLU C 125 -3.28 43.14 -9.59
CA GLU C 125 -4.65 42.75 -9.33
C GLU C 125 -5.08 41.74 -10.39
N VAL C 126 -6.15 40.99 -10.10
CA VAL C 126 -6.56 39.91 -10.97
C VAL C 126 -6.99 40.50 -12.31
N ASP C 127 -7.85 41.50 -12.26
CA ASP C 127 -8.26 42.21 -13.47
C ASP C 127 -7.03 42.58 -14.28
N VAL C 128 -6.04 43.16 -13.59
CA VAL C 128 -4.86 43.71 -14.25
C VAL C 128 -4.12 42.59 -14.98
N MET C 129 -3.81 41.51 -14.26
CA MET C 129 -3.02 40.42 -14.81
C MET C 129 -3.73 39.88 -16.06
N CYS C 130 -5.03 39.61 -15.91
CA CYS C 130 -5.84 39.14 -17.01
C CYS C 130 -5.70 40.00 -18.26
N THR C 131 -5.72 41.32 -18.07
CA THR C 131 -5.59 42.20 -19.22
C THR C 131 -4.21 41.94 -19.82
N ALA C 132 -3.18 42.01 -19.00
CA ALA C 132 -1.79 41.93 -19.47
C ALA C 132 -1.53 40.65 -20.24
N PHE C 133 -2.19 39.57 -19.80
CA PHE C 133 -2.08 38.27 -20.45
C PHE C 133 -2.84 38.27 -21.78
N HIS C 134 -3.96 38.96 -21.80
CA HIS C 134 -4.70 38.91 -23.06
C HIS C 134 -3.91 39.79 -24.02
N ASP C 135 -3.58 41.00 -23.57
CA ASP C 135 -2.93 41.91 -24.54
C ASP C 135 -1.56 41.52 -25.11
N ASN C 136 -0.58 41.02 -24.32
CA ASN C 136 0.69 40.57 -24.96
C ASN C 136 0.82 39.06 -25.06
N GLU C 137 0.54 38.37 -23.98
CA GLU C 137 0.51 36.89 -23.91
C GLU C 137 1.90 36.26 -24.01
N GLU C 138 2.61 36.45 -25.11
CA GLU C 138 3.99 35.92 -25.17
C GLU C 138 4.92 36.57 -24.15
N THR C 139 4.82 37.89 -24.02
CA THR C 139 5.66 38.64 -23.08
C THR C 139 5.33 38.23 -21.67
N PHE C 140 4.05 38.03 -21.39
CA PHE C 140 3.66 37.75 -19.99
C PHE C 140 4.28 36.47 -19.53
N LEU C 141 4.27 35.45 -20.38
CA LEU C 141 4.91 34.15 -20.07
C LEU C 141 6.42 34.32 -19.91
N LYS C 142 7.02 35.13 -20.76
CA LYS C 142 8.48 35.36 -20.72
C LYS C 142 8.85 36.00 -19.38
N LYS C 143 8.04 36.93 -18.90
CA LYS C 143 8.30 37.58 -17.60
C LYS C 143 8.24 36.49 -16.55
N TYR C 144 7.31 35.56 -16.68
CA TYR C 144 7.28 34.40 -15.75
C TYR C 144 8.63 33.75 -15.85
N LEU C 145 8.95 33.18 -17.02
CA LEU C 145 10.22 32.49 -17.12
C LEU C 145 11.30 33.38 -16.50
N TYR C 146 11.30 34.66 -16.87
CA TYR C 146 12.31 35.59 -16.39
C TYR C 146 12.31 35.66 -14.87
N GLU C 147 11.15 35.87 -14.24
CA GLU C 147 11.13 36.17 -12.81
C GLU C 147 11.52 34.93 -12.04
N ILE C 148 11.04 33.78 -12.53
CA ILE C 148 11.25 32.51 -11.85
C ILE C 148 12.72 32.13 -11.95
N ALA C 149 13.34 32.35 -13.12
CA ALA C 149 14.70 31.87 -13.37
C ALA C 149 15.72 32.75 -12.64
N ARG C 150 15.49 34.05 -12.72
CA ARG C 150 16.21 35.09 -11.99
C ARG C 150 16.30 34.77 -10.49
N ARG C 151 15.19 34.31 -9.90
CA ARG C 151 15.11 34.10 -8.46
C ARG C 151 15.71 32.77 -8.04
N HIS C 152 15.20 31.67 -8.59
CA HIS C 152 15.72 30.35 -8.33
C HIS C 152 16.55 29.86 -9.52
N PRO C 153 17.89 30.08 -9.53
CA PRO C 153 18.69 29.82 -10.72
C PRO C 153 19.34 28.45 -10.88
N TYR C 154 18.77 27.43 -10.24
CA TYR C 154 19.16 26.04 -10.43
C TYR C 154 17.96 25.21 -10.88
N PHE C 155 16.90 25.90 -11.31
CA PHE C 155 15.68 25.27 -11.78
C PHE C 155 16.01 24.35 -12.96
N TYR C 156 15.39 23.16 -12.97
CA TYR C 156 15.44 22.27 -14.11
C TYR C 156 14.84 22.95 -15.32
N ALA C 157 15.65 23.24 -16.33
CA ALA C 157 15.20 24.03 -17.46
C ALA C 157 13.92 23.44 -18.07
N PRO C 158 13.87 22.14 -18.42
CA PRO C 158 12.70 21.61 -19.12
C PRO C 158 11.44 21.78 -18.28
N GLU C 159 11.57 21.54 -16.97
CA GLU C 159 10.43 21.56 -16.06
C GLU C 159 9.88 22.98 -15.97
N LEU C 160 10.74 23.98 -16.11
CA LEU C 160 10.30 25.36 -16.10
C LEU C 160 9.61 25.73 -17.42
N LEU C 161 9.97 25.09 -18.54
CA LEU C 161 9.21 25.26 -19.77
C LEU C 161 7.78 24.74 -19.59
N PHE C 162 7.64 23.74 -18.72
CA PHE C 162 6.34 23.15 -18.45
C PHE C 162 5.52 24.13 -17.61
N PHE C 163 6.00 24.45 -16.40
CA PHE C 163 5.39 25.41 -15.49
C PHE C 163 4.83 26.64 -16.19
N ALA C 164 5.51 27.14 -17.23
CA ALA C 164 5.00 28.27 -18.00
C ALA C 164 3.68 27.90 -18.68
N LYS C 165 3.61 26.68 -19.24
CA LYS C 165 2.42 26.15 -19.88
C LYS C 165 1.26 26.02 -18.89
N ARG C 166 1.55 25.56 -17.67
CA ARG C 166 0.54 25.43 -16.61
C ARG C 166 0.06 26.81 -16.14
N TYR C 167 0.91 27.84 -16.28
CA TYR C 167 0.55 29.23 -16.04
C TYR C 167 -0.43 29.68 -17.13
N LYS C 168 0.04 29.73 -18.39
CA LYS C 168 -0.78 30.09 -19.54
C LYS C 168 -2.14 29.39 -19.48
N ALA C 169 -2.15 28.18 -18.91
CA ALA C 169 -3.35 27.37 -18.78
C ALA C 169 -4.32 27.97 -17.77
N ALA C 170 -3.77 28.41 -16.64
CA ALA C 170 -4.52 29.01 -15.55
C ALA C 170 -5.19 30.32 -16.01
N PHE C 171 -4.59 31.00 -16.98
CA PHE C 171 -5.10 32.28 -17.44
C PHE C 171 -6.14 32.06 -18.55
N THR C 172 -5.87 31.18 -19.50
CA THR C 172 -6.85 30.93 -20.54
C THR C 172 -8.17 30.51 -19.89
N GLU C 173 -8.13 29.69 -18.84
CA GLU C 173 -9.44 29.29 -18.28
C GLU C 173 -9.96 30.37 -17.35
N CYS C 174 -9.16 30.73 -16.37
CA CYS C 174 -9.62 31.70 -15.32
C CYS C 174 -9.96 33.09 -15.89
N CYS C 175 -9.17 33.62 -16.82
CA CYS C 175 -9.42 35.02 -17.27
C CYS C 175 -10.37 34.99 -18.49
N ASP C 179 -14.43 29.53 -11.78
CA ASP C 179 -15.37 30.24 -12.69
C ASP C 179 -15.00 31.72 -12.77
N LYS C 180 -15.98 32.61 -12.69
CA LYS C 180 -15.66 34.05 -12.88
C LYS C 180 -14.71 34.57 -11.78
N ALA C 181 -14.92 34.18 -10.52
CA ALA C 181 -14.09 34.84 -9.48
C ALA C 181 -13.21 33.92 -8.65
N ALA C 182 -11.92 34.21 -8.55
CA ALA C 182 -11.02 33.53 -7.59
C ALA C 182 -10.50 32.16 -8.00
N CYS C 183 -10.79 31.66 -9.20
CA CYS C 183 -10.12 30.39 -9.58
C CYS C 183 -8.60 30.57 -9.68
N LEU C 184 -8.13 31.68 -10.25
CA LEU C 184 -6.68 31.89 -10.51
C LEU C 184 -5.77 31.96 -9.29
N LEU C 185 -6.21 32.64 -8.25
CA LEU C 185 -5.29 32.89 -7.11
C LEU C 185 -4.81 31.57 -6.50
N PRO C 186 -5.67 30.60 -6.19
CA PRO C 186 -5.19 29.35 -5.64
C PRO C 186 -4.25 28.63 -6.57
N LYS C 187 -4.44 28.77 -7.87
CA LYS C 187 -3.64 28.10 -8.89
C LYS C 187 -2.22 28.67 -8.96
N LEU C 188 -2.07 29.97 -8.70
CA LEU C 188 -0.80 30.69 -8.73
C LEU C 188 -0.07 30.50 -7.40
N ASP C 189 -0.86 30.17 -6.36
CA ASP C 189 -0.32 29.86 -5.06
C ASP C 189 0.19 28.42 -5.07
N GLU C 190 -0.47 27.54 -5.82
CA GLU C 190 0.00 26.17 -5.94
C GLU C 190 1.21 26.16 -6.89
N LEU C 191 1.11 26.91 -8.00
CA LEU C 191 2.21 27.00 -8.94
C LEU C 191 3.43 27.53 -8.21
N ARG C 192 3.26 28.62 -7.43
CA ARG C 192 4.34 29.21 -6.67
C ARG C 192 5.04 28.20 -5.76
N ASP C 193 4.25 27.32 -5.11
CA ASP C 193 4.72 26.37 -4.10
C ASP C 193 5.37 25.15 -4.76
N GLU C 194 4.82 24.73 -5.91
CA GLU C 194 5.38 23.64 -6.70
C GLU C 194 6.72 24.05 -7.34
N GLY C 195 6.85 25.31 -7.78
CA GLY C 195 8.11 25.85 -8.28
C GLY C 195 9.16 26.02 -7.17
N LYS C 196 8.72 26.37 -5.95
CA LYS C 196 9.60 26.41 -4.80
C LYS C 196 10.24 25.03 -4.61
N ALA C 197 9.42 23.97 -4.62
CA ALA C 197 9.88 22.61 -4.37
C ALA C 197 10.83 22.10 -5.45
N SER C 198 10.41 22.12 -6.73
CA SER C 198 11.21 21.55 -7.82
C SER C 198 12.53 22.30 -7.97
N SER C 199 12.54 23.59 -7.60
CA SER C 199 13.77 24.37 -7.49
C SER C 199 14.68 23.80 -6.40
N ALA C 200 14.12 23.68 -5.19
CA ALA C 200 14.91 23.26 -4.05
C ALA C 200 15.55 21.91 -4.31
N LYS C 201 14.79 21.04 -4.99
CA LYS C 201 15.19 19.67 -5.31
C LYS C 201 16.30 19.67 -6.35
N GLN C 202 16.15 20.53 -7.37
CA GLN C 202 17.07 20.55 -8.49
C GLN C 202 18.42 21.13 -8.07
N ARG C 203 18.43 21.92 -6.98
CA ARG C 203 19.65 22.45 -6.40
C ARG C 203 20.35 21.33 -5.62
N LEU C 204 19.59 20.50 -4.95
CA LEU C 204 20.30 19.48 -4.16
C LEU C 204 20.95 18.54 -5.16
N LYS C 205 20.25 18.22 -6.24
CA LYS C 205 20.79 17.26 -7.21
C LYS C 205 22.06 17.77 -7.87
N CYS C 206 22.06 19.01 -8.30
CA CYS C 206 23.27 19.59 -8.92
C CYS C 206 24.36 19.54 -7.87
N ALA C 207 24.08 20.14 -6.73
CA ALA C 207 25.15 20.23 -5.72
C ALA C 207 25.59 18.84 -5.30
N SER C 208 24.64 17.96 -5.09
CA SER C 208 25.11 16.65 -4.60
C SER C 208 26.01 16.01 -5.65
N LEU C 209 25.63 16.10 -6.91
CA LEU C 209 26.46 15.40 -7.90
C LEU C 209 27.84 16.04 -7.91
N GLN C 210 27.88 17.36 -7.87
CA GLN C 210 29.22 17.95 -7.94
C GLN C 210 30.12 17.61 -6.76
N LYS C 211 29.61 17.68 -5.53
CA LYS C 211 30.46 17.24 -4.38
C LYS C 211 30.81 15.74 -4.33
N PHE C 212 29.85 14.86 -4.59
CA PHE C 212 30.09 13.40 -4.43
C PHE C 212 30.42 12.68 -5.71
N GLY C 213 30.40 13.39 -6.83
CA GLY C 213 30.65 12.79 -8.14
C GLY C 213 29.45 12.15 -8.79
N GLU C 214 29.63 11.61 -9.98
CA GLU C 214 28.56 10.94 -10.77
C GLU C 214 28.03 9.69 -10.08
N ARG C 215 28.92 8.92 -9.46
CA ARG C 215 28.44 7.61 -8.98
C ARG C 215 27.36 7.75 -7.94
N ALA C 216 27.49 8.68 -7.02
CA ALA C 216 26.45 8.73 -5.98
C ALA C 216 25.12 9.05 -6.62
N PHE C 217 25.12 9.97 -7.58
CA PHE C 217 23.88 10.32 -8.29
C PHE C 217 23.40 9.13 -9.04
N LYS C 218 24.34 8.42 -9.65
CA LYS C 218 23.97 7.22 -10.44
C LYS C 218 23.34 6.18 -9.50
N ALA C 219 23.92 6.03 -8.31
CA ALA C 219 23.34 5.11 -7.31
C ALA C 219 21.95 5.58 -6.89
N TRP C 220 21.80 6.87 -6.69
CA TRP C 220 20.50 7.39 -6.26
C TRP C 220 19.49 7.10 -7.34
N ALA C 221 19.90 7.31 -8.57
CA ALA C 221 18.95 7.14 -9.68
C ALA C 221 18.52 5.69 -9.73
N VAL C 222 19.49 4.80 -9.53
CA VAL C 222 19.10 3.38 -9.71
C VAL C 222 18.06 3.05 -8.66
N ALA C 223 18.27 3.51 -7.44
CA ALA C 223 17.28 3.08 -6.45
C ALA C 223 15.92 3.64 -6.82
N ARG C 224 15.89 4.92 -7.21
CA ARG C 224 14.56 5.51 -7.49
C ARG C 224 13.86 4.87 -8.66
N LEU C 225 14.59 4.64 -9.74
CA LEU C 225 13.97 4.09 -10.96
C LEU C 225 13.45 2.68 -10.71
N SER C 226 14.25 1.91 -10.00
CA SER C 226 13.89 0.50 -9.71
C SER C 226 12.63 0.42 -8.86
N GLN C 227 12.49 1.29 -7.87
CA GLN C 227 11.23 1.29 -7.09
C GLN C 227 10.09 1.64 -8.04
N ARG C 228 10.32 2.62 -8.91
CA ARG C 228 9.32 3.04 -9.92
C ARG C 228 9.02 1.91 -10.89
N PHE C 229 10.05 1.17 -11.30
CA PHE C 229 9.87 0.12 -12.32
C PHE C 229 10.50 -1.16 -11.82
N PRO C 230 9.85 -1.83 -10.86
CA PRO C 230 10.36 -3.04 -10.27
C PRO C 230 10.46 -4.11 -11.33
N LYS C 231 9.49 -4.18 -12.23
CA LYS C 231 9.40 -5.21 -13.29
C LYS C 231 10.58 -5.15 -14.27
N ALA C 232 11.03 -3.96 -14.63
CA ALA C 232 12.06 -3.79 -15.67
C ALA C 232 13.40 -4.39 -15.31
N GLU C 233 14.09 -4.90 -16.32
CA GLU C 233 15.42 -5.53 -16.17
C GLU C 233 16.49 -4.52 -15.76
N PHE C 234 17.51 -4.94 -15.05
CA PHE C 234 18.52 -4.01 -14.51
C PHE C 234 19.14 -3.34 -15.67
N ALA C 235 19.38 -4.10 -16.73
CA ALA C 235 20.07 -3.50 -17.86
C ALA C 235 19.23 -2.36 -18.44
N GLU C 236 17.92 -2.54 -18.53
CA GLU C 236 17.14 -1.37 -19.03
C GLU C 236 17.27 -0.20 -18.06
N VAL C 237 17.22 -0.48 -16.76
CA VAL C 237 17.26 0.64 -15.77
C VAL C 237 18.59 1.38 -15.88
N SER C 238 19.68 0.65 -16.02
CA SER C 238 21.03 1.28 -16.06
C SER C 238 21.15 2.19 -17.26
N LYS C 239 20.62 1.77 -18.40
CA LYS C 239 20.79 2.60 -19.60
C LYS C 239 20.08 3.91 -19.35
N LEU C 240 18.91 3.82 -18.75
CA LEU C 240 18.17 5.04 -18.41
C LEU C 240 18.99 5.86 -17.39
N VAL C 241 19.60 5.20 -16.41
CA VAL C 241 20.33 5.97 -15.36
C VAL C 241 21.50 6.71 -16.02
N THR C 242 22.21 6.08 -16.94
CA THR C 242 23.31 6.78 -17.60
C THR C 242 22.76 7.95 -18.37
N ASP C 243 21.64 7.75 -19.07
CA ASP C 243 20.99 8.85 -19.81
C ASP C 243 20.47 9.95 -18.89
N LEU C 244 19.86 9.61 -17.78
CA LEU C 244 19.36 10.60 -16.79
C LEU C 244 20.52 11.39 -16.19
N THR C 245 21.61 10.70 -15.91
CA THR C 245 22.70 11.41 -15.23
C THR C 245 23.20 12.48 -16.15
N LYS C 246 23.29 12.18 -17.43
CA LYS C 246 23.79 13.18 -18.41
C LYS C 246 22.89 14.40 -18.49
N VAL C 247 21.58 14.20 -18.49
CA VAL C 247 20.74 15.40 -18.68
C VAL C 247 20.98 16.33 -17.51
N HIS C 248 21.02 15.76 -16.32
CA HIS C 248 21.28 16.55 -15.09
C HIS C 248 22.67 17.19 -15.08
N THR C 249 23.70 16.46 -15.50
CA THR C 249 25.04 17.04 -15.41
C THR C 249 25.14 18.25 -16.27
N GLU C 250 24.58 18.16 -17.47
CA GLU C 250 24.57 19.33 -18.36
C GLU C 250 23.77 20.47 -17.75
N CYS C 251 22.64 20.14 -17.17
CA CYS C 251 21.75 21.19 -16.63
C CYS C 251 22.48 21.92 -15.52
N CYS C 252 23.19 21.16 -14.68
CA CYS C 252 24.00 21.75 -13.58
C CYS C 252 25.12 22.61 -14.18
N HIS C 253 25.73 22.15 -15.27
CA HIS C 253 26.79 22.86 -16.04
C HIS C 253 26.16 24.11 -16.66
N GLY C 254 24.86 24.11 -16.85
CA GLY C 254 24.19 25.22 -17.53
C GLY C 254 24.13 25.03 -19.01
N ASP C 255 24.50 23.86 -19.49
CA ASP C 255 24.36 23.73 -20.96
C ASP C 255 22.88 23.88 -21.34
N LEU C 256 21.90 23.28 -20.65
CA LEU C 256 20.45 23.63 -20.76
C LEU C 256 19.75 23.23 -22.06
N LEU C 257 20.21 23.75 -23.18
CA LEU C 257 19.57 23.45 -24.48
C LEU C 257 19.73 21.96 -24.72
N GLU C 258 20.91 21.46 -24.40
CA GLU C 258 21.19 20.00 -24.50
C GLU C 258 20.32 19.19 -23.54
N CYS C 259 20.10 19.65 -22.30
CA CYS C 259 19.34 18.78 -21.38
C CYS C 259 17.97 18.60 -21.99
N ALA C 260 17.43 19.68 -22.52
CA ALA C 260 16.07 19.60 -23.07
C ALA C 260 16.05 18.59 -24.20
N ASP C 261 17.00 18.68 -25.11
CA ASP C 261 17.03 17.77 -26.29
C ASP C 261 17.19 16.36 -25.75
N ASP C 262 18.02 16.20 -24.74
CA ASP C 262 18.31 14.85 -24.29
C ASP C 262 17.16 14.31 -23.44
N ARG C 263 16.64 15.13 -22.52
CA ARG C 263 15.47 14.74 -21.75
C ARG C 263 14.35 14.34 -22.70
N ALA C 264 14.08 15.17 -23.72
CA ALA C 264 13.08 14.86 -24.74
C ALA C 264 13.35 13.49 -25.38
N ASP C 265 14.62 13.14 -25.52
CA ASP C 265 15.02 11.87 -26.08
C ASP C 265 14.76 10.72 -25.09
N LEU C 266 14.89 10.97 -23.78
CA LEU C 266 14.51 9.96 -22.79
C LEU C 266 13.02 9.60 -22.96
N ALA C 267 12.14 10.57 -22.72
CA ALA C 267 10.71 10.34 -22.82
C ALA C 267 10.42 9.64 -24.14
N LYS C 268 10.95 10.17 -25.24
CA LYS C 268 10.79 9.53 -26.55
C LYS C 268 11.07 8.03 -26.41
N TYR C 269 12.24 7.70 -25.86
CA TYR C 269 12.72 6.33 -25.70
C TYR C 269 11.79 5.51 -24.80
N ILE C 270 11.46 6.06 -23.63
CA ILE C 270 10.66 5.39 -22.63
C ILE C 270 9.28 5.07 -23.20
N CYS C 271 8.69 6.02 -23.94
CA CYS C 271 7.38 5.89 -24.57
C CYS C 271 7.36 4.74 -25.56
N GLU C 272 8.47 4.55 -26.28
CA GLU C 272 8.57 3.46 -27.23
C GLU C 272 8.92 2.14 -26.55
N ASN C 273 9.39 2.18 -25.29
CA ASN C 273 9.82 0.97 -24.60
C ASN C 273 8.98 0.72 -23.34
N GLN C 274 7.72 1.15 -23.34
CA GLN C 274 6.86 1.04 -22.17
C GLN C 274 6.82 -0.39 -21.65
N ASP C 275 6.66 -1.34 -22.58
CA ASP C 275 6.31 -2.71 -22.24
C ASP C 275 7.47 -3.35 -21.48
N SER C 276 8.69 -2.87 -21.70
CA SER C 276 9.83 -3.36 -20.93
C SER C 276 10.06 -2.59 -19.63
N ILE C 277 9.18 -1.62 -19.30
CA ILE C 277 9.49 -0.63 -18.29
C ILE C 277 8.35 -0.49 -17.29
N SER C 278 7.17 -0.06 -17.75
CA SER C 278 6.05 0.03 -16.83
C SER C 278 4.70 -0.04 -17.56
N SER C 279 3.70 -0.60 -16.87
CA SER C 279 2.32 -0.61 -17.32
C SER C 279 1.59 0.68 -16.96
N LYS C 280 2.31 1.67 -16.40
CA LYS C 280 1.71 2.90 -15.93
C LYS C 280 1.86 4.03 -16.95
N LEU C 281 2.61 3.78 -18.02
CA LEU C 281 3.06 4.88 -18.87
C LEU C 281 2.12 5.13 -20.05
N LYS C 282 1.03 4.36 -20.18
CA LYS C 282 0.19 4.49 -21.37
C LYS C 282 -0.48 5.86 -21.38
N GLU C 283 -1.14 6.19 -20.26
CA GLU C 283 -1.86 7.45 -20.09
C GLU C 283 -0.90 8.62 -20.34
N CYS C 284 0.33 8.54 -19.83
CA CYS C 284 1.30 9.62 -19.93
C CYS C 284 1.74 9.82 -21.38
N CYS C 285 2.12 8.71 -22.04
CA CYS C 285 2.90 8.76 -23.27
C CYS C 285 2.00 9.03 -24.47
N GLU C 286 0.74 9.41 -24.20
CA GLU C 286 -0.14 9.92 -25.22
C GLU C 286 -0.12 11.44 -25.19
N LYS C 287 0.34 12.02 -24.07
CA LYS C 287 0.22 13.45 -23.83
C LYS C 287 1.21 14.20 -24.71
N PRO C 288 1.03 15.53 -24.91
CA PRO C 288 1.97 16.34 -25.70
C PRO C 288 3.39 16.25 -25.16
N LEU C 289 4.37 16.72 -25.95
CA LEU C 289 5.78 16.48 -25.67
C LEU C 289 6.18 17.12 -24.33
N LEU C 290 5.73 18.34 -24.05
CA LEU C 290 6.10 19.01 -22.82
C LEU C 290 5.51 18.27 -21.62
N GLU C 291 4.19 18.01 -21.64
CA GLU C 291 3.49 17.33 -20.56
C GLU C 291 4.11 15.95 -20.32
N LYS C 292 4.18 15.16 -21.40
CA LYS C 292 4.70 13.79 -21.39
C LYS C 292 5.87 13.60 -20.44
N SER C 293 6.91 14.44 -20.61
CA SER C 293 8.17 14.26 -19.89
C SER C 293 8.08 14.64 -18.40
N HIS C 294 7.22 15.60 -18.06
CA HIS C 294 6.95 15.88 -16.66
C HIS C 294 6.18 14.72 -16.06
N CYS C 295 5.28 14.14 -16.86
CA CYS C 295 4.33 13.14 -16.41
C CYS C 295 5.07 11.86 -16.02
N ILE C 296 5.96 11.39 -16.93
CA ILE C 296 6.65 10.12 -16.78
C ILE C 296 7.49 10.18 -15.51
N ALA C 297 7.87 11.39 -15.08
CA ALA C 297 8.70 11.52 -13.90
C ALA C 297 7.84 11.35 -12.65
N GLU C 298 6.53 11.55 -12.80
CA GLU C 298 5.63 11.52 -11.62
C GLU C 298 4.74 10.29 -11.67
N VAL C 299 5.00 9.39 -12.61
CA VAL C 299 4.15 8.20 -12.81
C VAL C 299 4.25 7.32 -11.55
N GLU C 300 3.14 6.68 -11.19
CA GLU C 300 3.06 5.82 -10.00
C GLU C 300 3.89 4.54 -10.17
N ASN C 301 4.36 4.00 -9.06
CA ASN C 301 5.19 2.78 -9.06
C ASN C 301 4.41 1.62 -9.68
N ASP C 302 5.06 0.80 -10.52
CA ASP C 302 4.45 -0.42 -11.10
C ASP C 302 4.34 -1.50 -10.04
N GLU C 303 3.42 -2.44 -10.24
CA GLU C 303 3.19 -3.51 -9.24
C GLU C 303 4.45 -4.36 -9.13
N MET C 304 4.77 -4.80 -7.93
CA MET C 304 6.03 -5.53 -7.69
C MET C 304 5.99 -6.84 -8.47
N PRO C 305 7.13 -7.27 -9.02
CA PRO C 305 7.16 -8.46 -9.84
C PRO C 305 6.85 -9.79 -9.18
N ALA C 306 6.32 -10.71 -9.96
CA ALA C 306 6.01 -12.05 -9.42
C ALA C 306 7.24 -12.95 -9.38
N ASP C 307 7.27 -13.88 -8.44
CA ASP C 307 8.34 -14.90 -8.38
C ASP C 307 9.75 -14.31 -8.23
N LEU C 308 9.87 -13.23 -7.47
CA LEU C 308 11.23 -12.74 -7.15
C LEU C 308 11.89 -13.72 -6.19
N PRO C 309 13.18 -14.00 -6.35
CA PRO C 309 13.95 -14.80 -5.41
C PRO C 309 14.25 -14.00 -4.15
N SER C 310 14.54 -14.68 -3.07
CA SER C 310 14.91 -13.98 -1.82
C SER C 310 16.19 -13.19 -2.07
N LEU C 311 16.31 -12.02 -1.46
CA LEU C 311 17.47 -11.13 -1.66
C LEU C 311 18.73 -11.85 -1.19
N ALA C 312 18.64 -12.60 -0.10
CA ALA C 312 19.80 -13.22 0.57
C ALA C 312 20.51 -14.18 -0.36
N ALA C 313 19.79 -14.90 -1.20
CA ALA C 313 20.44 -15.97 -1.97
C ALA C 313 21.55 -15.50 -2.91
N ASP C 314 21.44 -14.40 -3.63
CA ASP C 314 22.58 -14.05 -4.53
C ASP C 314 23.51 -13.06 -3.83
N PHE C 315 23.17 -12.63 -2.62
CA PHE C 315 23.91 -11.55 -1.95
C PHE C 315 24.34 -11.87 -0.52
N VAL C 316 23.77 -12.90 0.12
CA VAL C 316 24.25 -13.24 1.49
C VAL C 316 24.54 -14.74 1.54
N GLU C 317 23.60 -15.56 1.09
CA GLU C 317 23.75 -17.05 1.06
C GLU C 317 24.88 -17.54 0.13
N SER C 318 25.04 -16.95 -1.04
CA SER C 318 25.96 -17.53 -2.04
C SER C 318 27.41 -17.53 -1.56
N LYS C 319 28.14 -18.58 -1.90
CA LYS C 319 29.59 -18.64 -1.57
C LYS C 319 30.35 -18.11 -2.78
N ASP C 320 29.77 -17.14 -3.48
CA ASP C 320 30.39 -16.56 -4.67
C ASP C 320 30.52 -15.05 -4.58
N VAL C 321 30.14 -14.45 -3.45
CA VAL C 321 29.94 -13.02 -3.40
C VAL C 321 31.27 -12.31 -3.70
N CYS C 322 32.34 -12.76 -3.06
CA CYS C 322 33.63 -12.14 -3.24
C CYS C 322 34.12 -12.35 -4.67
N LYS C 323 33.86 -13.53 -5.24
CA LYS C 323 34.21 -13.81 -6.62
C LYS C 323 33.38 -12.95 -7.58
N ASN C 324 32.13 -12.64 -7.18
CA ASN C 324 31.18 -11.94 -8.02
C ASN C 324 31.25 -10.42 -7.89
N TYR C 325 31.70 -9.96 -6.72
CA TYR C 325 31.96 -8.55 -6.43
C TYR C 325 33.28 -8.08 -7.08
N ALA C 326 34.29 -8.93 -7.01
CA ALA C 326 35.58 -8.56 -7.61
C ALA C 326 35.43 -8.32 -9.10
N GLU C 327 34.71 -9.19 -9.81
CA GLU C 327 34.68 -9.00 -11.27
C GLU C 327 34.03 -7.69 -11.67
N ALA C 328 32.92 -7.29 -11.05
CA ALA C 328 32.34 -5.95 -11.29
C ALA C 328 31.97 -5.28 -9.98
N LYS C 329 32.88 -4.83 -9.16
CA LYS C 329 32.42 -4.26 -7.86
C LYS C 329 31.17 -3.41 -8.07
N ASP C 330 31.14 -2.52 -9.07
CA ASP C 330 30.07 -1.53 -9.24
C ASP C 330 28.82 -2.22 -9.81
N VAL C 331 28.92 -2.91 -10.94
CA VAL C 331 27.72 -3.53 -11.50
C VAL C 331 27.15 -4.53 -10.48
N PHE C 332 27.98 -5.00 -9.54
CA PHE C 332 27.49 -5.86 -8.47
C PHE C 332 26.61 -5.07 -7.52
N LEU C 333 27.20 -4.05 -6.86
CA LEU C 333 26.47 -3.25 -5.90
C LEU C 333 25.25 -2.62 -6.56
N GLY C 334 25.44 -2.11 -7.79
CA GLY C 334 24.37 -1.58 -8.62
C GLY C 334 23.20 -2.54 -8.66
N MET C 335 23.48 -3.82 -8.94
CA MET C 335 22.45 -4.84 -8.97
C MET C 335 21.87 -5.05 -7.57
N PHE C 336 22.73 -5.15 -6.56
CA PHE C 336 22.28 -5.29 -5.18
C PHE C 336 21.20 -4.24 -4.86
N LEU C 337 21.51 -2.97 -5.11
CA LEU C 337 20.62 -1.87 -4.78
C LEU C 337 19.35 -1.93 -5.64
N TYR C 338 19.48 -2.35 -6.90
CA TYR C 338 18.34 -2.58 -7.78
C TYR C 338 17.39 -3.59 -7.16
N GLU C 339 17.95 -4.72 -6.71
CA GLU C 339 17.15 -5.80 -6.15
C GLU C 339 16.43 -5.32 -4.88
N TYR C 340 17.17 -4.68 -3.98
CA TYR C 340 16.57 -4.17 -2.76
C TYR C 340 15.44 -3.18 -3.07
N ALA C 341 15.67 -2.33 -4.08
CA ALA C 341 14.77 -1.22 -4.39
C ALA C 341 13.46 -1.72 -4.99
N ARG C 342 13.49 -2.66 -5.94
CA ARG C 342 12.25 -3.16 -6.51
C ARG C 342 11.35 -3.74 -5.41
N ARG C 343 12.00 -4.32 -4.40
CA ARG C 343 11.34 -4.98 -3.29
C ARG C 343 10.83 -3.99 -2.25
N HIS C 344 11.37 -2.78 -2.18
CA HIS C 344 10.94 -1.86 -1.14
C HIS C 344 10.57 -0.48 -1.67
N PRO C 345 9.45 -0.33 -2.42
CA PRO C 345 8.84 0.99 -2.63
C PRO C 345 8.68 1.80 -1.33
N ASP C 346 8.55 1.10 -0.20
CA ASP C 346 8.16 1.72 1.06
C ASP C 346 9.35 2.43 1.73
N TYR C 347 10.56 2.23 1.18
CA TYR C 347 11.75 2.81 1.76
C TYR C 347 12.06 4.15 1.11
N SER C 348 12.64 5.08 1.89
CA SER C 348 13.24 6.28 1.33
C SER C 348 14.48 5.85 0.52
N VAL C 349 14.71 6.58 -0.57
CA VAL C 349 15.83 6.34 -1.45
C VAL C 349 17.14 6.55 -0.70
N VAL C 350 17.15 7.41 0.32
CA VAL C 350 18.33 7.61 1.15
C VAL C 350 18.55 6.38 2.04
N LEU C 351 17.47 5.75 2.50
CA LEU C 351 17.60 4.53 3.28
C LEU C 351 18.27 3.42 2.44
N LEU C 352 17.79 3.21 1.22
CA LEU C 352 18.41 2.27 0.30
C LEU C 352 19.92 2.50 0.12
N LEU C 353 20.29 3.77 -0.05
CA LEU C 353 21.68 4.12 -0.26
C LEU C 353 22.44 3.84 1.04
N ARG C 354 21.87 4.18 2.19
CA ARG C 354 22.53 3.87 3.45
C ARG C 354 22.83 2.36 3.54
N LEU C 355 21.90 1.54 3.03
CA LEU C 355 22.09 0.11 3.05
C LEU C 355 23.19 -0.28 2.05
N ALA C 356 23.05 0.16 0.80
CA ALA C 356 24.02 -0.22 -0.22
C ALA C 356 25.43 0.10 0.30
N LYS C 357 25.59 1.29 0.88
CA LYS C 357 26.87 1.75 1.39
C LYS C 357 27.37 0.78 2.47
N THR C 358 26.47 0.37 3.40
CA THR C 358 26.79 -0.55 4.50
C THR C 358 27.25 -1.89 3.92
N TYR C 359 26.53 -2.37 2.89
CA TYR C 359 26.85 -3.64 2.27
C TYR C 359 28.26 -3.60 1.68
N GLU C 360 28.50 -2.62 0.80
CA GLU C 360 29.80 -2.31 0.24
C GLU C 360 30.89 -2.32 1.31
N THR C 361 30.60 -1.74 2.47
CA THR C 361 31.52 -1.76 3.61
C THR C 361 31.85 -3.21 4.00
N THR C 362 30.80 -4.03 4.13
CA THR C 362 30.91 -5.38 4.68
C THR C 362 31.75 -6.26 3.73
N LEU C 363 31.41 -6.26 2.44
CA LEU C 363 32.15 -7.02 1.47
C LEU C 363 33.65 -6.72 1.52
N GLU C 364 34.04 -5.54 1.99
CA GLU C 364 35.44 -5.17 1.93
C GLU C 364 36.14 -5.52 3.23
N LYS C 365 35.36 -5.87 4.24
CA LYS C 365 35.97 -6.34 5.49
C LYS C 365 35.95 -7.85 5.40
N CYS C 366 34.77 -8.39 5.14
CA CYS C 366 34.62 -9.86 5.09
C CYS C 366 35.44 -10.53 3.98
N CYS C 367 35.47 -9.96 2.78
CA CYS C 367 36.15 -10.66 1.64
C CYS C 367 37.65 -10.84 1.91
N ALA C 368 38.32 -9.85 2.46
CA ALA C 368 39.76 -9.94 2.80
C ALA C 368 39.97 -11.02 3.87
N ALA C 369 39.07 -11.10 4.82
CA ALA C 369 39.20 -12.03 5.97
C ALA C 369 39.05 -13.51 5.60
N ALA C 370 39.68 -14.39 6.38
CA ALA C 370 39.52 -15.85 6.20
C ALA C 370 38.10 -16.23 6.57
N ASP C 371 37.52 -17.28 5.97
CA ASP C 371 36.08 -17.56 6.27
C ASP C 371 35.19 -16.35 6.00
N PRO C 372 35.28 -15.70 4.82
CA PRO C 372 34.56 -14.47 4.52
C PRO C 372 33.06 -14.71 4.60
N HIS C 373 32.57 -15.85 4.15
CA HIS C 373 31.11 -16.08 4.08
C HIS C 373 30.56 -15.99 5.49
N GLU C 374 31.28 -16.50 6.47
CA GLU C 374 30.68 -16.42 7.80
C GLU C 374 30.48 -14.96 8.19
N CYS C 375 31.46 -14.10 7.90
CA CYS C 375 31.29 -12.66 8.19
C CYS C 375 30.15 -11.97 7.41
N TYR C 376 30.01 -12.23 6.12
CA TYR C 376 28.88 -11.62 5.37
C TYR C 376 27.58 -12.13 5.87
N ALA C 377 27.53 -13.41 6.16
CA ALA C 377 26.24 -14.05 6.49
C ALA C 377 25.40 -13.22 7.46
N LYS C 378 26.03 -12.62 8.45
CA LYS C 378 25.21 -11.94 9.44
C LYS C 378 25.00 -10.47 9.07
N VAL C 379 24.85 -10.18 7.77
CA VAL C 379 24.90 -8.80 7.28
C VAL C 379 23.53 -8.17 7.45
N PHE C 380 22.46 -8.97 7.44
CA PHE C 380 21.12 -8.43 7.52
C PHE C 380 20.88 -7.91 8.93
N ASP C 381 21.68 -8.36 9.89
CA ASP C 381 21.64 -7.86 11.26
C ASP C 381 22.24 -6.46 11.39
N GLU C 382 22.81 -5.93 10.30
CA GLU C 382 23.29 -4.56 10.27
C GLU C 382 22.28 -3.65 9.55
N PHE C 383 21.59 -4.21 8.54
CA PHE C 383 20.55 -3.48 7.84
C PHE C 383 19.42 -3.11 8.80
N LYS C 384 19.13 -3.99 9.78
CA LYS C 384 17.94 -3.88 10.60
C LYS C 384 17.93 -2.55 11.36
N PRO C 385 18.97 -2.20 12.14
CA PRO C 385 19.01 -0.91 12.84
C PRO C 385 18.81 0.33 11.99
N LEU C 386 19.24 0.28 10.72
CA LEU C 386 19.17 1.41 9.79
C LEU C 386 17.77 1.56 9.18
N VAL C 387 17.04 0.43 9.07
CA VAL C 387 15.67 0.43 8.57
C VAL C 387 14.70 0.94 9.65
N GLU C 388 15.01 0.66 10.92
CA GLU C 388 14.06 0.87 12.01
C GLU C 388 14.22 2.25 12.66
N GLU C 389 15.41 2.85 12.55
CA GLU C 389 15.61 4.22 13.02
C GLU C 389 14.52 5.11 12.42
N PRO C 390 14.42 5.25 11.07
CA PRO C 390 13.42 6.10 10.43
C PRO C 390 11.98 5.66 10.70
N GLN C 391 11.72 4.35 10.64
CA GLN C 391 10.37 3.84 10.80
C GLN C 391 9.81 4.23 12.17
N ASN C 392 10.58 3.99 13.24
CA ASN C 392 10.18 4.32 14.59
C ASN C 392 10.08 5.84 14.77
N LEU C 393 10.94 6.57 14.05
CA LEU C 393 10.89 8.02 14.06
C LEU C 393 9.59 8.52 13.45
N ILE C 394 9.17 7.91 12.33
CA ILE C 394 7.97 8.35 11.63
C ILE C 394 6.73 8.12 12.49
N LYS C 395 6.75 7.02 13.26
CA LYS C 395 5.62 6.64 14.09
C LYS C 395 5.48 7.63 15.25
N GLN C 396 6.52 7.71 16.11
CA GLN C 396 6.49 8.62 17.26
C GLN C 396 5.96 9.99 16.87
N ASN C 397 6.23 10.43 15.63
CA ASN C 397 5.83 11.74 15.14
C ASN C 397 4.44 11.71 14.51
N CYS C 398 4.09 10.64 13.81
CA CYS C 398 2.73 10.55 13.31
C CYS C 398 1.75 10.33 14.45
N GLU C 399 2.18 9.65 15.52
CA GLU C 399 1.37 9.51 16.73
C GLU C 399 1.11 10.88 17.35
N LEU C 400 2.19 11.64 17.53
CA LEU C 400 2.13 12.92 18.19
C LEU C 400 1.29 13.90 17.37
N PHE C 401 1.36 13.82 16.02
CA PHE C 401 0.55 14.67 15.15
C PHE C 401 -0.91 14.27 15.16
N GLU C 402 -1.19 13.01 15.53
CA GLU C 402 -2.53 12.44 15.47
C GLU C 402 -3.28 12.75 16.76
N GLN C 403 -2.57 13.09 17.84
CA GLN C 403 -3.24 13.63 19.02
C GLN C 403 -3.38 15.17 18.92
N LEU C 404 -2.28 15.87 18.63
CA LEU C 404 -2.22 17.32 18.83
C LEU C 404 -2.93 18.08 17.70
N GLY C 405 -2.86 17.57 16.48
CA GLY C 405 -3.25 18.34 15.30
C GLY C 405 -2.13 19.30 14.86
N GLU C 406 -2.23 19.78 13.61
CA GLU C 406 -1.24 20.61 12.95
C GLU C 406 -0.67 21.70 13.89
N TYR C 407 -1.52 22.57 14.44
CA TYR C 407 -1.04 23.73 15.18
C TYR C 407 -0.29 23.26 16.42
N LYS C 408 -0.96 22.52 17.30
CA LYS C 408 -0.36 22.16 18.58
C LYS C 408 0.89 21.32 18.34
N PHE C 409 0.90 20.56 17.24
CA PHE C 409 2.04 19.76 16.85
C PHE C 409 3.19 20.70 16.49
N GLN C 410 2.88 21.73 15.71
CA GLN C 410 3.84 22.76 15.36
C GLN C 410 4.56 23.22 16.63
N ASN C 411 3.80 23.47 17.68
CA ASN C 411 4.32 24.01 18.94
C ASN C 411 5.30 23.02 19.58
N ALA C 412 4.92 21.74 19.63
CA ALA C 412 5.79 20.73 20.20
C ALA C 412 7.12 20.71 19.45
N LEU C 413 7.10 21.02 18.13
CA LEU C 413 8.29 21.08 17.29
C LEU C 413 9.13 22.32 17.61
N LEU C 414 8.48 23.46 17.92
CA LEU C 414 9.18 24.69 18.26
C LEU C 414 10.05 24.46 19.49
N VAL C 415 9.51 23.75 20.49
CA VAL C 415 10.26 23.51 21.70
C VAL C 415 11.47 22.65 21.36
N ARG C 416 11.23 21.57 20.61
CA ARG C 416 12.25 20.61 20.23
C ARG C 416 13.44 21.34 19.64
N TYR C 417 13.20 22.05 18.53
CA TYR C 417 14.25 22.61 17.69
C TYR C 417 14.73 23.98 18.14
N THR C 418 14.19 24.51 19.25
CA THR C 418 14.79 25.67 19.89
C THR C 418 15.70 25.18 21.00
N LYS C 419 15.38 24.02 21.59
CA LYS C 419 16.23 23.38 22.59
C LYS C 419 17.44 22.74 21.90
N LYS C 420 17.30 22.44 20.60
CA LYS C 420 18.35 21.80 19.81
C LYS C 420 19.36 22.85 19.35
N VAL C 421 18.86 23.89 18.66
CA VAL C 421 19.71 24.93 18.09
C VAL C 421 19.17 26.31 18.49
N PRO C 422 19.30 26.73 19.78
CA PRO C 422 18.72 28.00 20.25
C PRO C 422 19.33 29.26 19.63
N GLN C 423 20.53 29.11 19.08
CA GLN C 423 21.29 30.27 18.65
C GLN C 423 20.62 30.85 17.39
N VAL C 424 19.79 30.05 16.72
CA VAL C 424 19.19 30.44 15.46
C VAL C 424 18.03 31.42 15.70
N SER C 425 17.71 32.20 14.66
CA SER C 425 16.85 33.38 14.74
C SER C 425 15.38 33.01 14.77
N THR C 426 14.58 33.69 15.63
CA THR C 426 13.25 33.26 16.03
C THR C 426 12.30 33.19 14.84
N PRO C 427 12.22 34.20 13.95
CA PRO C 427 11.33 34.13 12.79
C PRO C 427 11.59 32.91 11.91
N THR C 428 12.85 32.45 11.91
CA THR C 428 13.29 31.27 11.18
C THR C 428 12.74 29.99 11.81
N LEU C 429 12.91 29.83 13.14
CA LEU C 429 12.40 28.67 13.87
C LEU C 429 10.89 28.54 13.68
N VAL C 430 10.19 29.67 13.75
CA VAL C 430 8.75 29.70 13.60
C VAL C 430 8.33 29.45 12.15
N GLU C 431 9.27 29.46 11.20
CA GLU C 431 8.94 29.18 9.83
C GLU C 431 9.30 27.73 9.48
N VAL C 432 10.39 27.23 10.07
CA VAL C 432 10.71 25.80 9.93
C VAL C 432 9.56 25.01 10.53
N SER C 433 9.28 25.25 11.83
CA SER C 433 8.37 24.42 12.61
C SER C 433 6.97 24.39 12.01
N ARG C 434 6.56 25.49 11.38
CA ARG C 434 5.28 25.56 10.71
C ARG C 434 5.28 24.65 9.48
N ASN C 435 6.33 24.77 8.64
CA ASN C 435 6.45 23.94 7.45
C ASN C 435 6.45 22.46 7.83
N LEU C 436 7.37 22.10 8.72
CA LEU C 436 7.53 20.68 9.12
C LEU C 436 6.23 20.11 9.69
N GLY C 437 5.49 20.90 10.46
CA GLY C 437 4.18 20.43 10.95
C GLY C 437 3.27 20.20 9.78
N LYS C 438 3.34 21.08 8.77
CA LYS C 438 2.50 20.93 7.56
C LYS C 438 3.00 19.71 6.80
N VAL C 439 4.30 19.46 6.91
CA VAL C 439 4.87 18.25 6.26
C VAL C 439 4.17 17.09 6.97
N GLY C 440 3.99 17.19 8.29
CA GLY C 440 3.31 16.14 9.06
C GLY C 440 1.89 15.98 8.60
N SER C 441 1.21 17.08 8.33
CA SER C 441 -0.20 16.87 7.93
C SER C 441 -0.12 16.06 6.66
N LYS C 442 0.80 16.43 5.78
CA LYS C 442 1.03 15.56 4.62
C LYS C 442 1.74 14.30 5.14
N CYS C 443 1.38 13.12 4.68
CA CYS C 443 2.12 11.87 4.94
C CYS C 443 1.75 11.20 6.26
N CYS C 444 0.94 11.81 7.13
CA CYS C 444 0.42 11.04 8.28
C CYS C 444 -0.97 10.64 7.81
N LYS C 445 -1.49 11.38 6.84
CA LYS C 445 -2.76 11.04 6.16
C LYS C 445 -2.53 9.73 5.47
N HIS C 446 -1.34 9.62 4.91
CA HIS C 446 -0.96 8.48 4.06
C HIS C 446 -0.82 7.17 4.82
N PRO C 447 -1.08 6.09 4.09
CA PRO C 447 -0.97 4.77 4.65
C PRO C 447 0.49 4.68 4.88
N GLU C 448 0.92 3.85 5.81
CA GLU C 448 2.31 3.87 6.31
C GLU C 448 3.28 3.57 5.18
N ALA C 449 2.97 2.71 4.24
CA ALA C 449 3.96 2.35 3.22
C ALA C 449 4.35 3.59 2.41
N LYS C 450 3.42 4.47 2.08
CA LYS C 450 3.67 5.74 1.35
C LYS C 450 4.57 6.72 2.11
N ARG C 451 4.48 6.84 3.43
CA ARG C 451 5.12 7.94 4.22
C ARG C 451 6.65 8.09 4.23
N MET C 452 7.46 7.04 4.31
CA MET C 452 8.92 7.32 4.33
C MET C 452 9.35 7.99 3.02
N PRO C 453 8.87 7.56 1.85
CA PRO C 453 9.15 8.29 0.63
C PRO C 453 8.60 9.71 0.60
N CYS C 454 7.37 9.91 1.08
CA CYS C 454 6.76 11.25 1.15
C CYS C 454 7.53 12.17 2.08
N ALA C 455 7.96 11.67 3.24
CA ALA C 455 8.73 12.48 4.19
C ALA C 455 10.07 12.90 3.62
N GLU C 456 10.73 11.99 2.93
CA GLU C 456 12.09 12.30 2.45
C GLU C 456 11.91 13.35 1.38
N ASP C 457 10.86 13.18 0.60
CA ASP C 457 10.57 14.19 -0.39
C ASP C 457 10.49 15.58 0.26
N TYR C 458 9.54 15.77 1.18
CA TYR C 458 9.23 17.08 1.71
C TYR C 458 10.38 17.58 2.58
N LEU C 459 10.99 16.66 3.34
CA LEU C 459 12.00 16.99 4.33
C LEU C 459 13.31 17.47 3.65
N SER C 460 13.60 16.98 2.46
CA SER C 460 14.85 17.34 1.82
C SER C 460 14.82 18.78 1.29
N VAL C 461 13.63 19.25 0.90
CA VAL C 461 13.43 20.65 0.55
C VAL C 461 13.79 21.51 1.75
N VAL C 462 13.30 21.13 2.94
CA VAL C 462 13.39 22.00 4.09
C VAL C 462 14.84 22.04 4.55
N LEU C 463 15.49 20.89 4.49
CA LEU C 463 16.91 20.84 4.90
C LEU C 463 17.72 21.57 3.83
N ASN C 464 17.34 21.47 2.57
CA ASN C 464 18.12 22.27 1.61
C ASN C 464 17.98 23.76 1.90
N GLN C 465 16.76 24.21 2.20
CA GLN C 465 16.59 25.66 2.40
C GLN C 465 17.38 26.09 3.63
N LEU C 466 17.30 25.27 4.68
CA LEU C 466 18.00 25.66 5.93
C LEU C 466 19.49 25.68 5.65
N CYS C 467 19.99 24.69 4.91
CA CYS C 467 21.46 24.62 4.73
C CYS C 467 21.97 25.83 3.94
N VAL C 468 21.24 26.24 2.90
CA VAL C 468 21.65 27.48 2.18
C VAL C 468 21.54 28.71 3.11
N LEU C 469 20.47 28.80 3.88
CA LEU C 469 20.27 29.97 4.77
C LEU C 469 21.36 30.00 5.83
N HIS C 470 21.70 28.84 6.37
CA HIS C 470 22.65 28.90 7.51
C HIS C 470 23.99 29.46 7.07
N GLU C 471 24.46 29.07 5.89
CA GLU C 471 25.84 29.51 5.56
C GLU C 471 25.88 31.05 5.48
N LYS C 472 24.87 31.65 4.88
CA LYS C 472 24.93 33.13 4.71
C LYS C 472 24.95 33.75 6.11
N THR C 473 24.15 33.22 7.02
CA THR C 473 24.03 33.79 8.38
C THR C 473 24.17 32.67 9.37
N PRO C 474 25.38 32.14 9.61
CA PRO C 474 25.51 30.96 10.46
C PRO C 474 25.63 31.00 11.97
N VAL C 475 24.64 30.49 12.70
CA VAL C 475 24.78 30.35 14.17
C VAL C 475 25.65 29.21 14.71
N SER C 476 25.57 28.00 14.14
CA SER C 476 26.23 26.83 14.81
C SER C 476 27.12 25.94 13.95
N ASP C 477 28.21 25.46 14.53
CA ASP C 477 29.10 24.49 13.85
C ASP C 477 28.36 23.19 13.56
N ARG C 478 27.53 22.73 14.49
CA ARG C 478 26.90 21.40 14.33
C ARG C 478 25.99 21.38 13.11
N VAL C 479 25.24 22.44 12.90
CA VAL C 479 24.33 22.49 11.73
C VAL C 479 25.19 22.45 10.46
N THR C 480 26.32 23.15 10.46
CA THR C 480 27.21 23.17 9.29
C THR C 480 27.73 21.78 9.06
N LYS C 481 28.06 21.07 10.12
CA LYS C 481 28.47 19.66 9.96
C LYS C 481 27.34 18.97 9.23
N CYS C 482 26.20 18.82 9.91
CA CYS C 482 25.13 18.08 9.23
C CYS C 482 24.98 18.61 7.80
N CYS C 483 25.02 19.93 7.64
CA CYS C 483 24.74 20.49 6.30
C CYS C 483 25.77 20.04 5.24
N THR C 484 27.06 20.02 5.57
CA THR C 484 28.14 19.63 4.61
C THR C 484 28.41 18.13 4.61
N GLU C 485 27.80 17.37 5.50
CA GLU C 485 27.90 15.89 5.58
C GLU C 485 27.13 15.28 4.42
N SER C 486 27.43 14.04 4.06
CA SER C 486 26.81 13.49 2.83
C SER C 486 25.28 13.43 2.95
N LEU C 487 24.63 13.76 1.85
CA LEU C 487 23.15 13.82 1.80
C LEU C 487 22.50 12.64 2.50
N VAL C 488 23.05 11.46 2.35
CA VAL C 488 22.36 10.31 2.89
C VAL C 488 22.37 10.38 4.42
N ASN C 489 23.42 10.96 5.00
CA ASN C 489 23.53 11.08 6.45
C ASN C 489 23.15 12.48 6.93
N ARG C 490 22.43 13.22 6.08
CA ARG C 490 22.04 14.58 6.44
C ARG C 490 21.00 14.48 7.54
N ARG C 491 19.80 14.02 7.16
CA ARG C 491 18.66 13.96 8.05
C ARG C 491 19.04 13.24 9.36
N PRO C 492 19.66 12.03 9.36
CA PRO C 492 20.04 11.34 10.60
C PRO C 492 21.05 12.12 11.44
N CYS C 493 21.85 12.97 10.79
CA CYS C 493 22.78 13.80 11.54
C CYS C 493 22.03 14.93 12.26
N PHE C 494 20.87 15.36 11.72
CA PHE C 494 20.00 16.37 12.34
C PHE C 494 19.24 15.80 13.53
N SER C 495 18.57 14.66 13.32
CA SER C 495 17.81 14.00 14.38
C SER C 495 18.70 13.59 15.56
N ALA C 496 20.02 13.44 15.34
CA ALA C 496 20.97 13.06 16.39
C ALA C 496 21.26 14.21 17.36
N LEU C 497 21.15 15.46 16.86
CA LEU C 497 21.43 16.65 17.65
C LEU C 497 20.76 16.59 19.03
N GLU C 498 21.53 16.91 20.07
CA GLU C 498 20.98 16.96 21.42
C GLU C 498 20.75 18.42 21.81
N VAL C 499 20.19 18.62 23.00
CA VAL C 499 20.02 19.95 23.57
C VAL C 499 21.39 20.64 23.66
N ASP C 500 21.49 21.89 23.18
CA ASP C 500 22.78 22.58 23.01
C ASP C 500 23.32 23.16 24.33
N GLU C 501 24.43 22.59 24.83
CA GLU C 501 24.96 22.89 26.16
C GLU C 501 25.94 24.06 26.18
N THR C 502 26.01 24.86 25.09
CA THR C 502 26.91 26.00 25.05
C THR C 502 26.11 27.30 24.97
N TYR C 503 24.81 27.24 25.29
CA TYR C 503 23.90 28.35 25.07
C TYR C 503 23.67 29.12 26.37
N VAL C 504 23.89 30.44 26.33
CA VAL C 504 23.64 31.28 27.48
C VAL C 504 22.18 31.73 27.44
N PRO C 505 21.32 31.29 28.40
CA PRO C 505 19.94 31.72 28.43
C PRO C 505 19.71 33.21 28.31
N LYS C 506 18.74 33.62 27.51
CA LYS C 506 18.41 35.04 27.27
C LYS C 506 17.77 35.71 28.49
N GLU C 507 17.98 37.02 28.65
CA GLU C 507 17.43 37.85 29.76
C GLU C 507 15.92 38.09 29.54
N PHE C 508 15.18 38.49 30.57
CA PHE C 508 13.68 38.48 30.52
C PHE C 508 13.05 39.35 29.44
N ASN C 509 13.51 40.56 29.14
CA ASN C 509 12.86 41.19 27.95
C ASN C 509 11.34 41.19 28.09
N ALA C 510 10.77 41.74 29.15
CA ALA C 510 9.35 41.60 29.52
C ALA C 510 8.40 42.09 28.43
N GLU C 511 8.72 43.15 27.71
CA GLU C 511 7.74 43.65 26.73
C GLU C 511 7.49 42.51 25.76
N THR C 512 8.49 41.73 25.38
CA THR C 512 8.27 40.68 24.39
C THR C 512 7.26 39.73 24.99
N PHE C 513 7.37 39.43 26.27
CA PHE C 513 6.35 38.61 26.97
C PHE C 513 4.98 39.32 26.99
N THR C 514 4.91 40.63 27.17
CA THR C 514 3.60 41.31 27.29
C THR C 514 2.79 41.19 26.02
N PHE C 515 1.47 40.99 26.16
CA PHE C 515 0.57 40.78 24.99
C PHE C 515 -0.56 41.79 25.01
N HIS C 516 -1.29 41.93 23.89
CA HIS C 516 -2.33 43.00 23.85
C HIS C 516 -3.69 42.59 23.26
N ALA C 517 -4.67 43.47 23.34
CA ALA C 517 -6.07 43.26 22.93
C ALA C 517 -6.06 43.00 21.43
N ASP C 518 -5.03 43.45 20.76
CA ASP C 518 -4.93 43.35 19.29
C ASP C 518 -5.00 41.85 18.97
N ILE C 519 -4.40 41.00 19.78
CA ILE C 519 -4.32 39.56 19.43
C ILE C 519 -5.74 39.00 19.29
N CYS C 520 -6.70 39.38 20.11
CA CYS C 520 -8.04 38.75 19.93
C CYS C 520 -8.59 39.11 18.54
N THR C 521 -8.34 40.30 17.98
CA THR C 521 -8.97 40.63 16.69
C THR C 521 -8.09 40.24 15.53
N LEU C 522 -6.87 39.78 15.81
CA LEU C 522 -5.89 39.42 14.75
C LEU C 522 -6.34 38.15 14.02
N SER C 523 -5.95 38.00 12.76
CA SER C 523 -6.26 36.78 11.97
C SER C 523 -5.51 35.61 12.59
N GLU C 524 -6.05 34.39 12.49
CA GLU C 524 -5.48 33.26 13.23
C GLU C 524 -4.05 33.01 12.81
N LYS C 525 -3.74 33.10 11.54
CA LYS C 525 -2.34 32.78 11.20
C LYS C 525 -1.51 33.82 11.93
N GLU C 526 -1.99 35.06 11.94
CA GLU C 526 -1.23 36.16 12.58
C GLU C 526 -1.11 35.88 14.09
N ARG C 527 -2.19 35.39 14.68
CA ARG C 527 -2.20 35.12 16.14
C ARG C 527 -1.28 33.95 16.40
N GLN C 528 -1.48 32.89 15.62
CA GLN C 528 -0.65 31.72 15.84
C GLN C 528 0.84 32.08 15.81
N ILE C 529 1.25 32.81 14.78
CA ILE C 529 2.66 33.14 14.65
C ILE C 529 3.08 33.95 15.88
N LYS C 530 2.22 34.87 16.33
CA LYS C 530 2.51 35.75 17.45
C LYS C 530 2.62 34.92 18.73
N LYS C 531 1.73 33.93 18.89
CA LYS C 531 1.78 33.05 20.04
C LYS C 531 3.01 32.15 19.95
N GLN C 532 3.33 31.71 18.73
CA GLN C 532 4.49 30.86 18.53
C GLN C 532 5.78 31.63 18.76
N THR C 533 5.88 32.79 18.10
CA THR C 533 7.03 33.67 18.26
C THR C 533 7.38 33.80 19.75
N ALA C 534 6.33 33.85 20.58
CA ALA C 534 6.50 33.99 22.02
C ALA C 534 7.03 32.67 22.61
N LEU C 535 6.47 31.55 22.12
CA LEU C 535 6.87 30.25 22.62
C LEU C 535 8.38 30.10 22.47
N VAL C 536 8.86 30.38 21.25
CA VAL C 536 10.27 30.31 20.96
C VAL C 536 11.04 31.06 22.06
N GLU C 537 10.68 32.35 22.26
CA GLU C 537 11.46 33.28 23.06
C GLU C 537 11.43 32.86 24.52
N LEU C 538 10.35 32.15 24.86
CA LEU C 538 10.21 31.56 26.18
C LEU C 538 11.26 30.48 26.33
N VAL C 539 11.37 29.63 25.32
CA VAL C 539 12.31 28.52 25.38
C VAL C 539 13.70 29.12 25.58
N LYS C 540 14.06 30.09 24.74
CA LYS C 540 15.39 30.68 24.74
C LYS C 540 15.75 31.28 26.08
N HIS C 541 14.75 31.57 26.92
CA HIS C 541 15.03 32.21 28.24
C HIS C 541 15.13 31.11 29.28
N LYS C 542 14.31 30.08 29.12
CA LYS C 542 14.34 28.94 30.07
C LYS C 542 14.42 27.67 29.21
N PRO C 543 15.59 27.38 28.62
CA PRO C 543 15.72 26.25 27.72
C PRO C 543 16.02 24.92 28.36
N LYS C 544 15.48 24.68 29.54
CA LYS C 544 15.74 23.44 30.27
C LYS C 544 14.46 22.80 30.77
N ALA C 545 13.48 23.63 31.19
CA ALA C 545 12.28 23.15 31.84
C ALA C 545 11.64 22.01 31.04
N THR C 546 11.11 21.01 31.76
CA THR C 546 10.58 19.81 31.15
C THR C 546 9.28 20.13 30.41
N LYS C 547 8.84 19.21 29.53
CA LYS C 547 7.72 19.45 28.63
C LYS C 547 6.39 19.47 29.39
N GLU C 548 6.42 19.14 30.69
CA GLU C 548 5.23 19.09 31.53
C GLU C 548 5.08 20.39 32.31
N GLN C 549 6.19 21.07 32.57
CA GLN C 549 6.18 22.44 33.05
C GLN C 549 5.74 23.39 31.93
N LEU C 550 6.19 23.13 30.70
CA LEU C 550 5.90 23.96 29.54
C LEU C 550 4.49 23.68 29.03
N LYS C 551 3.95 22.50 29.33
CA LYS C 551 2.53 22.23 29.12
C LYS C 551 1.73 23.09 30.12
N ALA C 552 2.19 23.16 31.36
CA ALA C 552 1.54 23.98 32.38
C ALA C 552 1.43 25.44 31.92
N VAL C 553 2.49 25.97 31.29
CA VAL C 553 2.54 27.37 30.90
C VAL C 553 1.70 27.63 29.65
N MET C 554 1.75 26.78 28.61
CA MET C 554 0.98 27.04 27.40
C MET C 554 -0.52 26.83 27.70
N ASP C 555 -0.85 26.02 28.72
CA ASP C 555 -2.24 25.85 29.15
C ASP C 555 -2.77 27.06 29.92
N ASP C 556 -1.90 27.68 30.75
CA ASP C 556 -2.22 28.93 31.44
C ASP C 556 -2.38 30.07 30.45
N PHE C 557 -1.51 30.08 29.45
CA PHE C 557 -1.57 31.07 28.39
C PHE C 557 -2.88 30.93 27.65
N ALA C 558 -3.27 29.69 27.35
CA ALA C 558 -4.51 29.43 26.64
C ALA C 558 -5.70 30.03 27.39
N ALA C 559 -5.72 29.83 28.72
CA ALA C 559 -6.74 30.40 29.58
C ALA C 559 -6.69 31.92 29.52
N PHE C 560 -5.52 32.46 29.86
CA PHE C 560 -5.26 33.88 29.90
C PHE C 560 -5.87 34.60 28.69
N VAL C 561 -5.68 34.03 27.49
CA VAL C 561 -6.06 34.70 26.25
C VAL C 561 -7.59 34.65 26.10
N GLU C 562 -8.22 33.51 26.43
CA GLU C 562 -9.64 33.33 26.22
C GLU C 562 -10.45 34.18 27.21
N LYS C 563 -9.96 34.26 28.45
CA LYS C 563 -10.54 35.09 29.50
C LYS C 563 -10.58 36.56 29.08
N CYS C 564 -9.39 37.08 28.74
CA CYS C 564 -9.21 38.47 28.42
C CYS C 564 -9.93 38.81 27.12
N CYS C 565 -10.16 37.84 26.23
CA CYS C 565 -10.82 38.07 24.95
C CYS C 565 -12.32 38.31 25.13
N LYS C 566 -12.87 37.89 26.28
CA LYS C 566 -14.28 38.03 26.58
C LYS C 566 -14.49 39.05 27.70
N ALA C 567 -13.40 39.55 28.30
CA ALA C 567 -13.45 40.60 29.31
C ALA C 567 -14.00 41.91 28.74
N ASP C 568 -14.63 42.70 29.61
CA ASP C 568 -15.35 43.89 29.21
C ASP C 568 -14.35 44.99 28.88
N ASP C 569 -13.32 45.14 29.70
CA ASP C 569 -12.14 45.91 29.34
C ASP C 569 -11.01 44.96 28.96
N LYS C 570 -10.90 44.68 27.66
CA LYS C 570 -9.88 43.80 27.11
C LYS C 570 -8.49 44.16 27.64
N GLU C 571 -8.14 45.46 27.60
CA GLU C 571 -6.75 45.88 27.71
C GLU C 571 -6.30 45.90 29.17
N THR C 572 -7.17 46.30 30.08
CA THR C 572 -6.84 46.22 31.50
C THR C 572 -6.61 44.75 31.84
N CYS C 573 -7.49 43.89 31.31
CA CYS C 573 -7.43 42.47 31.59
C CYS C 573 -6.08 41.91 31.14
N PHE C 574 -5.70 42.17 29.88
CA PHE C 574 -4.39 41.76 29.39
C PHE C 574 -3.33 42.24 30.37
N ALA C 575 -3.16 43.57 30.46
CA ALA C 575 -2.18 44.20 31.34
C ALA C 575 -2.19 43.58 32.75
N GLU C 576 -3.38 43.48 33.36
CA GLU C 576 -3.51 43.06 34.75
C GLU C 576 -3.22 41.57 34.88
N GLU C 577 -3.91 40.72 34.11
CA GLU C 577 -3.70 39.27 34.21
C GLU C 577 -2.28 38.91 33.76
N GLY C 578 -1.73 39.70 32.82
CA GLY C 578 -0.40 39.47 32.27
C GLY C 578 0.64 39.36 33.37
N LYS C 579 0.62 40.34 34.29
CA LYS C 579 1.50 40.33 35.44
C LYS C 579 1.26 39.04 36.22
N LYS C 580 0.00 38.78 36.57
CA LYS C 580 -0.36 37.60 37.36
C LYS C 580 0.18 36.33 36.70
N LEU C 581 0.21 36.29 35.37
CA LEU C 581 0.63 35.12 34.64
C LEU C 581 2.16 34.97 34.71
N VAL C 582 2.89 36.02 34.30
CA VAL C 582 4.33 36.03 34.37
C VAL C 582 4.77 35.73 35.80
N ALA C 583 4.09 36.36 36.78
CA ALA C 583 4.41 36.16 38.18
C ALA C 583 4.47 34.68 38.51
N ALA C 584 3.49 33.93 38.05
CA ALA C 584 3.44 32.49 38.39
C ALA C 584 4.40 31.73 37.50
N SER C 585 4.51 32.14 36.25
CA SER C 585 5.38 31.43 35.30
C SER C 585 6.82 31.54 35.78
N GLN C 586 7.21 32.70 36.28
CA GLN C 586 8.58 32.93 36.82
C GLN C 586 8.78 32.01 38.04
N ALA C 587 7.76 31.84 38.86
CA ALA C 587 7.92 31.04 40.09
C ALA C 587 8.28 29.64 39.65
N ALA C 588 7.63 29.15 38.60
CA ALA C 588 8.10 27.86 38.04
C ALA C 588 9.21 28.25 37.08
N LEU C 589 10.37 28.64 37.61
CA LEU C 589 11.37 29.19 36.67
C LEU C 589 11.71 28.06 35.71
N GLY C 590 11.86 26.84 36.23
CA GLY C 590 12.27 25.70 35.39
C GLY C 590 13.63 25.17 35.81
N GLU D 1 23.00 -6.01 -29.92
CA GLU D 1 21.73 -6.54 -29.35
C GLU D 1 22.03 -7.71 -28.40
N VAL D 2 21.07 -7.95 -27.49
CA VAL D 2 21.16 -8.99 -26.47
C VAL D 2 20.82 -10.34 -27.09
N GLN D 3 21.78 -10.91 -27.82
CA GLN D 3 21.59 -12.20 -28.46
C GLN D 3 21.62 -13.29 -27.39
N LEU D 4 21.04 -14.44 -27.71
CA LEU D 4 21.31 -15.68 -27.00
C LEU D 4 21.68 -16.75 -28.04
N VAL D 5 22.52 -17.72 -27.66
CA VAL D 5 23.00 -18.73 -28.60
C VAL D 5 23.06 -20.05 -27.86
N GLU D 6 22.57 -21.13 -28.48
CA GLU D 6 22.51 -22.42 -27.81
C GLU D 6 23.29 -23.45 -28.62
N SER D 7 23.75 -24.50 -27.93
CA SER D 7 24.57 -25.54 -28.53
C SER D 7 24.82 -26.66 -27.53
N GLY D 8 25.16 -27.84 -28.04
CA GLY D 8 25.39 -29.03 -27.22
C GLY D 8 24.40 -30.14 -27.59
N GLY D 9 23.39 -29.75 -28.35
CA GLY D 9 22.33 -30.67 -28.70
C GLY D 9 22.81 -31.73 -29.69
N GLY D 10 22.10 -32.86 -29.67
CA GLY D 10 22.31 -33.97 -30.59
C GLY D 10 21.43 -35.14 -30.16
N LEU D 11 21.80 -36.33 -30.64
CA LEU D 11 21.12 -37.56 -30.29
C LEU D 11 21.89 -38.24 -29.15
N VAL D 12 21.19 -39.02 -28.33
CA VAL D 12 21.86 -39.68 -27.23
C VAL D 12 21.08 -40.90 -26.75
N GLN D 13 21.84 -41.91 -26.32
CA GLN D 13 21.31 -43.11 -25.70
C GLN D 13 20.44 -42.76 -24.52
N PRO D 14 19.26 -43.40 -24.40
CA PRO D 14 18.50 -43.38 -23.15
C PRO D 14 19.39 -43.77 -21.97
N GLY D 15 19.38 -42.94 -20.92
CA GLY D 15 20.23 -43.12 -19.75
C GLY D 15 21.52 -42.28 -19.80
N GLY D 16 21.75 -41.60 -20.94
CA GLY D 16 23.00 -40.88 -21.19
C GLY D 16 22.96 -39.42 -20.73
N SER D 17 24.01 -38.66 -21.08
CA SER D 17 24.15 -37.25 -20.71
C SER D 17 24.26 -36.34 -21.94
N LEU D 18 23.97 -35.05 -21.71
CA LEU D 18 24.22 -33.95 -22.61
C LEU D 18 24.46 -32.73 -21.73
N ARG D 19 25.27 -31.79 -22.21
CA ARG D 19 25.41 -30.52 -21.52
C ARG D 19 25.14 -29.42 -22.55
N LEU D 20 24.04 -28.71 -22.34
CA LEU D 20 23.67 -27.58 -23.18
C LEU D 20 24.45 -26.35 -22.72
N SER D 21 24.65 -25.42 -23.65
CA SER D 21 25.37 -24.19 -23.39
C SER D 21 24.70 -23.06 -24.15
N CYS D 22 24.57 -21.92 -23.48
CA CYS D 22 23.95 -20.74 -24.08
C CYS D 22 24.84 -19.51 -23.90
N THR D 23 25.25 -18.89 -25.02
CA THR D 23 26.17 -17.77 -25.01
C THR D 23 25.36 -16.49 -25.16
N ALA D 24 25.50 -15.58 -24.17
CA ALA D 24 24.75 -14.33 -24.11
C ALA D 24 25.64 -13.13 -24.47
N SER D 25 25.31 -12.44 -25.56
CA SER D 25 25.93 -11.19 -25.98
C SER D 25 25.02 -10.03 -25.61
N GLY D 26 25.51 -8.80 -25.83
CA GLY D 26 24.75 -7.60 -25.60
C GLY D 26 25.16 -6.89 -24.31
N TYR D 27 24.55 -5.71 -24.09
CA TYR D 27 24.80 -4.89 -22.91
C TYR D 27 24.25 -5.53 -21.63
N MET D 28 25.15 -5.84 -20.67
CA MET D 28 24.77 -6.30 -19.35
C MET D 28 24.04 -7.65 -19.43
N SER D 29 24.66 -8.64 -20.10
CA SER D 29 24.05 -9.95 -20.33
C SER D 29 24.21 -10.86 -19.12
N SER D 30 25.13 -10.51 -18.22
CA SER D 30 25.41 -11.27 -17.00
C SER D 30 24.49 -10.87 -15.86
N THR D 31 23.44 -10.09 -16.17
CA THR D 31 22.61 -9.52 -15.13
C THR D 31 21.20 -10.10 -15.12
N TYR D 32 20.82 -10.84 -16.18
CA TYR D 32 19.44 -11.25 -16.32
C TYR D 32 19.17 -12.49 -15.46
N TYR D 33 17.90 -12.63 -15.06
CA TYR D 33 17.37 -13.93 -14.70
C TYR D 33 17.30 -14.71 -16.02
N MET D 34 17.78 -15.96 -16.01
CA MET D 34 17.86 -16.74 -17.23
C MET D 34 17.19 -18.09 -16.99
N ALA D 35 16.70 -18.69 -18.08
CA ALA D 35 15.86 -19.87 -17.97
C ALA D 35 16.12 -20.80 -19.15
N TRP D 36 15.96 -22.10 -18.86
CA TRP D 36 15.84 -23.11 -19.89
C TRP D 36 14.38 -23.50 -20.06
N PHE D 37 14.00 -23.63 -21.34
CA PHE D 37 12.66 -24.00 -21.75
C PHE D 37 12.80 -25.01 -22.90
N ARG D 38 12.00 -26.08 -22.88
CA ARG D 38 11.98 -27.01 -23.99
C ARG D 38 10.67 -26.92 -24.75
N GLN D 39 10.67 -27.38 -25.99
CA GLN D 39 9.41 -27.62 -26.66
C GLN D 39 9.36 -29.07 -27.13
N PRO D 40 8.67 -29.96 -26.37
CA PRO D 40 8.44 -31.34 -26.80
C PRO D 40 7.58 -31.33 -28.06
N PRO D 41 7.77 -32.29 -28.98
CA PRO D 41 7.14 -32.22 -30.31
C PRO D 41 5.61 -32.15 -30.22
N GLY D 42 5.01 -31.24 -31.02
CA GLY D 42 3.57 -31.05 -31.11
C GLY D 42 2.95 -30.48 -29.82
N LYS D 43 3.76 -29.85 -28.97
CA LYS D 43 3.30 -29.29 -27.71
C LYS D 43 4.00 -27.96 -27.44
N GLY D 44 3.48 -27.18 -26.49
CA GLY D 44 3.95 -25.82 -26.29
C GLY D 44 5.28 -25.76 -25.57
N LEU D 45 5.87 -24.56 -25.48
CA LEU D 45 7.00 -24.30 -24.60
C LEU D 45 6.64 -24.63 -23.15
N GLU D 46 7.65 -25.06 -22.40
CA GLU D 46 7.47 -25.40 -21.00
C GLU D 46 8.81 -25.26 -20.27
N GLY D 47 8.76 -24.83 -19.01
CA GLY D 47 9.95 -24.39 -18.33
C GLY D 47 10.67 -25.60 -17.75
N VAL D 48 11.95 -25.73 -18.06
CA VAL D 48 12.73 -26.81 -17.48
C VAL D 48 13.36 -26.30 -16.18
N ALA D 49 14.16 -25.21 -16.28
CA ALA D 49 15.01 -24.76 -15.17
C ALA D 49 15.31 -23.27 -15.25
N LEU D 50 15.45 -22.64 -14.06
CA LEU D 50 15.60 -21.20 -13.89
C LEU D 50 16.73 -20.91 -12.91
N ILE D 51 17.42 -19.77 -13.12
CA ILE D 51 18.65 -19.41 -12.42
C ILE D 51 18.76 -17.89 -12.28
N SER D 52 18.87 -17.45 -11.02
CA SER D 52 19.05 -16.04 -10.68
C SER D 52 20.32 -15.52 -11.34
N PRO D 53 20.53 -14.18 -11.37
CA PRO D 53 21.72 -13.59 -12.01
C PRO D 53 23.03 -14.21 -11.53
N TYR D 54 23.13 -14.49 -10.23
CA TYR D 54 24.39 -14.97 -9.66
C TYR D 54 24.26 -16.43 -9.21
N GLY D 55 23.25 -17.14 -9.75
CA GLY D 55 23.08 -18.56 -9.51
C GLY D 55 22.89 -18.96 -8.04
N GLY D 56 22.46 -18.01 -7.19
CA GLY D 56 22.16 -18.29 -5.80
C GLY D 56 20.75 -18.83 -5.62
N ALA D 57 19.97 -18.86 -6.72
CA ALA D 57 18.60 -19.33 -6.67
C ALA D 57 18.21 -20.00 -7.99
N THR D 58 17.70 -21.24 -7.84
CA THR D 58 17.43 -22.18 -8.91
C THR D 58 16.04 -22.76 -8.67
N ASN D 59 15.22 -22.81 -9.73
CA ASN D 59 14.02 -23.63 -9.72
C ASN D 59 14.13 -24.65 -10.86
N TYR D 60 13.43 -25.78 -10.70
CA TYR D 60 13.41 -26.83 -11.70
C TYR D 60 11.98 -27.35 -11.80
N ALA D 61 11.57 -27.66 -13.04
CA ALA D 61 10.35 -28.41 -13.26
C ALA D 61 10.48 -29.81 -12.66
N ASP D 62 9.38 -30.31 -12.08
CA ASP D 62 9.33 -31.61 -11.41
C ASP D 62 9.83 -32.72 -12.33
N SER D 63 9.44 -32.68 -13.63
CA SER D 63 9.77 -33.71 -14.59
C SER D 63 11.27 -33.99 -14.62
N VAL D 64 12.10 -32.97 -14.40
CA VAL D 64 13.54 -33.13 -14.53
C VAL D 64 14.28 -32.99 -13.20
N LYS D 65 13.58 -32.76 -12.09
CA LYS D 65 14.27 -32.65 -10.81
C LYS D 65 15.08 -33.91 -10.59
N GLY D 66 16.24 -33.77 -9.96
CA GLY D 66 17.07 -34.91 -9.59
C GLY D 66 17.91 -35.46 -10.75
N ARG D 67 17.75 -34.90 -11.95
CA ARG D 67 18.46 -35.41 -13.13
C ARG D 67 19.22 -34.27 -13.79
N PHE D 68 18.55 -33.12 -13.93
CA PHE D 68 19.12 -31.94 -14.57
C PHE D 68 19.69 -31.03 -13.48
N THR D 69 20.78 -30.33 -13.82
CA THR D 69 21.27 -29.20 -13.05
C THR D 69 21.44 -28.01 -14.00
N ILE D 70 21.05 -26.80 -13.55
CA ILE D 70 21.25 -25.55 -14.30
C ILE D 70 22.40 -24.78 -13.68
N SER D 71 23.19 -24.10 -14.52
CA SER D 71 24.37 -23.41 -14.05
C SER D 71 24.72 -22.19 -14.92
N ARG D 72 25.47 -21.26 -14.35
CA ARG D 72 25.95 -20.14 -15.14
C ARG D 72 27.40 -19.79 -14.81
N ASP D 73 28.13 -19.33 -15.84
CA ASP D 73 29.43 -18.72 -15.69
C ASP D 73 29.35 -17.31 -16.28
N ASN D 74 29.35 -16.29 -15.41
CA ASN D 74 29.09 -14.92 -15.83
C ASN D 74 30.31 -14.35 -16.56
N ALA D 75 31.51 -14.80 -16.15
CA ALA D 75 32.75 -14.38 -16.78
C ALA D 75 32.75 -14.79 -18.26
N LYS D 76 32.33 -16.02 -18.53
CA LYS D 76 32.25 -16.48 -19.90
C LYS D 76 30.95 -16.03 -20.54
N ASN D 77 30.02 -15.47 -19.76
CA ASN D 77 28.72 -15.06 -20.29
C ASN D 77 28.01 -16.26 -20.91
N THR D 78 28.12 -17.40 -20.22
CA THR D 78 27.46 -18.61 -20.66
C THR D 78 26.57 -19.16 -19.54
N LEU D 79 25.45 -19.73 -19.99
CA LEU D 79 24.54 -20.46 -19.13
C LEU D 79 24.60 -21.95 -19.51
N TYR D 80 24.57 -22.83 -18.50
CA TYR D 80 24.67 -24.25 -18.77
C TYR D 80 23.37 -24.95 -18.41
N LEU D 81 23.29 -26.21 -18.85
CA LEU D 81 22.26 -27.14 -18.45
C LEU D 81 22.82 -28.56 -18.56
N GLN D 82 23.20 -29.12 -17.42
CA GLN D 82 23.66 -30.50 -17.35
C GLN D 82 22.46 -31.44 -17.31
N MET D 83 22.34 -32.28 -18.34
CA MET D 83 21.25 -33.24 -18.47
C MET D 83 21.78 -34.66 -18.21
N ASN D 84 21.19 -35.37 -17.24
CA ASN D 84 21.62 -36.73 -16.95
C ASN D 84 20.45 -37.70 -17.05
N SER D 85 20.77 -38.99 -17.05
CA SER D 85 19.79 -40.06 -16.96
C SER D 85 18.67 -39.85 -17.97
N LEU D 86 19.02 -39.35 -19.17
CA LEU D 86 18.07 -38.88 -20.18
C LEU D 86 17.05 -39.95 -20.56
N LYS D 87 15.80 -39.52 -20.72
CA LYS D 87 14.68 -40.37 -21.11
C LYS D 87 14.21 -40.01 -22.52
N PRO D 88 13.60 -40.94 -23.29
CA PRO D 88 13.00 -40.54 -24.56
C PRO D 88 12.04 -39.36 -24.40
N GLU D 89 11.31 -39.34 -23.27
CA GLU D 89 10.40 -38.25 -22.92
C GLU D 89 11.02 -36.90 -23.26
N ASP D 90 12.25 -36.67 -22.75
CA ASP D 90 12.94 -35.39 -22.73
C ASP D 90 13.24 -34.87 -24.13
N THR D 91 12.96 -35.68 -25.16
CA THR D 91 13.23 -35.28 -26.53
C THR D 91 12.52 -33.96 -26.81
N ALA D 92 13.30 -32.91 -27.12
CA ALA D 92 12.71 -31.60 -27.37
C ALA D 92 13.69 -30.65 -28.07
N ARG D 93 13.10 -29.54 -28.56
CA ARG D 93 13.85 -28.33 -28.84
C ARG D 93 14.00 -27.57 -27.54
N TYR D 94 15.26 -27.36 -27.12
CA TYR D 94 15.59 -26.62 -25.92
C TYR D 94 15.99 -25.21 -26.30
N TYR D 95 15.61 -24.26 -25.43
CA TYR D 95 15.67 -22.83 -25.71
C TYR D 95 16.18 -22.07 -24.49
N CYS D 96 16.88 -20.96 -24.77
CA CYS D 96 17.45 -20.11 -23.74
C CYS D 96 16.65 -18.82 -23.69
N ALA D 97 16.27 -18.38 -22.48
CA ALA D 97 15.48 -17.17 -22.31
C ALA D 97 16.11 -16.27 -21.27
N ALA D 98 15.89 -14.97 -21.44
CA ALA D 98 16.45 -13.96 -20.57
C ALA D 98 15.37 -12.98 -20.10
N GLY D 99 15.31 -12.75 -18.79
CA GLY D 99 14.20 -12.02 -18.19
C GLY D 99 14.57 -11.41 -16.84
N SER D 100 13.56 -10.81 -16.20
CA SER D 100 13.77 -9.96 -15.03
C SER D 100 13.36 -10.69 -13.76
N THR D 101 12.78 -11.89 -13.94
CA THR D 101 12.13 -12.65 -12.88
C THR D 101 12.59 -14.10 -12.93
N LEU D 102 12.50 -14.77 -11.78
CA LEU D 102 12.71 -16.20 -11.67
C LEU D 102 11.41 -16.94 -11.90
N THR D 103 10.65 -16.58 -12.96
CA THR D 103 9.30 -17.11 -13.13
C THR D 103 9.31 -18.06 -14.32
N MET D 104 8.25 -18.87 -14.46
CA MET D 104 8.22 -19.92 -15.47
C MET D 104 7.22 -19.60 -16.56
N VAL D 105 7.05 -18.30 -16.86
CA VAL D 105 6.05 -17.85 -17.79
C VAL D 105 6.74 -17.36 -19.06
N VAL D 106 6.38 -17.99 -20.19
CA VAL D 106 6.91 -17.65 -21.50
C VAL D 106 6.82 -16.15 -21.77
N ALA D 107 5.64 -15.58 -21.51
CA ALA D 107 5.37 -14.20 -21.87
C ALA D 107 6.35 -13.26 -21.15
N ASN D 108 6.73 -13.61 -19.91
CA ASN D 108 7.51 -12.75 -19.03
C ASN D 108 8.99 -12.67 -19.41
N TYR D 109 9.48 -13.46 -20.38
CA TYR D 109 10.88 -13.44 -20.75
C TYR D 109 11.06 -12.65 -22.05
N ARG D 110 11.95 -11.64 -22.00
CA ARG D 110 12.08 -10.67 -23.07
C ARG D 110 12.83 -11.26 -24.26
N TYR D 111 13.96 -11.96 -24.02
CA TYR D 111 14.86 -12.40 -25.08
C TYR D 111 15.02 -13.92 -25.14
N TRP D 112 15.01 -14.44 -26.38
CA TRP D 112 14.96 -15.87 -26.63
C TRP D 112 16.05 -16.25 -27.61
N GLY D 113 16.51 -17.51 -27.52
CA GLY D 113 17.44 -18.08 -28.48
C GLY D 113 16.72 -18.76 -29.64
N GLN D 114 17.51 -19.35 -30.54
CA GLN D 114 16.96 -19.96 -31.75
C GLN D 114 16.60 -21.42 -31.49
N GLY D 115 17.33 -22.05 -30.55
CA GLY D 115 16.99 -23.35 -30.02
C GLY D 115 17.83 -24.46 -30.65
N THR D 116 18.40 -25.32 -29.79
CA THR D 116 19.12 -26.51 -30.21
C THR D 116 18.31 -27.75 -29.86
N LEU D 117 18.36 -28.77 -30.75
CA LEU D 117 17.46 -29.91 -30.71
C LEU D 117 18.12 -31.06 -29.96
N VAL D 118 17.41 -31.60 -28.95
CA VAL D 118 17.86 -32.79 -28.23
C VAL D 118 16.93 -33.95 -28.58
N THR D 119 17.51 -35.03 -29.13
CA THR D 119 16.77 -36.26 -29.37
C THR D 119 17.35 -37.33 -28.46
N VAL D 120 16.47 -38.15 -27.87
CA VAL D 120 16.87 -39.29 -27.08
C VAL D 120 16.14 -40.50 -27.65
N SER D 121 16.90 -41.34 -28.35
CA SER D 121 16.49 -42.69 -28.66
C SER D 121 17.74 -43.56 -28.74
N SER D 122 17.53 -44.88 -28.68
CA SER D 122 18.59 -45.82 -28.98
C SER D 122 18.53 -46.15 -30.49
#